data_3KAP
# 
_entry.id   3KAP 
# 
_audit_conform.dict_name       mmcif_pdbx.dic 
_audit_conform.dict_version    5.380 
_audit_conform.dict_location   http://mmcif.pdb.org/dictionaries/ascii/mmcif_pdbx.dic 
# 
loop_
_database_2.database_id 
_database_2.database_code 
_database_2.pdbx_database_accession 
_database_2.pdbx_DOI 
PDB   3KAP         pdb_00003kap 10.2210/pdb3kap/pdb 
RCSB  RCSB055758   ?            ?                   
WWPDB D_1000055758 ?            ?                   
# 
_pdbx_database_related.db_name        PDB 
_pdbx_database_related.db_id          3KAQ 
_pdbx_database_related.details        . 
_pdbx_database_related.content_type   unspecified 
# 
_pdbx_database_status.status_code                     REL 
_pdbx_database_status.entry_id                        3KAP 
_pdbx_database_status.recvd_initial_deposition_date   2009-10-19 
_pdbx_database_status.deposit_site                    RCSB 
_pdbx_database_status.process_site                    PDBJ 
_pdbx_database_status.status_code_sf                  REL 
_pdbx_database_status.status_code_mr                  ? 
_pdbx_database_status.SG_entry                        ? 
_pdbx_database_status.pdb_format_compatible           Y 
_pdbx_database_status.status_code_cs                  ? 
_pdbx_database_status.methods_development_category    ? 
_pdbx_database_status.status_code_nmr_data            ? 
# 
loop_
_audit_author.name 
_audit_author.pdbx_ordinal 
'Romero, A.'    1 
'Caldeira, J.'  2 
'LeGall, J.'    3 
'Moura, I.'     4 
'Moura, J.J.G.' 5 
'Romao, M.J.'   6 
# 
_citation.id                        primary 
_citation.title                     
'Crystal structure of flavodoxin from Desulfovibrio desulfuricans ATCC 27774 in two oxidation states.' 
_citation.journal_abbrev            Eur.J.Biochem. 
_citation.journal_volume            239 
_citation.page_first                190 
_citation.page_last                 196 
_citation.year                      1996 
_citation.journal_id_ASTM           EJBCAI 
_citation.country                   IX 
_citation.journal_id_ISSN           0014-2956 
_citation.journal_id_CSD            0262 
_citation.book_publisher            ? 
_citation.pdbx_database_id_PubMed   8706707 
_citation.pdbx_database_id_DOI      10.1111/j.1432-1033.1996.0190u.x 
# 
loop_
_citation_author.citation_id 
_citation_author.name 
_citation_author.ordinal 
_citation_author.identifier_ORCID 
primary 'Romero, A.'   1 ? 
primary 'Caldeira, J.' 2 ? 
primary 'Legall, J.'   3 ? 
primary 'Moura, I.'    4 ? 
primary 'Moura, J.J.'  5 ? 
primary 'Romao, M.J.'  6 ? 
# 
_cell.entry_id           3KAP 
_cell.length_a           95.900 
_cell.length_b           95.900 
_cell.length_c           33.700 
_cell.angle_alpha        90.00 
_cell.angle_beta         90.00 
_cell.angle_gamma        120.00 
_cell.Z_PDB              6 
_cell.pdbx_unique_axis   ? 
_cell.length_a_esd       ? 
_cell.length_b_esd       ? 
_cell.length_c_esd       ? 
_cell.angle_alpha_esd    ? 
_cell.angle_beta_esd     ? 
_cell.angle_gamma_esd    ? 
# 
_symmetry.entry_id                         3KAP 
_symmetry.space_group_name_H-M             'P 32 2 1' 
_symmetry.pdbx_full_space_group_name_H-M   ? 
_symmetry.cell_setting                     ? 
_symmetry.Int_Tables_number                154 
_symmetry.space_group_name_Hall            ? 
# 
loop_
_entity.id 
_entity.type 
_entity.src_method 
_entity.pdbx_description 
_entity.formula_weight 
_entity.pdbx_number_of_molecules 
_entity.pdbx_ec 
_entity.pdbx_mutation 
_entity.pdbx_fragment 
_entity.details 
1 polymer     nat Flavodoxin              15447.230 1  ? ? ? ? 
2 non-polymer syn 'FLAVIN MONONUCLEOTIDE' 456.344   1  ? ? ? ? 
3 water       nat water                   18.015    92 ? ? ? ? 
# 
_entity_poly.entity_id                      1 
_entity_poly.type                           'polypeptide(L)' 
_entity_poly.nstd_linkage                   no 
_entity_poly.nstd_monomer                   no 
_entity_poly.pdbx_seq_one_letter_code       
;SKVLILFGSSTGNTESIAQKLEELVAAGGHEVTLLNAAEASADNLADGYDAVLMGCSAWGMEDLELQDDFAPLFDEMENM
GLKGKKLAAFASGDMEYEHYCGAVPAIEEKARGLGAEVICEGLKIEGDASSDPDAVSAFAEDVLKKL
;
_entity_poly.pdbx_seq_one_letter_code_can   
;SKVLILFGSSTGNTESIAQKLEELVAAGGHEVTLLNAAEASADNLADGYDAVLMGCSAWGMEDLELQDDFAPLFDEMENM
GLKGKKLAAFASGDMEYEHYCGAVPAIEEKARGLGAEVICEGLKIEGDASSDPDAVSAFAEDVLKKL
;
_entity_poly.pdbx_strand_id                 A 
_entity_poly.pdbx_target_identifier         ? 
# 
loop_
_entity_poly_seq.entity_id 
_entity_poly_seq.num 
_entity_poly_seq.mon_id 
_entity_poly_seq.hetero 
1 1   SER n 
1 2   LYS n 
1 3   VAL n 
1 4   LEU n 
1 5   ILE n 
1 6   LEU n 
1 7   PHE n 
1 8   GLY n 
1 9   SER n 
1 10  SER n 
1 11  THR n 
1 12  GLY n 
1 13  ASN n 
1 14  THR n 
1 15  GLU n 
1 16  SER n 
1 17  ILE n 
1 18  ALA n 
1 19  GLN n 
1 20  LYS n 
1 21  LEU n 
1 22  GLU n 
1 23  GLU n 
1 24  LEU n 
1 25  VAL n 
1 26  ALA n 
1 27  ALA n 
1 28  GLY n 
1 29  GLY n 
1 30  HIS n 
1 31  GLU n 
1 32  VAL n 
1 33  THR n 
1 34  LEU n 
1 35  LEU n 
1 36  ASN n 
1 37  ALA n 
1 38  ALA n 
1 39  GLU n 
1 40  ALA n 
1 41  SER n 
1 42  ALA n 
1 43  ASP n 
1 44  ASN n 
1 45  LEU n 
1 46  ALA n 
1 47  ASP n 
1 48  GLY n 
1 49  TYR n 
1 50  ASP n 
1 51  ALA n 
1 52  VAL n 
1 53  LEU n 
1 54  MET n 
1 55  GLY n 
1 56  CYS n 
1 57  SER n 
1 58  ALA n 
1 59  TRP n 
1 60  GLY n 
1 61  MET n 
1 62  GLU n 
1 63  ASP n 
1 64  LEU n 
1 65  GLU n 
1 66  LEU n 
1 67  GLN n 
1 68  ASP n 
1 69  ASP n 
1 70  PHE n 
1 71  ALA n 
1 72  PRO n 
1 73  LEU n 
1 74  PHE n 
1 75  ASP n 
1 76  GLU n 
1 77  MET n 
1 78  GLU n 
1 79  ASN n 
1 80  MET n 
1 81  GLY n 
1 82  LEU n 
1 83  LYS n 
1 84  GLY n 
1 85  LYS n 
1 86  LYS n 
1 87  LEU n 
1 88  ALA n 
1 89  ALA n 
1 90  PHE n 
1 91  ALA n 
1 92  SER n 
1 93  GLY n 
1 94  ASP n 
1 95  MET n 
1 96  GLU n 
1 97  TYR n 
1 98  GLU n 
1 99  HIS n 
1 100 TYR n 
1 101 CYS n 
1 102 GLY n 
1 103 ALA n 
1 104 VAL n 
1 105 PRO n 
1 106 ALA n 
1 107 ILE n 
1 108 GLU n 
1 109 GLU n 
1 110 LYS n 
1 111 ALA n 
1 112 ARG n 
1 113 GLY n 
1 114 LEU n 
1 115 GLY n 
1 116 ALA n 
1 117 GLU n 
1 118 VAL n 
1 119 ILE n 
1 120 CYS n 
1 121 GLU n 
1 122 GLY n 
1 123 LEU n 
1 124 LYS n 
1 125 ILE n 
1 126 GLU n 
1 127 GLY n 
1 128 ASP n 
1 129 ALA n 
1 130 SER n 
1 131 SER n 
1 132 ASP n 
1 133 PRO n 
1 134 ASP n 
1 135 ALA n 
1 136 VAL n 
1 137 SER n 
1 138 ALA n 
1 139 PHE n 
1 140 ALA n 
1 141 GLU n 
1 142 ASP n 
1 143 VAL n 
1 144 LEU n 
1 145 LYS n 
1 146 LYS n 
1 147 LEU n 
# 
_entity_src_nat.entity_id                  1 
_entity_src_nat.pdbx_src_id                1 
_entity_src_nat.pdbx_alt_source_flag       sample 
_entity_src_nat.pdbx_beg_seq_num           ? 
_entity_src_nat.pdbx_end_seq_num           ? 
_entity_src_nat.common_name                ? 
_entity_src_nat.pdbx_organism_scientific   'Desulfovibrio desulfuricans subsp. desulfuricans str. ATCC 27774' 
_entity_src_nat.pdbx_ncbi_taxonomy_id      525146 
_entity_src_nat.genus                      ? 
_entity_src_nat.species                    ? 
_entity_src_nat.strain                     'ATCC 27774 / DSM 6949' 
_entity_src_nat.tissue                     ? 
_entity_src_nat.tissue_fraction            ? 
_entity_src_nat.pdbx_secretion             ? 
_entity_src_nat.pdbx_fragment              ? 
_entity_src_nat.pdbx_variant               ? 
_entity_src_nat.pdbx_cell_line             ? 
_entity_src_nat.pdbx_atcc                  ? 
_entity_src_nat.pdbx_cellular_location     ? 
_entity_src_nat.pdbx_organ                 ? 
_entity_src_nat.pdbx_organelle             ? 
_entity_src_nat.pdbx_cell                  ? 
_entity_src_nat.pdbx_plasmid_name          ? 
_entity_src_nat.pdbx_plasmid_details       ? 
_entity_src_nat.details                    ? 
# 
_struct_ref.id                         1 
_struct_ref.db_name                    UNP 
_struct_ref.db_code                    FLAW_DESDA 
_struct_ref.pdbx_db_accession          P80312 
_struct_ref.entity_id                  1 
_struct_ref.pdbx_seq_one_letter_code   
;SKVLILFGSSTGNTESIAQKLEELVAAGGHEVTLLNAAEASADNLADGYDAVLMGCSAWGMEDLELQDDFAPLFDEMENM
GLKGKKLAAFASGDMEYEHYCGAVPAIEEKARGLGAEVICEGLKIEGDASSDPDAVSAFAEDVLKKL
;
_struct_ref.pdbx_align_begin           2 
_struct_ref.pdbx_db_isoform            ? 
# 
_struct_ref_seq.align_id                      1 
_struct_ref_seq.ref_id                        1 
_struct_ref_seq.pdbx_PDB_id_code              3KAP 
_struct_ref_seq.pdbx_strand_id                A 
_struct_ref_seq.seq_align_beg                 1 
_struct_ref_seq.pdbx_seq_align_beg_ins_code   ? 
_struct_ref_seq.seq_align_end                 147 
_struct_ref_seq.pdbx_seq_align_end_ins_code   ? 
_struct_ref_seq.pdbx_db_accession             P80312 
_struct_ref_seq.db_align_beg                  2 
_struct_ref_seq.pdbx_db_align_beg_ins_code    ? 
_struct_ref_seq.db_align_end                  148 
_struct_ref_seq.pdbx_db_align_end_ins_code    ? 
_struct_ref_seq.pdbx_auth_seq_align_beg       2 
_struct_ref_seq.pdbx_auth_seq_align_end       148 
# 
loop_
_chem_comp.id 
_chem_comp.type 
_chem_comp.mon_nstd_flag 
_chem_comp.name 
_chem_comp.pdbx_synonyms 
_chem_comp.formula 
_chem_comp.formula_weight 
ALA 'L-peptide linking' y ALANINE                 ?                          'C3 H7 N O2'      89.093  
ARG 'L-peptide linking' y ARGININE                ?                          'C6 H15 N4 O2 1'  175.209 
ASN 'L-peptide linking' y ASPARAGINE              ?                          'C4 H8 N2 O3'     132.118 
ASP 'L-peptide linking' y 'ASPARTIC ACID'         ?                          'C4 H7 N O4'      133.103 
CYS 'L-peptide linking' y CYSTEINE                ?                          'C3 H7 N O2 S'    121.158 
FMN non-polymer         . 'FLAVIN MONONUCLEOTIDE' 'RIBOFLAVIN MONOPHOSPHATE' 'C17 H21 N4 O9 P' 456.344 
GLN 'L-peptide linking' y GLUTAMINE               ?                          'C5 H10 N2 O3'    146.144 
GLU 'L-peptide linking' y 'GLUTAMIC ACID'         ?                          'C5 H9 N O4'      147.129 
GLY 'peptide linking'   y GLYCINE                 ?                          'C2 H5 N O2'      75.067  
HIS 'L-peptide linking' y HISTIDINE               ?                          'C6 H10 N3 O2 1'  156.162 
HOH non-polymer         . WATER                   ?                          'H2 O'            18.015  
ILE 'L-peptide linking' y ISOLEUCINE              ?                          'C6 H13 N O2'     131.173 
LEU 'L-peptide linking' y LEUCINE                 ?                          'C6 H13 N O2'     131.173 
LYS 'L-peptide linking' y LYSINE                  ?                          'C6 H15 N2 O2 1'  147.195 
MET 'L-peptide linking' y METHIONINE              ?                          'C5 H11 N O2 S'   149.211 
PHE 'L-peptide linking' y PHENYLALANINE           ?                          'C9 H11 N O2'     165.189 
PRO 'L-peptide linking' y PROLINE                 ?                          'C5 H9 N O2'      115.130 
SER 'L-peptide linking' y SERINE                  ?                          'C3 H7 N O3'      105.093 
THR 'L-peptide linking' y THREONINE               ?                          'C4 H9 N O3'      119.119 
TRP 'L-peptide linking' y TRYPTOPHAN              ?                          'C11 H12 N2 O2'   204.225 
TYR 'L-peptide linking' y TYROSINE                ?                          'C9 H11 N O3'     181.189 
VAL 'L-peptide linking' y VALINE                  ?                          'C5 H11 N O2'     117.146 
# 
_exptl.entry_id          3KAP 
_exptl.method            'X-RAY DIFFRACTION' 
_exptl.crystals_number   1 
# 
_exptl_crystal.id                    1 
_exptl_crystal.density_meas          ? 
_exptl_crystal.density_Matthews      2.94 
_exptl_crystal.density_percent_sol   58.13 
_exptl_crystal.description           ? 
_exptl_crystal.F_000                 ? 
_exptl_crystal.preparation           ? 
# 
_exptl_crystal_grow.crystal_id      1 
_exptl_crystal_grow.method          'VAPOR DIFFUSION, HANGING DROP' 
_exptl_crystal_grow.temp            295 
_exptl_crystal_grow.temp_details    ? 
_exptl_crystal_grow.pH              5.0 
_exptl_crystal_grow.pdbx_details    
;Crystals were obtained at room temperature from a protein solution of 8-10mg/ml in a solution containing 10% MPD, 2.3M ammonium sulfate, 0.1 M sodium acetate (pH 5.0), VAPOR DIFFUSION, HANGING DROP, temperature 295K
;
_exptl_crystal_grow.pdbx_pH_range   . 
# 
_diffrn.id                     1 
_diffrn.ambient_temp           295 
_diffrn.ambient_temp_details   ? 
_diffrn.crystal_id             1 
# 
_diffrn_detector.diffrn_id              1 
_diffrn_detector.detector               'IMAGE PLATE' 
_diffrn_detector.type                   'MAR scanner 180 mm plate' 
_diffrn_detector.pdbx_collection_date   1995-02-22 
_diffrn_detector.details                ? 
# 
_diffrn_radiation.diffrn_id                        1 
_diffrn_radiation.wavelength_id                    1 
_diffrn_radiation.pdbx_monochromatic_or_laue_m_l   M 
_diffrn_radiation.monochromator                    GRAPHITE 
_diffrn_radiation.pdbx_diffrn_protocol             'SINGLE WAVELENGTH' 
_diffrn_radiation.pdbx_scattering_type             x-ray 
# 
_diffrn_radiation_wavelength.id           1 
_diffrn_radiation_wavelength.wavelength   1.5418 
_diffrn_radiation_wavelength.wt           1.0 
# 
_diffrn_source.diffrn_id                   1 
_diffrn_source.source                      'ROTATING ANODE' 
_diffrn_source.type                        'RIGAKU RU200' 
_diffrn_source.pdbx_synchrotron_site       ? 
_diffrn_source.pdbx_synchrotron_beamline   ? 
_diffrn_source.pdbx_wavelength             ? 
_diffrn_source.pdbx_wavelength_list        1.5418 
# 
_reflns.entry_id                     3KAP 
_reflns.observed_criterion_sigma_I   0.0 
_reflns.observed_criterion_sigma_F   0.0 
_reflns.d_resolution_low             24 
_reflns.d_resolution_high            2.05 
_reflns.number_obs                   10938 
_reflns.number_all                   10950 
_reflns.percent_possible_obs         94.2 
_reflns.pdbx_Rmerge_I_obs            0.082 
_reflns.pdbx_Rsym_value              ? 
_reflns.pdbx_netI_over_sigmaI        ? 
_reflns.B_iso_Wilson_estimate        ? 
_reflns.pdbx_redundancy              4.8 
_reflns.R_free_details               ? 
_reflns.limit_h_max                  ? 
_reflns.limit_h_min                  ? 
_reflns.limit_k_max                  ? 
_reflns.limit_k_min                  ? 
_reflns.limit_l_max                  ? 
_reflns.limit_l_min                  ? 
_reflns.observed_criterion_F_max     ? 
_reflns.observed_criterion_F_min     ? 
_reflns.pdbx_chi_squared             ? 
_reflns.pdbx_scaling_rejects         ? 
_reflns.pdbx_diffrn_id               1 
_reflns.pdbx_ordinal                 1 
# 
_reflns_shell.d_res_high             2.05 
_reflns_shell.d_res_low              2.14 
_reflns_shell.percent_possible_all   93.8 
_reflns_shell.Rmerge_I_obs           0.32 
_reflns_shell.pdbx_Rsym_value        ? 
_reflns_shell.meanI_over_sigI_obs    ? 
_reflns_shell.pdbx_redundancy        3.8 
_reflns_shell.percent_possible_obs   ? 
_reflns_shell.number_unique_all      ? 
_reflns_shell.number_measured_all    ? 
_reflns_shell.number_measured_obs    ? 
_reflns_shell.number_unique_obs      ? 
_reflns_shell.pdbx_chi_squared       ? 
_reflns_shell.pdbx_diffrn_id         ? 
_reflns_shell.pdbx_ordinal           1 
# 
_refine.entry_id                                 3KAP 
_refine.ls_number_reflns_obs                     10649 
_refine.ls_number_reflns_all                     10950 
_refine.pdbx_ls_sigma_I                          ? 
_refine.pdbx_ls_sigma_F                          0.0 
_refine.pdbx_data_cutoff_high_absF               ? 
_refine.pdbx_data_cutoff_low_absF                ? 
_refine.pdbx_data_cutoff_high_rms_absF           ? 
_refine.ls_d_res_low                             8.0 
_refine.ls_d_res_high                            2.05 
_refine.ls_percent_reflns_obs                    ? 
_refine.ls_R_factor_obs                          0.179 
_refine.ls_R_factor_all                          ? 
_refine.ls_R_factor_R_work                       0.179 
_refine.ls_R_factor_R_free                       ? 
_refine.ls_R_factor_R_free_error                 ? 
_refine.ls_R_factor_R_free_error_details         ? 
_refine.ls_percent_reflns_R_free                 ? 
_refine.ls_number_reflns_R_free                  0 
_refine.ls_number_parameters                     ? 
_refine.ls_number_restraints                     ? 
_refine.occupancy_min                            ? 
_refine.occupancy_max                            ? 
_refine.correlation_coeff_Fo_to_Fc               ? 
_refine.correlation_coeff_Fo_to_Fc_free          ? 
_refine.B_iso_mean                               ? 
_refine.aniso_B[1][1]                            ? 
_refine.aniso_B[2][2]                            ? 
_refine.aniso_B[3][3]                            ? 
_refine.aniso_B[1][2]                            ? 
_refine.aniso_B[1][3]                            ? 
_refine.aniso_B[2][3]                            ? 
_refine.solvent_model_details                    ? 
_refine.solvent_model_param_ksol                 ? 
_refine.solvent_model_param_bsol                 ? 
_refine.pdbx_solvent_vdw_probe_radii             ? 
_refine.pdbx_solvent_ion_probe_radii             ? 
_refine.pdbx_solvent_shrinkage_radii             ? 
_refine.pdbx_ls_cross_valid_method               ? 
_refine.details                                  ? 
_refine.pdbx_starting_model                      'PDB ENTRY 1FX1' 
_refine.pdbx_method_to_determine_struct          'MOLECULAR REPLACEMENT' 
_refine.pdbx_isotropic_thermal_model             ? 
_refine.pdbx_stereochemistry_target_values       'Engh & Huber' 
_refine.pdbx_stereochem_target_val_spec_case     ? 
_refine.pdbx_R_Free_selection_details            ? 
_refine.pdbx_overall_ESU_R                       ? 
_refine.pdbx_overall_ESU_R_Free                  ? 
_refine.overall_SU_ML                            ? 
_refine.overall_SU_B                             ? 
_refine.ls_redundancy_reflns_obs                 ? 
_refine.B_iso_min                                ? 
_refine.B_iso_max                                ? 
_refine.overall_SU_R_Cruickshank_DPI             ? 
_refine.overall_SU_R_free                        ? 
_refine.ls_wR_factor_R_free                      ? 
_refine.ls_wR_factor_R_work                      ? 
_refine.overall_FOM_free_R_set                   ? 
_refine.overall_FOM_work_R_set                   ? 
_refine.pdbx_refine_id                           'X-RAY DIFFRACTION' 
_refine.pdbx_overall_phase_error                 ? 
_refine.pdbx_diffrn_id                           1 
_refine.pdbx_TLS_residual_ADP_flag               ? 
_refine.pdbx_overall_SU_R_free_Cruickshank_DPI   ? 
_refine.pdbx_overall_SU_R_Blow_DPI               ? 
_refine.pdbx_overall_SU_R_free_Blow_DPI          ? 
# 
_refine_hist.pdbx_refine_id                   'X-RAY DIFFRACTION' 
_refine_hist.cycle_id                         LAST 
_refine_hist.pdbx_number_atoms_protein        1067 
_refine_hist.pdbx_number_atoms_nucleic_acid   0 
_refine_hist.pdbx_number_atoms_ligand         31 
_refine_hist.number_atoms_solvent             92 
_refine_hist.number_atoms_total               1190 
_refine_hist.d_res_high                       2.05 
_refine_hist.d_res_low                        8.0 
# 
loop_
_refine_ls_restr.type 
_refine_ls_restr.dev_ideal 
_refine_ls_restr.dev_ideal_target 
_refine_ls_restr.weight 
_refine_ls_restr.number 
_refine_ls_restr.pdbx_refine_id 
_refine_ls_restr.pdbx_restraint_function 
x_bond_d           0.013 ? ? ? 'X-RAY DIFFRACTION' ? 
x_angle_deg        2.934 ? ? ? 'X-RAY DIFFRACTION' ? 
x_dihedral_angle_d 25.94 ? ? ? 'X-RAY DIFFRACTION' ? 
x_improper_angle_d 2.248 ? ? ? 'X-RAY DIFFRACTION' ? 
# 
_refine_ls_shell.pdbx_total_number_of_bins_used   ? 
_refine_ls_shell.d_res_high                       2.05 
_refine_ls_shell.d_res_low                        2.14 
_refine_ls_shell.number_reflns_R_work             ? 
_refine_ls_shell.R_factor_R_work                  0.263 
_refine_ls_shell.percent_reflns_obs               93.5 
_refine_ls_shell.R_factor_R_free                  ? 
_refine_ls_shell.R_factor_R_free_error            ? 
_refine_ls_shell.percent_reflns_R_free            ? 
_refine_ls_shell.number_reflns_R_free             0 
_refine_ls_shell.number_reflns_all                ? 
_refine_ls_shell.R_factor_all                     ? 
_refine_ls_shell.number_reflns_obs                1277 
_refine_ls_shell.redundancy_reflns_obs            ? 
_refine_ls_shell.pdbx_refine_id                   'X-RAY DIFFRACTION' 
# 
_struct.entry_id                  3KAP 
_struct.title                     'Flavodoxin from Desulfovibrio desulfuricans ATCC 27774 (oxidized form)' 
_struct.pdbx_model_details        ? 
_struct.pdbx_CASP_flag            ? 
_struct.pdbx_model_type_details   ? 
# 
_struct_keywords.entry_id        3KAP 
_struct_keywords.pdbx_keywords   'ELECTRON TRANSPORT' 
_struct_keywords.text            'flavodoxin, sulfate-reducing bacteria, Electron transport, Flavoprotein, FMN, Transport' 
# 
loop_
_struct_asym.id 
_struct_asym.pdbx_blank_PDB_chainid_flag 
_struct_asym.pdbx_modified 
_struct_asym.entity_id 
_struct_asym.details 
A N N 1 ? 
B N N 2 ? 
C N N 3 ? 
# 
_struct_biol.id        1 
_struct_biol.details   ? 
# 
loop_
_struct_conf.conf_type_id 
_struct_conf.id 
_struct_conf.pdbx_PDB_helix_id 
_struct_conf.beg_label_comp_id 
_struct_conf.beg_label_asym_id 
_struct_conf.beg_label_seq_id 
_struct_conf.pdbx_beg_PDB_ins_code 
_struct_conf.end_label_comp_id 
_struct_conf.end_label_asym_id 
_struct_conf.end_label_seq_id 
_struct_conf.pdbx_end_PDB_ins_code 
_struct_conf.beg_auth_comp_id 
_struct_conf.beg_auth_asym_id 
_struct_conf.beg_auth_seq_id 
_struct_conf.end_auth_comp_id 
_struct_conf.end_auth_asym_id 
_struct_conf.end_auth_seq_id 
_struct_conf.pdbx_PDB_helix_class 
_struct_conf.details 
_struct_conf.pdbx_PDB_helix_length 
HELX_P HELX_P1 1 GLY A 12  ? GLY A 28  ? GLY A 13  GLY A 29  1 ? 17 
HELX_P HELX_P2 2 ALA A 38  ? ALA A 40  ? ALA A 39  ALA A 41  5 ? 3  
HELX_P HELX_P3 3 PHE A 70  ? GLU A 76  ? PHE A 71  GLU A 77  1 ? 7  
HELX_P HELX_P4 4 MET A 77  ? MET A 80  ? MET A 78  MET A 81  5 ? 4  
HELX_P HELX_P5 5 GLY A 102 ? LEU A 114 ? GLY A 103 LEU A 115 1 ? 13 
HELX_P HELX_P6 6 ASP A 128 ? SER A 131 ? ASP A 129 SER A 132 5 ? 4  
HELX_P HELX_P7 7 ASP A 132 ? LEU A 147 ? ASP A 133 LEU A 148 1 ? 16 
# 
_struct_conf_type.id          HELX_P 
_struct_conf_type.criteria    ? 
_struct_conf_type.reference   ? 
# 
loop_
_struct_sheet.id 
_struct_sheet.type 
_struct_sheet.number_strands 
_struct_sheet.details 
A ? 5 ? 
B ? 5 ? 
# 
loop_
_struct_sheet_order.sheet_id 
_struct_sheet_order.range_id_1 
_struct_sheet_order.range_id_2 
_struct_sheet_order.offset 
_struct_sheet_order.sense 
A 1 2 ? parallel 
A 2 3 ? parallel 
A 3 4 ? parallel 
A 4 5 ? parallel 
B 1 2 ? parallel 
B 2 3 ? parallel 
B 3 4 ? parallel 
B 4 5 ? parallel 
# 
loop_
_struct_sheet_range.sheet_id 
_struct_sheet_range.id 
_struct_sheet_range.beg_label_comp_id 
_struct_sheet_range.beg_label_asym_id 
_struct_sheet_range.beg_label_seq_id 
_struct_sheet_range.pdbx_beg_PDB_ins_code 
_struct_sheet_range.end_label_comp_id 
_struct_sheet_range.end_label_asym_id 
_struct_sheet_range.end_label_seq_id 
_struct_sheet_range.pdbx_end_PDB_ins_code 
_struct_sheet_range.beg_auth_comp_id 
_struct_sheet_range.beg_auth_asym_id 
_struct_sheet_range.beg_auth_seq_id 
_struct_sheet_range.end_auth_comp_id 
_struct_sheet_range.end_auth_asym_id 
_struct_sheet_range.end_auth_seq_id 
A 1 GLU A 31  ? ASN A 36  ? GLU A 32  ASN A 37  
A 2 LYS A 2   ? GLY A 8   ? LYS A 3   GLY A 9   
A 3 ALA A 51  ? CYS A 56  ? ALA A 52  CYS A 57  
A 4 LYS A 86  ? GLY A 93  ? LYS A 87  GLY A 94  
A 5 GLU A 117 ? VAL A 118 ? GLU A 118 VAL A 119 
B 1 GLU A 31  ? ASN A 36  ? GLU A 32  ASN A 37  
B 2 LYS A 2   ? GLY A 8   ? LYS A 3   GLY A 9   
B 3 ALA A 51  ? CYS A 56  ? ALA A 52  CYS A 57  
B 4 LYS A 86  ? GLY A 93  ? LYS A 87  GLY A 94  
B 5 LEU A 123 ? GLU A 126 ? LEU A 124 GLU A 127 
# 
loop_
_pdbx_struct_sheet_hbond.sheet_id 
_pdbx_struct_sheet_hbond.range_id_1 
_pdbx_struct_sheet_hbond.range_id_2 
_pdbx_struct_sheet_hbond.range_1_label_atom_id 
_pdbx_struct_sheet_hbond.range_1_label_comp_id 
_pdbx_struct_sheet_hbond.range_1_label_asym_id 
_pdbx_struct_sheet_hbond.range_1_label_seq_id 
_pdbx_struct_sheet_hbond.range_1_PDB_ins_code 
_pdbx_struct_sheet_hbond.range_1_auth_atom_id 
_pdbx_struct_sheet_hbond.range_1_auth_comp_id 
_pdbx_struct_sheet_hbond.range_1_auth_asym_id 
_pdbx_struct_sheet_hbond.range_1_auth_seq_id 
_pdbx_struct_sheet_hbond.range_2_label_atom_id 
_pdbx_struct_sheet_hbond.range_2_label_comp_id 
_pdbx_struct_sheet_hbond.range_2_label_asym_id 
_pdbx_struct_sheet_hbond.range_2_label_seq_id 
_pdbx_struct_sheet_hbond.range_2_PDB_ins_code 
_pdbx_struct_sheet_hbond.range_2_auth_atom_id 
_pdbx_struct_sheet_hbond.range_2_auth_comp_id 
_pdbx_struct_sheet_hbond.range_2_auth_asym_id 
_pdbx_struct_sheet_hbond.range_2_auth_seq_id 
A 1 2 O GLU A 31 ? O GLU A 32 N VAL A 3   ? N VAL A 4   
A 2 3 N LEU A 4  ? N LEU A 5  O LEU A 53  ? O LEU A 54  
A 3 4 N MET A 54 ? N MET A 55 O ALA A 88  ? O ALA A 89  
A 4 5 N LEU A 87 ? N LEU A 88 O GLU A 117 ? O GLU A 118 
B 1 2 O GLU A 31 ? O GLU A 32 N VAL A 3   ? N VAL A 4   
B 2 3 N LEU A 4  ? N LEU A 5  O LEU A 53  ? O LEU A 54  
B 3 4 N MET A 54 ? N MET A 55 O ALA A 88  ? O ALA A 89  
B 4 5 N ALA A 89 ? N ALA A 90 O LEU A 123 ? O LEU A 124 
# 
_struct_site.id                   AC1 
_struct_site.pdbx_evidence_code   Software 
_struct_site.pdbx_auth_asym_id    A 
_struct_site.pdbx_auth_comp_id    FMN 
_struct_site.pdbx_auth_seq_id     150 
_struct_site.pdbx_auth_ins_code   ? 
_struct_site.pdbx_num_residues    25 
_struct_site.details              'BINDING SITE FOR RESIDUE FMN A 150' 
# 
loop_
_struct_site_gen.id 
_struct_site_gen.site_id 
_struct_site_gen.pdbx_num_res 
_struct_site_gen.label_comp_id 
_struct_site_gen.label_asym_id 
_struct_site_gen.label_seq_id 
_struct_site_gen.pdbx_auth_ins_code 
_struct_site_gen.auth_comp_id 
_struct_site_gen.auth_asym_id 
_struct_site_gen.auth_seq_id 
_struct_site_gen.label_atom_id 
_struct_site_gen.label_alt_id 
_struct_site_gen.symmetry 
_struct_site_gen.details 
1  AC1 25 SER A 9   ? SER A 10  . ? 1_555 ? 
2  AC1 25 SER A 10  ? SER A 11  . ? 1_555 ? 
3  AC1 25 THR A 11  ? THR A 12  . ? 1_555 ? 
4  AC1 25 GLY A 12  ? GLY A 13  . ? 1_555 ? 
5  AC1 25 ASN A 13  ? ASN A 14  . ? 1_555 ? 
6  AC1 25 THR A 14  ? THR A 15  . ? 1_555 ? 
7  AC1 25 SER A 57  ? SER A 58  . ? 1_555 ? 
8  AC1 25 ALA A 58  ? ALA A 59  . ? 1_555 ? 
9  AC1 25 TRP A 59  ? TRP A 60  . ? 1_555 ? 
10 AC1 25 MET A 61  ? MET A 62  . ? 1_555 ? 
11 AC1 25 SER A 92  ? SER A 93  . ? 1_555 ? 
12 AC1 25 GLY A 93  ? GLY A 94  . ? 1_555 ? 
13 AC1 25 ASP A 94  ? ASP A 95  . ? 1_555 ? 
14 AC1 25 MET A 95  ? MET A 96  . ? 2_664 ? 
15 AC1 25 GLU A 96  ? GLU A 97  . ? 2_664 ? 
16 AC1 25 TYR A 97  ? TYR A 98  . ? 2_664 ? 
17 AC1 25 TYR A 97  ? TYR A 98  . ? 1_555 ? 
18 AC1 25 GLU A 98  ? GLU A 99  . ? 2_664 ? 
19 AC1 25 GLU A 98  ? GLU A 99  . ? 1_555 ? 
20 AC1 25 HIS A 99  ? HIS A 100 . ? 1_555 ? 
21 AC1 25 TYR A 100 ? TYR A 101 . ? 1_555 ? 
22 AC1 25 CYS A 101 ? CYS A 102 . ? 1_555 ? 
23 AC1 25 HOH C .   ? HOH A 306 . ? 1_555 ? 
24 AC1 25 HOH C .   ? HOH A 310 . ? 1_555 ? 
25 AC1 25 HOH C .   ? HOH A 391 . ? 2_664 ? 
# 
_atom_sites.entry_id                    3KAP 
_atom_sites.fract_transf_matrix[1][1]   -0.00627845 
_atom_sites.fract_transf_matrix[1][2]   0.00783095 
_atom_sites.fract_transf_matrix[1][3]   0.00665138 
_atom_sites.fract_transf_matrix[2][1]   0.00499902 
_atom_sites.fract_transf_matrix[2][2]   0.00497517 
_atom_sites.fract_transf_matrix[2][3]   0.00975926 
_atom_sites.fract_transf_matrix[3][1]   0.01024061 
_atom_sites.fract_transf_matrix[3][2]   0.02233840 
_atom_sites.fract_transf_matrix[3][3]   -0.01663347 
_atom_sites.fract_transf_vector[1]      0.280749 
_atom_sites.fract_transf_vector[2]      0.447903 
_atom_sites.fract_transf_vector[3]      0.102323 
# 
loop_
_atom_type.symbol 
C 
N 
O 
P 
S 
# 
loop_
_atom_site.group_PDB 
_atom_site.id 
_atom_site.type_symbol 
_atom_site.label_atom_id 
_atom_site.label_alt_id 
_atom_site.label_comp_id 
_atom_site.label_asym_id 
_atom_site.label_entity_id 
_atom_site.label_seq_id 
_atom_site.pdbx_PDB_ins_code 
_atom_site.Cartn_x 
_atom_site.Cartn_y 
_atom_site.Cartn_z 
_atom_site.occupancy 
_atom_site.B_iso_or_equiv 
_atom_site.pdbx_formal_charge 
_atom_site.auth_seq_id 
_atom_site.auth_comp_id 
_atom_site.auth_asym_id 
_atom_site.auth_atom_id 
_atom_site.pdbx_PDB_model_num 
ATOM   1    N N     . SER A 1 1   ? -10.253 6.144   -13.570 1.00 78.98  ? 2   SER A N     1 
ATOM   2    C CA    . SER A 1 1   ? -9.240  5.294   -12.997 1.00 31.41  ? 2   SER A CA    1 
ATOM   3    C C     . SER A 1 1   ? -9.933  4.515   -11.900 1.00 18.04  ? 2   SER A C     1 
ATOM   4    O O     . SER A 1 1   ? -10.674 5.109   -11.124 1.00 21.57  ? 2   SER A O     1 
ATOM   5    C CB    . SER A 1 1   ? -8.097  6.098   -12.393 1.00 40.34  ? 2   SER A CB    1 
ATOM   6    N N     . LYS A 1 2   ? -9.759  3.209   -11.972 1.00 18.51  ? 3   LYS A N     1 
ATOM   7    C CA    . LYS A 1 2   ? -10.253 2.223   -11.035 1.00 28.16  ? 3   LYS A CA    1 
ATOM   8    C C     . LYS A 1 2   ? -9.004  1.952   -10.189 1.00 18.22  ? 3   LYS A C     1 
ATOM   9    O O     . LYS A 1 2   ? -7.935  1.597   -10.744 1.00 22.67  ? 3   LYS A O     1 
ATOM   10   C CB    . LYS A 1 2   ? -10.656 0.943   -11.764 1.00 17.98  ? 3   LYS A CB    1 
ATOM   11   C CG    . LYS A 1 2   ? -11.604 1.200   -12.931 1.00 43.76  ? 3   LYS A CG    1 
ATOM   12   C CD    . LYS A 1 2   ? -11.780 -0.013  -13.824 1.00 85.53  ? 3   LYS A CD    1 
ATOM   13   C CE    . LYS A 1 2   ? -12.441 -1.184  -13.098 1.00 100.00 ? 3   LYS A CE    1 
ATOM   14   N NZ    . LYS A 1 2   ? -12.407 -2.369  -13.940 1.00 100.00 ? 3   LYS A NZ    1 
ATOM   15   N N     . VAL A 1 3   ? -9.108  2.172   -8.883  1.00 25.02  ? 4   VAL A N     1 
ATOM   16   C CA    . VAL A 1 3   ? -7.998  1.972   -7.965  1.00 25.82  ? 4   VAL A CA    1 
ATOM   17   C C     . VAL A 1 3   ? -8.263  0.744   -7.091  1.00 22.44  ? 4   VAL A C     1 
ATOM   18   O O     . VAL A 1 3   ? -9.395  0.507   -6.647  1.00 14.44  ? 4   VAL A O     1 
ATOM   19   C CB    . VAL A 1 3   ? -7.826  3.259   -7.103  1.00 19.34  ? 4   VAL A CB    1 
ATOM   20   C CG1   . VAL A 1 3   ? -6.633  3.154   -6.147  1.00 12.69  ? 4   VAL A CG1   1 
ATOM   21   C CG2   . VAL A 1 3   ? -7.556  4.427   -8.031  1.00 14.01  ? 4   VAL A CG2   1 
ATOM   22   N N     . LEU A 1 4   ? -7.260  -0.110  -6.891  1.00 19.87  ? 5   LEU A N     1 
ATOM   23   C CA    . LEU A 1 4   ? -7.359  -1.178  -5.910  1.00 16.68  ? 5   LEU A CA    1 
ATOM   24   C C     . LEU A 1 4   ? -6.523  -0.744  -4.715  1.00 9.63   ? 5   LEU A C     1 
ATOM   25   O O     . LEU A 1 4   ? -5.428  -0.196  -4.884  1.00 11.92  ? 5   LEU A O     1 
ATOM   26   C CB    . LEU A 1 4   ? -6.803  -2.475  -6.463  1.00 13.19  ? 5   LEU A CB    1 
ATOM   27   C CG    . LEU A 1 4   ? -6.676  -3.673  -5.529  1.00 16.19  ? 5   LEU A CG    1 
ATOM   28   C CD1   . LEU A 1 4   ? -8.036  -4.147  -5.030  1.00 7.42   ? 5   LEU A CD1   1 
ATOM   29   C CD2   . LEU A 1 4   ? -5.960  -4.775  -6.294  1.00 18.39  ? 5   LEU A CD2   1 
ATOM   30   N N     . ILE A 1 5   ? -7.016  -0.892  -3.495  1.00 9.14   ? 6   ILE A N     1 
ATOM   31   C CA    . ILE A 1 5   ? -6.219  -0.610  -2.311  1.00 13.04  ? 6   ILE A CA    1 
ATOM   32   C C     . ILE A 1 5   ? -6.108  -1.953  -1.594  1.00 13.07  ? 6   ILE A C     1 
ATOM   33   O O     . ILE A 1 5   ? -7.119  -2.545  -1.191  1.00 19.12  ? 6   ILE A O     1 
ATOM   34   C CB    . ILE A 1 5   ? -6.935  0.463   -1.459  1.00 9.99   ? 6   ILE A CB    1 
ATOM   35   C CG1   . ILE A 1 5   ? -6.942  1.759   -2.266  1.00 9.50   ? 6   ILE A CG1   1 
ATOM   36   C CG2   . ILE A 1 5   ? -6.245  0.624   -0.072  1.00 11.86  ? 6   ILE A CG2   1 
ATOM   37   C CD1   . ILE A 1 5   ? -7.683  2.922   -1.600  1.00 12.27  ? 6   ILE A CD1   1 
ATOM   38   N N     . LEU A 1 6   ? -4.884  -2.447  -1.447  1.00 18.56  ? 7   LEU A N     1 
ATOM   39   C CA    . LEU A 1 6   ? -4.579  -3.754  -0.879  1.00 17.92  ? 7   LEU A CA    1 
ATOM   40   C C     . LEU A 1 6   ? -3.787  -3.537  0.418   1.00 13.94  ? 7   LEU A C     1 
ATOM   41   O O     . LEU A 1 6   ? -2.732  -2.905  0.381   1.00 11.37  ? 7   LEU A O     1 
ATOM   42   C CB    . LEU A 1 6   ? -3.729  -4.547  -1.901  1.00 11.74  ? 7   LEU A CB    1 
ATOM   43   C CG    . LEU A 1 6   ? -3.622  -6.072  -2.033  1.00 27.86  ? 7   LEU A CG    1 
ATOM   44   C CD1   . LEU A 1 6   ? -2.160  -6.387  -2.044  1.00 17.36  ? 7   LEU A CD1   1 
ATOM   45   C CD2   . LEU A 1 6   ? -4.300  -6.840  -0.934  1.00 14.29  ? 7   LEU A CD2   1 
ATOM   46   N N     . PHE A 1 7   ? -4.215  -4.077  1.558   1.00 16.41  ? 8   PHE A N     1 
ATOM   47   C CA    . PHE A 1 7   ? -3.515  -3.891  2.814   1.00 14.66  ? 8   PHE A CA    1 
ATOM   48   C C     . PHE A 1 7   ? -3.401  -5.184  3.598   1.00 15.27  ? 8   PHE A C     1 
ATOM   49   O O     . PHE A 1 7   ? -4.240  -6.078  3.483   1.00 8.97   ? 8   PHE A O     1 
ATOM   50   C CB    . PHE A 1 7   ? -4.224  -2.869  3.714   1.00 13.12  ? 8   PHE A CB    1 
ATOM   51   C CG    . PHE A 1 7   ? -5.638  -3.268  4.122   1.00 26.72  ? 8   PHE A CG    1 
ATOM   52   C CD1   . PHE A 1 7   ? -6.706  -3.037  3.250   1.00 14.72  ? 8   PHE A CD1   1 
ATOM   53   C CD2   . PHE A 1 7   ? -5.850  -3.900  5.355   1.00 15.34  ? 8   PHE A CD2   1 
ATOM   54   C CE1   . PHE A 1 7   ? -7.980  -3.449  3.622   1.00 18.23  ? 8   PHE A CE1   1 
ATOM   55   C CE2   . PHE A 1 7   ? -7.132  -4.310  5.712   1.00 13.15  ? 8   PHE A CE2   1 
ATOM   56   C CZ    . PHE A 1 7   ? -8.202  -4.083  4.845   1.00 15.76  ? 8   PHE A CZ    1 
ATOM   57   N N     . GLY A 1 8   ? -2.347  -5.269  4.388   1.00 13.40  ? 9   GLY A N     1 
ATOM   58   C CA    . GLY A 1 8   ? -2.115  -6.341  5.322   1.00 5.77   ? 9   GLY A CA    1 
ATOM   59   C C     . GLY A 1 8   ? -2.030  -5.624  6.669   1.00 8.46   ? 9   GLY A C     1 
ATOM   60   O O     . GLY A 1 8   ? -1.217  -4.701  6.820   1.00 12.77  ? 9   GLY A O     1 
ATOM   61   N N     . SER A 1 9   ? -2.779  -5.997  7.708   1.00 15.84  ? 10  SER A N     1 
ATOM   62   C CA    . SER A 1 9   ? -2.787  -5.273  8.973   1.00 8.12   ? 10  SER A CA    1 
ATOM   63   C C     . SER A 1 9   ? -3.064  -6.245  10.113  1.00 11.20  ? 10  SER A C     1 
ATOM   64   O O     . SER A 1 9   ? -4.073  -6.926  10.041  1.00 15.15  ? 10  SER A O     1 
ATOM   65   C CB    . SER A 1 9   ? -3.876  -4.225  8.931   1.00 9.14   ? 10  SER A CB    1 
ATOM   66   O OG    . SER A 1 9   ? -3.749  -3.284  9.967   1.00 11.44  ? 10  SER A OG    1 
ATOM   67   N N     . SER A 1 10  ? -2.208  -6.379  11.137  1.00 16.61  ? 11  SER A N     1 
ATOM   68   C CA    . SER A 1 10  ? -2.462  -7.247  12.274  1.00 13.44  ? 11  SER A CA    1 
ATOM   69   C C     . SER A 1 10  ? -3.235  -6.566  13.388  1.00 12.37  ? 11  SER A C     1 
ATOM   70   O O     . SER A 1 10  ? -4.055  -7.211  14.025  1.00 15.10  ? 11  SER A O     1 
ATOM   71   C CB    . SER A 1 10  ? -1.121  -7.788  12.828  1.00 9.70   ? 11  SER A CB    1 
ATOM   72   O OG    . SER A 1 10  ? -0.530  -8.610  11.808  1.00 16.31  ? 11  SER A OG    1 
ATOM   73   N N     . THR A 1 11  ? -3.057  -5.287  13.709  1.00 12.85  ? 12  THR A N     1 
ATOM   74   C CA    . THR A 1 11  ? -3.809  -4.685  14.807  1.00 21.65  ? 12  THR A CA    1 
ATOM   75   C C     . THR A 1 11  ? -4.753  -3.620  14.277  1.00 24.02  ? 12  THR A C     1 
ATOM   76   O O     . THR A 1 11  ? -5.407  -2.926  15.057  1.00 18.36  ? 12  THR A O     1 
ATOM   77   C CB    . THR A 1 11  ? -2.845  -4.066  15.862  1.00 23.96  ? 12  THR A CB    1 
ATOM   78   O OG1   . THR A 1 11  ? -2.216  -2.954  15.249  1.00 19.95  ? 12  THR A OG1   1 
ATOM   79   C CG2   . THR A 1 11  ? -1.745  -5.023  16.326  1.00 12.33  ? 12  THR A CG2   1 
ATOM   80   N N     . GLY A 1 12  ? -4.847  -3.458  12.947  1.00 17.06  ? 13  GLY A N     1 
ATOM   81   C CA    . GLY A 1 12  ? -5.750  -2.462  12.359  1.00 13.42  ? 13  GLY A CA    1 
ATOM   82   C C     . GLY A 1 12  ? -5.112  -1.115  12.022  1.00 6.82   ? 13  GLY A C     1 
ATOM   83   O O     . GLY A 1 12  ? -5.798  -0.260  11.455  1.00 17.66  ? 13  GLY A O     1 
ATOM   84   N N     . ASN A 1 13  ? -3.834  -0.835  12.270  1.00 11.87  ? 14  ASN A N     1 
ATOM   85   C CA    . ASN A 1 13  ? -3.280  0.481   11.945  1.00 6.41   ? 14  ASN A CA    1 
ATOM   86   C C     . ASN A 1 13  ? -3.170  0.767   10.452  1.00 7.98   ? 14  ASN A C     1 
ATOM   87   O O     . ASN A 1 13  ? -3.639  1.803   9.988   1.00 12.63  ? 14  ASN A O     1 
ATOM   88   C CB    . ASN A 1 13  ? -1.891  0.649   12.610  1.00 8.12   ? 14  ASN A CB    1 
ATOM   89   C CG    . ASN A 1 13  ? -1.953  0.716   14.129  1.00 14.32  ? 14  ASN A CG    1 
ATOM   90   O OD1   . ASN A 1 13  ? -2.971  1.076   14.719  1.00 18.68  ? 14  ASN A OD1   1 
ATOM   91   N ND2   . ASN A 1 13  ? -0.890  0.411   14.852  1.00 13.01  ? 14  ASN A ND2   1 
ATOM   92   N N     . THR A 1 14  ? -2.586  -0.111  9.641   1.00 10.21  ? 15  THR A N     1 
ATOM   93   C CA    . THR A 1 14  ? -2.504  0.047   8.189   1.00 17.45  ? 15  THR A CA    1 
ATOM   94   C C     . THR A 1 14  ? -3.872  -0.093  7.566   1.00 11.67  ? 15  THR A C     1 
ATOM   95   O O     . THR A 1 14  ? -4.132  0.514   6.543   1.00 14.15  ? 15  THR A O     1 
ATOM   96   C CB    . THR A 1 14  ? -1.547  -1.007  7.561   1.00 15.31  ? 15  THR A CB    1 
ATOM   97   O OG1   . THR A 1 14  ? -0.329  -0.953  8.295   1.00 11.05  ? 15  THR A OG1   1 
ATOM   98   C CG2   . THR A 1 14  ? -1.236  -0.734  6.094   1.00 10.59  ? 15  THR A CG2   1 
ATOM   99   N N     . GLU A 1 15  ? -4.749  -0.892  8.165   1.00 12.36  ? 16  GLU A N     1 
ATOM   100  C CA    . GLU A 1 15  ? -6.133  -0.968  7.737   1.00 11.89  ? 16  GLU A CA    1 
ATOM   101  C C     . GLU A 1 15  ? -6.802  0.397   7.851   1.00 12.01  ? 16  GLU A C     1 
ATOM   102  O O     . GLU A 1 15  ? -7.462  0.782   6.879   1.00 16.38  ? 16  GLU A O     1 
ATOM   103  C CB    . GLU A 1 15  ? -6.880  -1.949  8.610   1.00 10.00  ? 16  GLU A CB    1 
ATOM   104  C CG    . GLU A 1 15  ? -8.333  -2.184  8.194   1.00 16.79  ? 16  GLU A CG    1 
ATOM   105  C CD    . GLU A 1 15  ? -9.032  -3.328  8.917   1.00 24.21  ? 16  GLU A CD    1 
ATOM   106  O OE1   . GLU A 1 15  ? -8.442  -3.997  9.774   1.00 44.27  ? 16  GLU A OE1   1 
ATOM   107  O OE2   . GLU A 1 15  ? -10.185 -3.556  8.589   1.00 30.06  ? 16  GLU A OE2   1 
ATOM   108  N N     . SER A 1 16  ? -6.656  1.152   8.967   1.00 8.46   ? 17  SER A N     1 
ATOM   109  C CA    . SER A 1 16  ? -7.267  2.467   9.084   1.00 17.09  ? 17  SER A CA    1 
ATOM   110  C C     . SER A 1 16  ? -6.782  3.455   8.026   1.00 15.32  ? 17  SER A C     1 
ATOM   111  O O     . SER A 1 16  ? -7.522  4.311   7.519   1.00 13.96  ? 17  SER A O     1 
ATOM   112  C CB    . SER A 1 16  ? -7.011  3.087   10.473  1.00 13.18  ? 17  SER A CB    1 
ATOM   113  O OG    . SER A 1 16  ? -5.673  3.518   10.731  1.00 15.90  ? 17  SER A OG    1 
ATOM   114  N N     . ILE A 1 17  ? -5.513  3.299   7.647   1.00 19.73  ? 18  ILE A N     1 
ATOM   115  C CA    . ILE A 1 17  ? -4.908  4.127   6.635   1.00 16.71  ? 18  ILE A CA    1 
ATOM   116  C C     . ILE A 1 17  ? -5.579  3.780   5.315   1.00 9.22   ? 18  ILE A C     1 
ATOM   117  O O     . ILE A 1 17  ? -6.017  4.685   4.591   1.00 14.26  ? 18  ILE A O     1 
ATOM   118  C CB    . ILE A 1 17  ? -3.363  3.884   6.507   1.00 22.83  ? 18  ILE A CB    1 
ATOM   119  C CG1   . ILE A 1 17  ? -2.676  4.134   7.851   1.00 20.41  ? 18  ILE A CG1   1 
ATOM   120  C CG2   . ILE A 1 17  ? -2.782  4.825   5.421   1.00 13.02  ? 18  ILE A CG2   1 
ATOM   121  C CD1   . ILE A 1 17  ? -1.179  3.778   7.915   1.00 8.35   ? 18  ILE A CD1   1 
ATOM   122  N N     . ALA A 1 18  ? -5.690  2.486   5.006   1.00 12.21  ? 19  ALA A N     1 
ATOM   123  C CA    . ALA A 1 18  ? -6.300  2.031   3.762   1.00 11.47  ? 19  ALA A CA    1 
ATOM   124  C C     . ALA A 1 18  ? -7.732  2.533   3.580   1.00 11.84  ? 19  ALA A C     1 
ATOM   125  O O     . ALA A 1 18  ? -8.171  2.945   2.491   1.00 11.20  ? 19  ALA A O     1 
ATOM   126  C CB    . ALA A 1 18  ? -6.308  0.498   3.723   1.00 9.50   ? 19  ALA A CB    1 
ATOM   127  N N     . GLN A 1 19  ? -8.454  2.511   4.699   1.00 16.35  ? 20  GLN A N     1 
ATOM   128  C CA    . GLN A 1 19  ? -9.821  2.996   4.757   1.00 14.86  ? 20  GLN A CA    1 
ATOM   129  C C     . GLN A 1 19  ? -9.907  4.506   4.516   1.00 13.83  ? 20  GLN A C     1 
ATOM   130  O O     . GLN A 1 19  ? -10.736 4.948   3.700   1.00 14.82  ? 20  GLN A O     1 
ATOM   131  C CB    . GLN A 1 19  ? -10.425 2.583   6.135   1.00 15.55  ? 20  GLN A CB    1 
ATOM   132  C CG    . GLN A 1 19  ? -11.803 3.135   6.478   1.00 24.49  ? 20  GLN A CG    1 
ATOM   133  C CD    . GLN A 1 19  ? -12.812 2.980   5.345   1.00 30.97  ? 20  GLN A CD    1 
ATOM   134  O OE1   . GLN A 1 19  ? -13.367 3.952   4.829   1.00 33.66  ? 20  GLN A OE1   1 
ATOM   135  N NE2   . GLN A 1 19  ? -13.070 1.774   4.883   1.00 20.18  ? 20  GLN A NE2   1 
ATOM   136  N N     . LYS A 1 20  ? -9.042  5.299   5.149   1.00 4.31   ? 21  LYS A N     1 
ATOM   137  C CA    . LYS A 1 20  ? -9.060  6.738   4.931   1.00 8.43   ? 21  LYS A CA    1 
ATOM   138  C C     . LYS A 1 20  ? -8.687  7.030   3.480   1.00 29.29  ? 21  LYS A C     1 
ATOM   139  O O     . LYS A 1 20  ? -9.262  7.912   2.828   1.00 17.12  ? 21  LYS A O     1 
ATOM   140  C CB    . LYS A 1 20  ? -8.074  7.422   5.886   1.00 14.46  ? 21  LYS A CB    1 
ATOM   141  C CG    . LYS A 1 20  ? -8.204  8.949   5.898   1.00 15.52  ? 21  LYS A CG    1 
ATOM   142  C CD    . LYS A 1 20  ? -9.621  9.360   6.297   1.00 49.62  ? 21  LYS A CD    1 
ATOM   143  C CE    . LYS A 1 20  ? -9.882  10.833  6.052   1.00 72.82  ? 21  LYS A CE    1 
ATOM   144  N NZ    . LYS A 1 20  ? -11.248 11.153  6.415   1.00 51.80  ? 21  LYS A NZ    1 
ATOM   145  N N     . LEU A 1 21  ? -7.770  6.251   2.914   1.00 22.58  ? 22  LEU A N     1 
ATOM   146  C CA    . LEU A 1 21  ? -7.366  6.445   1.530   1.00 20.75  ? 22  LEU A CA    1 
ATOM   147  C C     . LEU A 1 21  ? -8.475  6.119   0.567   1.00 20.01  ? 22  LEU A C     1 
ATOM   148  O O     . LEU A 1 21  ? -8.677  6.837   -0.424  1.00 17.83  ? 22  LEU A O     1 
ATOM   149  C CB    . LEU A 1 21  ? -6.153  5.591   1.228   1.00 21.58  ? 22  LEU A CB    1 
ATOM   150  C CG    . LEU A 1 21  ? -4.803  6.268   1.003   1.00 34.69  ? 22  LEU A CG    1 
ATOM   151  C CD1   . LEU A 1 21  ? -4.657  7.594   1.741   1.00 24.98  ? 22  LEU A CD1   1 
ATOM   152  C CD2   . LEU A 1 21  ? -3.761  5.270   1.460   1.00 19.59  ? 22  LEU A CD2   1 
ATOM   153  N N     . GLU A 1 22  ? -9.230  5.063   0.837   1.00 16.03  ? 23  GLU A N     1 
ATOM   154  C CA    . GLU A 1 22  ? -10.383 4.743   0.008   1.00 17.96  ? 23  GLU A CA    1 
ATOM   155  C C     . GLU A 1 22  ? -11.345 5.933   -0.039  1.00 17.89  ? 23  GLU A C     1 
ATOM   156  O O     . GLU A 1 22  ? -11.818 6.337   -1.104  1.00 17.51  ? 23  GLU A O     1 
ATOM   157  C CB    . GLU A 1 22  ? -11.048 3.480   0.582   1.00 9.34   ? 23  GLU A CB    1 
ATOM   158  C CG    . GLU A 1 22  ? -12.362 3.028   -0.052  1.00 28.46  ? 23  GLU A CG    1 
ATOM   159  C CD    . GLU A 1 22  ? -13.560 3.929   0.274   1.00 67.05  ? 23  GLU A CD    1 
ATOM   160  O OE1   . GLU A 1 22  ? -13.643 4.459   1.393   1.00 36.18  ? 23  GLU A OE1   1 
ATOM   161  O OE2   . GLU A 1 22  ? -14.398 4.135   -0.600  1.00 50.24  ? 23  GLU A OE2   1 
ATOM   162  N N     . GLU A 1 23  ? -11.660 6.493   1.122   1.00 18.25  ? 24  GLU A N     1 
ATOM   163  C CA    . GLU A 1 23  ? -12.586 7.595   1.235   1.00 20.37  ? 24  GLU A CA    1 
ATOM   164  C C     . GLU A 1 23  ? -12.109 8.759   0.411   1.00 18.75  ? 24  GLU A C     1 
ATOM   165  O O     . GLU A 1 23  ? -12.883 9.266   -0.404  1.00 18.01  ? 24  GLU A O     1 
ATOM   166  C CB    . GLU A 1 23  ? -12.704 8.012   2.682   1.00 19.15  ? 24  GLU A CB    1 
ATOM   167  C CG    . GLU A 1 23  ? -13.702 9.140   2.898   1.00 29.52  ? 24  GLU A CG    1 
ATOM   168  C CD    . GLU A 1 23  ? -13.726 9.756   4.294   1.00 66.52  ? 24  GLU A CD    1 
ATOM   169  O OE1   . GLU A 1 23  ? -14.194 10.887  4.427   1.00 84.83  ? 24  GLU A OE1   1 
ATOM   170  O OE2   . GLU A 1 23  ? -13.282 9.124   5.251   1.00 56.60  ? 24  GLU A OE2   1 
ATOM   171  N N     . LEU A 1 24  ? -10.847 9.166   0.578   1.00 16.96  ? 25  LEU A N     1 
ATOM   172  C CA    . LEU A 1 24  ? -10.328 10.312  -0.154  1.00 15.69  ? 25  LEU A CA    1 
ATOM   173  C C     . LEU A 1 24  ? -10.114 10.071  -1.648  1.00 18.22  ? 25  LEU A C     1 
ATOM   174  O O     . LEU A 1 24  ? -10.367 10.977  -2.455  1.00 25.05  ? 25  LEU A O     1 
ATOM   175  C CB    . LEU A 1 24  ? -9.020  10.774  0.512   1.00 15.55  ? 25  LEU A CB    1 
ATOM   176  C CG    . LEU A 1 24  ? -9.153  11.134  1.994   1.00 15.21  ? 25  LEU A CG    1 
ATOM   177  C CD1   . LEU A 1 24  ? -7.830  11.597  2.598   1.00 10.36  ? 25  LEU A CD1   1 
ATOM   178  C CD2   . LEU A 1 24  ? -10.152 12.252  2.109   1.00 24.78  ? 25  LEU A CD2   1 
ATOM   179  N N     . VAL A 1 25  ? -9.735  8.878   -2.106  1.00 17.18  ? 26  VAL A N     1 
ATOM   180  C CA    . VAL A 1 25  ? -9.559  8.649   -3.534  1.00 28.19  ? 26  VAL A CA    1 
ATOM   181  C C     . VAL A 1 25  ? -10.914 8.529   -4.227  1.00 23.34  ? 26  VAL A C     1 
ATOM   182  O O     . VAL A 1 25  ? -11.098 8.954   -5.385  1.00 17.22  ? 26  VAL A O     1 
ATOM   183  C CB    . VAL A 1 25  ? -8.687  7.368   -3.742  1.00 28.73  ? 26  VAL A CB    1 
ATOM   184  C CG1   . VAL A 1 25  ? -8.615  6.962   -5.211  1.00 16.31  ? 26  VAL A CG1   1 
ATOM   185  C CG2   . VAL A 1 25  ? -7.273  7.669   -3.264  1.00 17.15  ? 26  VAL A CG2   1 
ATOM   186  N N     . ALA A 1 26  ? -11.877 7.924   -3.524  1.00 13.98  ? 27  ALA A N     1 
ATOM   187  C CA    . ALA A 1 26  ? -13.221 7.818   -4.055  1.00 18.40  ? 27  ALA A CA    1 
ATOM   188  C C     . ALA A 1 26  ? -13.849 9.195   -4.181  1.00 17.98  ? 27  ALA A C     1 
ATOM   189  O O     . ALA A 1 26  ? -14.482 9.503   -5.192  1.00 29.63  ? 27  ALA A O     1 
ATOM   190  C CB    . ALA A 1 26  ? -14.084 7.000   -3.141  1.00 17.51  ? 27  ALA A CB    1 
ATOM   191  N N     . ALA A 1 27  ? -13.637 10.045  -3.172  1.00 20.50  ? 28  ALA A N     1 
ATOM   192  C CA    . ALA A 1 27  ? -14.140 11.406  -3.145  1.00 18.99  ? 28  ALA A CA    1 
ATOM   193  C C     . ALA A 1 27  ? -13.614 12.196  -4.323  1.00 23.07  ? 28  ALA A C     1 
ATOM   194  O O     . ALA A 1 27  ? -14.316 13.028  -4.879  1.00 21.56  ? 28  ALA A O     1 
ATOM   195  C CB    . ALA A 1 27  ? -13.703 12.100  -1.870  1.00 14.98  ? 28  ALA A CB    1 
ATOM   196  N N     . GLY A 1 28  ? -12.393 11.913  -4.756  1.00 25.29  ? 29  GLY A N     1 
ATOM   197  C CA    . GLY A 1 28  ? -11.839 12.557  -5.925  1.00 19.61  ? 29  GLY A CA    1 
ATOM   198  C C     . GLY A 1 28  ? -12.465 12.091  -7.234  1.00 31.40  ? 29  GLY A C     1 
ATOM   199  O O     . GLY A 1 28  ? -12.039 12.562  -8.293  1.00 29.96  ? 29  GLY A O     1 
ATOM   200  N N     . GLY A 1 29  ? -13.424 11.160  -7.222  1.00 14.50  ? 30  GLY A N     1 
ATOM   201  C CA    . GLY A 1 29  ? -14.099 10.694  -8.424  1.00 8.58   ? 30  GLY A CA    1 
ATOM   202  C C     . GLY A 1 29  ? -13.480 9.440   -9.063  1.00 18.64  ? 30  GLY A C     1 
ATOM   203  O O     . GLY A 1 29  ? -13.362 9.314   -10.290 1.00 26.14  ? 30  GLY A O     1 
ATOM   204  N N     . HIS A 1 30  ? -13.027 8.463   -8.273  1.00 21.35  ? 31  HIS A N     1 
ATOM   205  C CA    . HIS A 1 30  ? -12.461 7.227   -8.824  1.00 12.02  ? 31  HIS A CA    1 
ATOM   206  C C     . HIS A 1 30  ? -13.279 6.056   -8.314  1.00 20.11  ? 31  HIS A C     1 
ATOM   207  O O     . HIS A 1 30  ? -13.915 6.132   -7.258  1.00 18.56  ? 31  HIS A O     1 
ATOM   208  C CB    . HIS A 1 30  ? -10.986 7.044   -8.394  1.00 16.29  ? 31  HIS A CB    1 
ATOM   209  C CG    . HIS A 1 30  ? -10.117 8.138   -9.001  1.00 30.69  ? 31  HIS A CG    1 
ATOM   210  N ND1   . HIS A 1 30  ? -9.574  8.154   -10.219 1.00 19.49  ? 31  HIS A ND1   1 
ATOM   211  C CD2   . HIS A 1 30  ? -9.844  9.345   -8.399  1.00 15.24  ? 31  HIS A CD2   1 
ATOM   212  C CE1   . HIS A 1 30  ? -9.005  9.331   -10.378 1.00 16.45  ? 31  HIS A CE1   1 
ATOM   213  N NE2   . HIS A 1 30  ? -9.171  10.028  -9.292  1.00 17.49  ? 31  HIS A NE2   1 
ATOM   214  N N     . GLU A 1 31  ? -13.330 4.995   -9.103  1.00 15.08  ? 32  GLU A N     1 
ATOM   215  C CA    . GLU A 1 31  ? -13.969 3.761   -8.694  1.00 9.15   ? 32  GLU A CA    1 
ATOM   216  C C     . GLU A 1 31  ? -12.917 3.098   -7.781  1.00 21.92  ? 32  GLU A C     1 
ATOM   217  O O     . GLU A 1 31  ? -11.767 2.975   -8.219  1.00 19.58  ? 32  GLU A O     1 
ATOM   218  C CB    . GLU A 1 31  ? -14.234 2.946   -9.926  1.00 14.05  ? 32  GLU A CB    1 
ATOM   219  C CG    . GLU A 1 31  ? -14.874 1.594   -9.586  1.00 23.59  ? 32  GLU A CG    1 
ATOM   220  C CD    . GLU A 1 31  ? -15.220 0.684   -10.764 1.00 19.74  ? 32  GLU A CD    1 
ATOM   221  O OE1   . GLU A 1 31  ? -15.133 1.085   -11.921 1.00 25.47  ? 32  GLU A OE1   1 
ATOM   222  O OE2   . GLU A 1 31  ? -15.620 -0.448  -10.520 1.00 36.22  ? 32  GLU A OE2   1 
ATOM   223  N N     . VAL A 1 32  ? -13.205 2.727   -6.524  1.00 15.61  ? 33  VAL A N     1 
ATOM   224  C CA    . VAL A 1 32  ? -12.189 2.250   -5.586  1.00 13.01  ? 33  VAL A CA    1 
ATOM   225  C C     . VAL A 1 32  ? -12.598 0.930   -4.934  1.00 14.42  ? 33  VAL A C     1 
ATOM   226  O O     . VAL A 1 32  ? -13.749 0.835   -4.506  1.00 14.93  ? 33  VAL A O     1 
ATOM   227  C CB    . VAL A 1 32  ? -11.922 3.316   -4.450  1.00 18.12  ? 33  VAL A CB    1 
ATOM   228  C CG1   . VAL A 1 32  ? -10.653 2.939   -3.689  1.00 12.38  ? 33  VAL A CG1   1 
ATOM   229  C CG2   . VAL A 1 32  ? -11.619 4.662   -4.998  1.00 13.30  ? 33  VAL A CG2   1 
ATOM   230  N N     . THR A 1 33  ? -11.690 -0.059  -4.855  1.00 9.79   ? 34  THR A N     1 
ATOM   231  C CA    . THR A 1 33  ? -11.921 -1.339  -4.209  1.00 15.17  ? 34  THR A CA    1 
ATOM   232  C C     . THR A 1 33  ? -10.981 -1.450  -3.018  1.00 13.46  ? 34  THR A C     1 
ATOM   233  O O     . THR A 1 33  ? -9.766  -1.230  -3.145  1.00 16.21  ? 34  THR A O     1 
ATOM   234  C CB    . THR A 1 33  ? -11.635 -2.529  -5.156  1.00 13.65  ? 34  THR A CB    1 
ATOM   235  O OG1   . THR A 1 33  ? -12.516 -2.400  -6.263  1.00 19.48  ? 34  THR A OG1   1 
ATOM   236  C CG2   . THR A 1 33  ? -11.844 -3.895  -4.482  1.00 5.76   ? 34  THR A CG2   1 
ATOM   237  N N     . LEU A 1 34  ? -11.545 -1.787  -1.854  1.00 14.31  ? 35  LEU A N     1 
ATOM   238  C CA    . LEU A 1 34  ? -10.779 -2.062  -0.653  1.00 23.72  ? 35  LEU A CA    1 
ATOM   239  C C     . LEU A 1 34  ? -10.647 -3.583  -0.500  1.00 16.18  ? 35  LEU A C     1 
ATOM   240  O O     . LEU A 1 34  ? -11.666 -4.288  -0.438  1.00 11.80  ? 35  LEU A O     1 
ATOM   241  C CB    . LEU A 1 34  ? -11.489 -1.512  0.584   1.00 27.82  ? 35  LEU A CB    1 
ATOM   242  C CG    . LEU A 1 34  ? -10.816 -0.557  1.570   1.00 28.62  ? 35  LEU A CG    1 
ATOM   243  C CD1   . LEU A 1 34  ? -11.462 -0.838  2.894   1.00 20.65  ? 35  LEU A CD1   1 
ATOM   244  C CD2   . LEU A 1 34  ? -9.331  -0.784  1.775   1.00 11.11  ? 35  LEU A CD2   1 
ATOM   245  N N     . LEU A 1 35  ? -9.423  -4.118  -0.445  1.00 13.84  ? 36  LEU A N     1 
ATOM   246  C CA    . LEU A 1 35  ? -9.196  -5.533  -0.286  1.00 19.32  ? 36  LEU A CA    1 
ATOM   247  C C     . LEU A 1 35  ? -8.171  -5.820  0.806   1.00 14.97  ? 36  LEU A C     1 
ATOM   248  O O     . LEU A 1 35  ? -7.032  -5.347  0.794   1.00 15.78  ? 36  LEU A O     1 
ATOM   249  C CB    . LEU A 1 35  ? -8.722  -6.121  -1.625  1.00 11.93  ? 36  LEU A CB    1 
ATOM   250  C CG    . LEU A 1 35  ? -8.329  -7.592  -1.696  1.00 6.73   ? 36  LEU A CG    1 
ATOM   251  C CD1   . LEU A 1 35  ? -9.482  -8.533  -1.366  1.00 4.59   ? 36  LEU A CD1   1 
ATOM   252  C CD2   . LEU A 1 35  ? -7.823  -7.805  -3.089  1.00 18.23  ? 36  LEU A CD2   1 
ATOM   253  N N     . ASN A 1 36  ? -8.571  -6.602  1.797   1.00 8.73   ? 37  ASN A N     1 
ATOM   254  C CA    . ASN A 1 36  ? -7.655  -7.086  2.807   1.00 13.61  ? 37  ASN A CA    1 
ATOM   255  C C     . ASN A 1 36  ? -6.838  -8.203  2.177   1.00 10.72  ? 37  ASN A C     1 
ATOM   256  O O     . ASN A 1 36  ? -7.393  -9.092  1.519   1.00 18.48  ? 37  ASN A O     1 
ATOM   257  C CB    . ASN A 1 36  ? -8.430  -7.622  3.997   1.00 14.01  ? 37  ASN A CB    1 
ATOM   258  C CG    . ASN A 1 36  ? -7.581  -7.954  5.210   1.00 17.55  ? 37  ASN A CG    1 
ATOM   259  O OD1   . ASN A 1 36  ? -6.481  -8.505  5.129   1.00 18.53  ? 37  ASN A OD1   1 
ATOM   260  N ND2   . ASN A 1 36  ? -8.083  -7.632  6.384   1.00 17.30  ? 37  ASN A ND2   1 
ATOM   261  N N     . ALA A 1 37  ? -5.522  -8.217  2.439   1.00 20.70  ? 38  ALA A N     1 
ATOM   262  C CA    . ALA A 1 37  ? -4.545  -9.169  1.919   1.00 14.69  ? 38  ALA A CA    1 
ATOM   263  C C     . ALA A 1 37  ? -4.900  -10.583 2.324   1.00 16.78  ? 38  ALA A C     1 
ATOM   264  O O     . ALA A 1 37  ? -4.642  -11.528 1.590   1.00 17.95  ? 38  ALA A O     1 
ATOM   265  C CB    . ALA A 1 37  ? -3.152  -8.864  2.462   1.00 14.31  ? 38  ALA A CB    1 
ATOM   266  N N     . ALA A 1 38  ? -5.588  -10.720 3.459   1.00 14.15  ? 39  ALA A N     1 
ATOM   267  C CA    . ALA A 1 38  ? -6.060  -11.989 3.976   1.00 18.18  ? 39  ALA A CA    1 
ATOM   268  C C     . ALA A 1 38  ? -6.953  -12.737 2.986   1.00 20.89  ? 39  ALA A C     1 
ATOM   269  O O     . ALA A 1 38  ? -6.967  -13.966 2.946   1.00 31.23  ? 39  ALA A O     1 
ATOM   270  C CB    . ALA A 1 38  ? -6.830  -11.722 5.253   1.00 15.92  ? 39  ALA A CB    1 
ATOM   271  N N     . GLU A 1 39  ? -7.655  -12.015 2.117   1.00 24.58  ? 40  GLU A N     1 
ATOM   272  C CA    . GLU A 1 39  ? -8.564  -12.618 1.176   1.00 30.37  ? 40  GLU A CA    1 
ATOM   273  C C     . GLU A 1 39  ? -8.239  -12.314 -0.281  1.00 37.88  ? 40  GLU A C     1 
ATOM   274  O O     . GLU A 1 39  ? -9.092  -12.358 -1.180  1.00 52.10  ? 40  GLU A O     1 
ATOM   275  C CB    . GLU A 1 39  ? -9.974  -12.162 1.562   1.00 29.22  ? 40  GLU A CB    1 
ATOM   276  C CG    . GLU A 1 39  ? -10.263 -10.684 1.716   1.00 74.41  ? 40  GLU A CG    1 
ATOM   277  C CD    . GLU A 1 39  ? -11.518 -10.435 2.535   1.00 94.66  ? 40  GLU A CD    1 
ATOM   278  O OE1   . GLU A 1 39  ? -11.414 -10.399 3.766   1.00 91.68  ? 40  GLU A OE1   1 
ATOM   279  O OE2   . GLU A 1 39  ? -12.586 -10.272 1.937   1.00 100.00 ? 40  GLU A OE2   1 
ATOM   280  N N     . ALA A 1 40  ? -6.968  -12.019 -0.524  1.00 20.36  ? 41  ALA A N     1 
ATOM   281  C CA    . ALA A 1 40  ? -6.514  -11.705 -1.866  1.00 16.46  ? 41  ALA A CA    1 
ATOM   282  C C     . ALA A 1 40  ? -5.659  -12.851 -2.416  1.00 25.53  ? 41  ALA A C     1 
ATOM   283  O O     . ALA A 1 40  ? -5.144  -13.699 -1.675  1.00 26.80  ? 41  ALA A O     1 
ATOM   284  C CB    . ALA A 1 40  ? -5.695  -10.425 -1.834  1.00 13.15  ? 41  ALA A CB    1 
ATOM   285  N N     . SER A 1 41  ? -5.539  -12.887 -3.740  1.00 41.44  ? 42  SER A N     1 
ATOM   286  C CA    . SER A 1 41  ? -4.762  -13.872 -4.467  1.00 31.82  ? 42  SER A CA    1 
ATOM   287  C C     . SER A 1 41  ? -3.899  -13.048 -5.404  1.00 19.14  ? 42  SER A C     1 
ATOM   288  O O     . SER A 1 41  ? -4.406  -12.177 -6.101  1.00 35.83  ? 42  SER A O     1 
ATOM   289  C CB    . SER A 1 41  ? -5.680  -14.787 -5.278  1.00 60.77  ? 42  SER A CB    1 
ATOM   290  O OG    . SER A 1 41  ? -6.737  -15.358 -4.505  1.00 100.00 ? 42  SER A OG    1 
ATOM   291  N N     . ALA A 1 42  ? -2.592  -13.280 -5.415  1.00 37.53  ? 43  ALA A N     1 
ATOM   292  C CA    . ALA A 1 42  ? -1.701  -12.470 -6.233  1.00 39.12  ? 43  ALA A CA    1 
ATOM   293  C C     . ALA A 1 42  ? -1.894  -12.583 -7.736  1.00 20.47  ? 43  ALA A C     1 
ATOM   294  O O     . ALA A 1 42  ? -1.727  -11.614 -8.467  1.00 26.68  ? 43  ALA A O     1 
ATOM   295  C CB    . ALA A 1 42  ? -0.246  -12.828 -5.918  1.00 32.73  ? 43  ALA A CB    1 
ATOM   296  N N     . ASP A 1 43  ? -2.249  -13.780 -8.203  1.00 39.19  ? 44  ASP A N     1 
ATOM   297  C CA    . ASP A 1 43  ? -2.321  -14.088 -9.622  1.00 34.38  ? 44  ASP A CA    1 
ATOM   298  C C     . ASP A 1 43  ? -3.334  -13.213 -10.333 1.00 22.12  ? 44  ASP A C     1 
ATOM   299  O O     . ASP A 1 43  ? -4.535  -13.222 -10.062 1.00 33.39  ? 44  ASP A O     1 
ATOM   300  C CB    . ASP A 1 43  ? -2.690  -15.561 -9.791  1.00 41.20  ? 44  ASP A CB    1 
ATOM   301  N N     . ASN A 1 44  ? -2.726  -12.367 -11.161 1.00 40.17  ? 45  ASN A N     1 
ATOM   302  C CA    . ASN A 1 44  ? -3.391  -11.354 -11.968 1.00 27.54  ? 45  ASN A CA    1 
ATOM   303  C C     . ASN A 1 44  ? -4.311  -10.437 -11.199 1.00 36.38  ? 45  ASN A C     1 
ATOM   304  O O     . ASN A 1 44  ? -5.317  -9.968  -11.739 1.00 24.70  ? 45  ASN A O     1 
ATOM   305  C CB    . ASN A 1 44  ? -4.194  -11.998 -13.096 1.00 24.58  ? 45  ASN A CB    1 
ATOM   306  C CG    . ASN A 1 44  ? -3.283  -12.469 -14.200 1.00 73.19  ? 45  ASN A CG    1 
ATOM   307  O OD1   . ASN A 1 44  ? -3.270  -13.657 -14.504 1.00 55.02  ? 45  ASN A OD1   1 
ATOM   308  N ND2   . ASN A 1 44  ? -2.478  -11.600 -14.818 1.00 43.35  ? 45  ASN A ND2   1 
ATOM   309  N N     . LEU A 1 45  ? -3.897  -10.104 -9.970  1.00 20.65  ? 46  LEU A N     1 
ATOM   310  C CA    . LEU A 1 45  ? -4.678  -9.250  -9.080  1.00 22.24  ? 46  LEU A CA    1 
ATOM   311  C C     . LEU A 1 45  ? -4.921  -7.856  -9.646  1.00 26.15  ? 46  LEU A C     1 
ATOM   312  O O     . LEU A 1 45  ? -5.991  -7.287  -9.447  1.00 23.47  ? 46  LEU A O     1 
ATOM   313  C CB    . LEU A 1 45  ? -3.951  -9.145  -7.746  1.00 20.90  ? 46  LEU A CB    1 
ATOM   314  C CG    . LEU A 1 45  ? -4.607  -8.452  -6.556  1.00 31.57  ? 46  LEU A CG    1 
ATOM   315  C CD1   . LEU A 1 45  ? -6.017  -8.977  -6.300  1.00 35.21  ? 46  LEU A CD1   1 
ATOM   316  C CD2   . LEU A 1 45  ? -3.754  -8.728  -5.342  1.00 34.22  ? 46  LEU A CD2   1 
ATOM   317  N N     . ALA A 1 46  ? -3.966  -7.288  -10.387 1.00 15.35  ? 47  ALA A N     1 
ATOM   318  C CA    . ALA A 1 46  ? -4.104  -5.939  -10.885 1.00 15.84  ? 47  ALA A CA    1 
ATOM   319  C C     . ALA A 1 46  ? -4.944  -5.829  -12.138 1.00 12.42  ? 47  ALA A C     1 
ATOM   320  O O     . ALA A 1 46  ? -5.161  -4.715  -12.624 1.00 24.61  ? 47  ALA A O     1 
ATOM   321  C CB    . ALA A 1 46  ? -2.750  -5.341  -11.198 1.00 17.05  ? 47  ALA A CB    1 
ATOM   322  N N     . ASP A 1 47  ? -5.456  -6.942  -12.676 1.00 26.33  ? 48  ASP A N     1 
ATOM   323  C CA    . ASP A 1 47  ? -6.272  -6.895  -13.876 1.00 21.14  ? 48  ASP A CA    1 
ATOM   324  C C     . ASP A 1 47  ? -7.585  -6.170  -13.654 1.00 21.70  ? 48  ASP A C     1 
ATOM   325  O O     . ASP A 1 47  ? -8.384  -6.424  -12.738 1.00 40.15  ? 48  ASP A O     1 
ATOM   326  C CB    . ASP A 1 47  ? -6.557  -8.298  -14.361 1.00 29.15  ? 48  ASP A CB    1 
ATOM   327  C CG    . ASP A 1 47  ? -5.369  -9.021  -14.984 1.00 51.83  ? 48  ASP A CG    1 
ATOM   328  O OD1   . ASP A 1 47  ? -5.622  -10.056 -15.593 1.00 55.87  ? 48  ASP A OD1   1 
ATOM   329  O OD2   . ASP A 1 47  ? -4.215  -8.584  -14.867 1.00 52.93  ? 48  ASP A OD2   1 
ATOM   330  N N     . GLY A 1 48  ? -7.729  -5.174  -14.515 1.00 28.02  ? 49  GLY A N     1 
ATOM   331  C CA    . GLY A 1 48  ? -8.888  -4.301  -14.502 1.00 39.77  ? 49  GLY A CA    1 
ATOM   332  C C     . GLY A 1 48  ? -8.659  -3.058  -13.673 1.00 25.53  ? 49  GLY A C     1 
ATOM   333  O O     . GLY A 1 48  ? -9.555  -2.242  -13.572 1.00 24.65  ? 49  GLY A O     1 
ATOM   334  N N     . TYR A 1 49  ? -7.495  -2.841  -13.072 1.00 19.41  ? 50  TYR A N     1 
ATOM   335  C CA    . TYR A 1 49  ? -7.277  -1.650  -12.270 1.00 13.42  ? 50  TYR A CA    1 
ATOM   336  C C     . TYR A 1 49  ? -6.210  -0.876  -12.972 1.00 17.79  ? 50  TYR A C     1 
ATOM   337  O O     . TYR A 1 49  ? -5.367  -1.402  -13.703 1.00 25.53  ? 50  TYR A O     1 
ATOM   338  C CB    . TYR A 1 49  ? -6.770  -1.975  -10.887 1.00 17.12  ? 50  TYR A CB    1 
ATOM   339  C CG    . TYR A 1 49  ? -7.812  -2.733  -10.094 1.00 14.39  ? 50  TYR A CG    1 
ATOM   340  C CD1   . TYR A 1 49  ? -8.856  -2.028  -9.517  1.00 5.47   ? 50  TYR A CD1   1 
ATOM   341  C CD2   . TYR A 1 49  ? -7.721  -4.111  -9.972  1.00 14.96  ? 50  TYR A CD2   1 
ATOM   342  C CE1   . TYR A 1 49  ? -9.828  -2.715  -8.812  1.00 16.32  ? 50  TYR A CE1   1 
ATOM   343  C CE2   . TYR A 1 49  ? -8.690  -4.798  -9.263  1.00 10.30  ? 50  TYR A CE2   1 
ATOM   344  C CZ    . TYR A 1 49  ? -9.743  -4.089  -8.681  1.00 15.73  ? 50  TYR A CZ    1 
ATOM   345  O OH    . TYR A 1 49  ? -10.693 -4.737  -7.909  1.00 22.72  ? 50  TYR A OH    1 
ATOM   346  N N     . ASP A 1 50  ? -6.319  0.408   -12.768 1.00 19.31  ? 51  ASP A N     1 
ATOM   347  C CA    . ASP A 1 50  ? -5.347  1.302   -13.348 1.00 20.38  ? 51  ASP A CA    1 
ATOM   348  C C     . ASP A 1 50  ? -4.225  1.614   -12.373 1.00 23.83  ? 51  ASP A C     1 
ATOM   349  O O     . ASP A 1 50  ? -3.122  1.936   -12.807 1.00 17.59  ? 51  ASP A O     1 
ATOM   350  C CB    . ASP A 1 50  ? -6.071  2.580   -13.788 1.00 23.61  ? 51  ASP A CB    1 
ATOM   351  C CG    . ASP A 1 50  ? -7.147  2.258   -14.828 1.00 39.18  ? 51  ASP A CG    1 
ATOM   352  O OD1   . ASP A 1 50  ? -8.332  2.423   -14.537 1.00 29.30  ? 51  ASP A OD1   1 
ATOM   353  O OD2   . ASP A 1 50  ? -6.800  1.801   -15.919 1.00 35.62  ? 51  ASP A OD2   1 
ATOM   354  N N     . ALA A 1 51  ? -4.500  1.539   -11.063 1.00 20.00  ? 52  ALA A N     1 
ATOM   355  C CA    . ALA A 1 51  ? -3.576  1.877   -10.002 1.00 11.29  ? 52  ALA A CA    1 
ATOM   356  C C     . ALA A 1 51  ? -3.846  0.942   -8.848  1.00 11.45  ? 52  ALA A C     1 
ATOM   357  O O     . ALA A 1 51  ? -4.996  0.507   -8.657  1.00 14.37  ? 52  ALA A O     1 
ATOM   358  C CB    . ALA A 1 51  ? -3.793  3.299   -9.509  1.00 13.66  ? 52  ALA A CB    1 
ATOM   359  N N     . VAL A 1 52  ? -2.755  0.544   -8.181  1.00 16.44  ? 53  VAL A N     1 
ATOM   360  C CA    . VAL A 1 52  ? -2.812  -0.280  -6.981  1.00 18.46  ? 53  VAL A CA    1 
ATOM   361  C C     . VAL A 1 52  ? -2.045  0.469   -5.881  1.00 12.79  ? 53  VAL A C     1 
ATOM   362  O O     . VAL A 1 52  ? -0.915  0.948   -6.069  1.00 11.83  ? 53  VAL A O     1 
ATOM   363  C CB    . VAL A 1 52  ? -2.179  -1.662  -7.239  1.00 18.85  ? 53  VAL A CB    1 
ATOM   364  C CG1   . VAL A 1 52  ? -2.413  -2.519  -5.992  1.00 17.92  ? 53  VAL A CG1   1 
ATOM   365  C CG2   . VAL A 1 52  ? -2.798  -2.348  -8.488  1.00 15.92  ? 53  VAL A CG2   1 
ATOM   366  N N     . LEU A 1 53  ? -2.702  0.680   -4.744  1.00 15.48  ? 54  LEU A N     1 
ATOM   367  C CA    . LEU A 1 53  ? -2.091  1.303   -3.583  1.00 20.19  ? 54  LEU A CA    1 
ATOM   368  C C     . LEU A 1 53  ? -1.914  0.130   -2.650  1.00 17.64  ? 54  LEU A C     1 
ATOM   369  O O     . LEU A 1 53  ? -2.928  -0.472  -2.305  1.00 12.79  ? 54  LEU A O     1 
ATOM   370  C CB    . LEU A 1 53  ? -3.011  2.342   -2.930  1.00 13.73  ? 54  LEU A CB    1 
ATOM   371  C CG    . LEU A 1 53  ? -3.531  3.492   -3.798  1.00 21.63  ? 54  LEU A CG    1 
ATOM   372  C CD1   . LEU A 1 53  ? -4.162  4.513   -2.896  1.00 17.49  ? 54  LEU A CD1   1 
ATOM   373  C CD2   . LEU A 1 53  ? -2.413  4.151   -4.587  1.00 16.00  ? 54  LEU A CD2   1 
ATOM   374  N N     . MET A 1 54  ? -0.688  -0.266  -2.291  1.00 17.93  ? 55  MET A N     1 
ATOM   375  C CA    . MET A 1 54  ? -0.434  -1.433  -1.447  1.00 12.50  ? 55  MET A CA    1 
ATOM   376  C C     . MET A 1 54  ? 0.265   -0.984  -0.182  1.00 10.52  ? 55  MET A C     1 
ATOM   377  O O     . MET A 1 54  ? 1.117   -0.096  -0.222  1.00 13.00  ? 55  MET A O     1 
ATOM   378  C CB    . MET A 1 54  ? 0.521   -2.416  -2.026  1.00 12.38  ? 55  MET A CB    1 
ATOM   379  C CG    . MET A 1 54  ? 0.192   -2.995  -3.323  1.00 21.50  ? 55  MET A CG    1 
ATOM   380  S SD    . MET A 1 54  ? 1.674   -3.888  -3.813  1.00 21.39  ? 55  MET A SD    1 
ATOM   381  C CE    . MET A 1 54  ? 0.830   -4.673  -5.146  1.00 24.88  ? 55  MET A CE    1 
ATOM   382  N N     . GLY A 1 55  ? -0.024  -1.583  0.948   1.00 17.20  ? 56  GLY A N     1 
ATOM   383  C CA    . GLY A 1 55  ? 0.675   -1.215  2.144   1.00 13.34  ? 56  GLY A CA    1 
ATOM   384  C C     . GLY A 1 55  ? 0.548   -2.247  3.234   1.00 14.73  ? 56  GLY A C     1 
ATOM   385  O O     . GLY A 1 55  ? -0.436  -3.004  3.288   1.00 15.55  ? 56  GLY A O     1 
ATOM   386  N N     . CYS A 1 56  ? 1.558   -2.297  4.103   1.00 21.59  ? 57  CYS A N     1 
ATOM   387  C CA    . CYS A 1 56  ? 1.492   -3.172  5.254   1.00 17.76  ? 57  CYS A CA    1 
ATOM   388  C C     . CYS A 1 56  ? 2.562   -2.801  6.272   1.00 8.78   ? 57  CYS A C     1 
ATOM   389  O O     . CYS A 1 56  ? 3.471   -2.009  6.000   1.00 17.21  ? 57  CYS A O     1 
ATOM   390  C CB    . CYS A 1 56  ? 1.641   -4.658  4.806   1.00 13.21  ? 57  CYS A CB    1 
ATOM   391  S SG    . CYS A 1 56  ? 3.293   -5.230  4.328   1.00 16.00  ? 57  CYS A SG    1 
ATOM   392  N N     . SER A 1 57  ? 2.367   -3.340  7.480   1.00 11.51  ? 58  SER A N     1 
ATOM   393  C CA    . SER A 1 57  ? 3.281   -3.256  8.612   1.00 9.33   ? 58  SER A CA    1 
ATOM   394  C C     . SER A 1 57  ? 4.461   -4.232  8.492   1.00 12.31  ? 58  SER A C     1 
ATOM   395  O O     . SER A 1 57  ? 4.365   -5.241  7.750   1.00 10.32  ? 58  SER A O     1 
ATOM   396  C CB    . SER A 1 57  ? 2.443   -3.526  9.872   1.00 3.88   ? 58  SER A CB    1 
ATOM   397  O OG    . SER A 1 57  ? 1.577   -4.677  9.756   1.00 10.64  ? 58  SER A OG    1 
ATOM   398  N N     . ALA A 1 58  ? 5.565   -3.958  9.213   1.00 12.45  ? 59  ALA A N     1 
ATOM   399  C CA    . ALA A 1 58  ? 6.768   -4.798  9.190   1.00 9.02   ? 59  ALA A CA    1 
ATOM   400  C C     . ALA A 1 58  ? 6.863   -5.343  10.590  1.00 10.17  ? 59  ALA A C     1 
ATOM   401  O O     . ALA A 1 58  ? 6.389   -4.743  11.560  1.00 7.85   ? 59  ALA A O     1 
ATOM   402  C CB    . ALA A 1 58  ? 8.016   -3.992  8.892   1.00 4.23   ? 59  ALA A CB    1 
ATOM   403  N N     . TRP A 1 59  ? 7.413   -6.543  10.713  1.00 10.76  ? 60  TRP A N     1 
ATOM   404  C CA    . TRP A 1 59  ? 7.363   -7.314  11.943  1.00 10.27  ? 60  TRP A CA    1 
ATOM   405  C C     . TRP A 1 59  ? 8.678   -7.971  12.343  1.00 23.98  ? 60  TRP A C     1 
ATOM   406  O O     . TRP A 1 59  ? 8.692   -8.755  13.302  1.00 14.60  ? 60  TRP A O     1 
ATOM   407  C CB    . TRP A 1 59  ? 6.261   -8.385  11.784  1.00 8.20   ? 60  TRP A CB    1 
ATOM   408  C CG    . TRP A 1 59  ? 4.900   -7.720  11.839  1.00 16.15  ? 60  TRP A CG    1 
ATOM   409  C CD1   . TRP A 1 59  ? 4.270   -7.341  10.683  1.00 8.37   ? 60  TRP A CD1   1 
ATOM   410  C CD2   . TRP A 1 59  ? 4.217   -7.328  12.963  1.00 12.43  ? 60  TRP A CD2   1 
ATOM   411  N NE1   . TRP A 1 59  ? 3.188   -6.685  11.053  1.00 11.14  ? 60  TRP A NE1   1 
ATOM   412  C CE2   . TRP A 1 59  ? 3.119   -6.655  12.393  1.00 16.11  ? 60  TRP A CE2   1 
ATOM   413  C CE3   . TRP A 1 59  ? 4.328   -7.405  14.348  1.00 8.90   ? 60  TRP A CE3   1 
ATOM   414  C CZ2   . TRP A 1 59  ? 2.127   -6.055  13.169  1.00 26.55  ? 60  TRP A CZ2   1 
ATOM   415  C CZ3   . TRP A 1 59  ? 3.337   -6.801  15.136  1.00 21.24  ? 60  TRP A CZ3   1 
ATOM   416  C CH2   . TRP A 1 59  ? 2.245   -6.131  14.558  1.00 18.10  ? 60  TRP A CH2   1 
ATOM   417  N N     . GLY A 1 60  ? 9.809   -7.664  11.706  1.00 14.05  ? 61  GLY A N     1 
ATOM   418  C CA    . GLY A 1 60  ? 11.006  -8.439  11.998  1.00 26.33  ? 61  GLY A CA    1 
ATOM   419  C C     . GLY A 1 60  ? 12.174  -7.724  12.652  1.00 37.37  ? 61  GLY A C     1 
ATOM   420  O O     . GLY A 1 60  ? 13.244  -8.334  12.705  1.00 41.23  ? 61  GLY A O     1 
ATOM   421  N N     . MET A 1 61  ? 12.071  -6.467  13.119  1.00 25.23  ? 62  MET A N     1 
ATOM   422  C CA    . MET A 1 61  ? 13.166  -5.739  13.767  1.00 34.44  ? 62  MET A CA    1 
ATOM   423  C C     . MET A 1 61  ? 14.442  -5.790  12.911  1.00 14.69  ? 62  MET A C     1 
ATOM   424  O O     . MET A 1 61  ? 14.461  -5.131  11.863  1.00 25.88  ? 62  MET A O     1 
ATOM   425  C CB    . MET A 1 61  ? 13.417  -6.340  15.171  1.00 30.61  ? 62  MET A CB    1 
ATOM   426  C CG    . MET A 1 61  ? 12.211  -6.255  16.118  1.00 100.00 ? 62  MET A CG    1 
ATOM   427  S SD    . MET A 1 61  ? 12.311  -7.179  17.684  1.00 54.70  ? 62  MET A SD    1 
ATOM   428  C CE    . MET A 1 61  ? 11.391  -8.621  17.213  1.00 76.50  ? 62  MET A CE    1 
ATOM   429  N N     . GLU A 1 62  ? 15.442  -6.638  13.224  1.00 29.10  ? 63  GLU A N     1 
ATOM   430  C CA    . GLU A 1 62  ? 16.715  -6.719  12.520  1.00 26.18  ? 63  GLU A CA    1 
ATOM   431  C C     . GLU A 1 62  ? 16.572  -7.113  11.055  1.00 39.34  ? 63  GLU A C     1 
ATOM   432  O O     . GLU A 1 62  ? 17.328  -6.644  10.193  1.00 19.64  ? 63  GLU A O     1 
ATOM   433  C CB    . GLU A 1 62  ? 17.631  -7.745  13.213  1.00 27.74  ? 63  GLU A CB    1 
ATOM   434  N N     . ASP A 1 63  ? 15.581  -7.947  10.741  1.00 16.11  ? 64  ASP A N     1 
ATOM   435  C CA    . ASP A 1 63  ? 15.311  -8.333  9.365   1.00 28.48  ? 64  ASP A CA    1 
ATOM   436  C C     . ASP A 1 63  ? 13.996  -7.725  8.911   1.00 19.36  ? 64  ASP A C     1 
ATOM   437  O O     . ASP A 1 63  ? 13.162  -7.314  9.720   1.00 24.94  ? 64  ASP A O     1 
ATOM   438  C CB    . ASP A 1 63  ? 15.179  -9.837  9.207   1.00 35.69  ? 64  ASP A CB    1 
ATOM   439  C CG    . ASP A 1 63  ? 16.487  -10.578 9.351   1.00 59.90  ? 64  ASP A CG    1 
ATOM   440  O OD1   . ASP A 1 63  ? 16.703  -11.151 10.418  1.00 59.52  ? 64  ASP A OD1   1 
ATOM   441  O OD2   . ASP A 1 63  ? 17.270  -10.586 8.399   1.00 96.80  ? 64  ASP A OD2   1 
ATOM   442  N N     . LEU A 1 64  ? 13.813  -7.565  7.614   1.00 15.22  ? 65  LEU A N     1 
ATOM   443  C CA    . LEU A 1 64  ? 12.525  -7.136  7.145   1.00 17.38  ? 65  LEU A CA    1 
ATOM   444  C C     . LEU A 1 64  ? 11.657  -8.388  7.105   1.00 22.50  ? 65  LEU A C     1 
ATOM   445  O O     . LEU A 1 64  ? 12.014  -9.433  6.548   1.00 24.57  ? 65  LEU A O     1 
ATOM   446  C CB    . LEU A 1 64  ? 12.643  -6.532  5.760   1.00 15.13  ? 65  LEU A CB    1 
ATOM   447  C CG    . LEU A 1 64  ? 11.341  -5.999  5.181   1.00 16.12  ? 65  LEU A CG    1 
ATOM   448  C CD1   . LEU A 1 64  ? 10.863  -4.803  5.993   1.00 17.88  ? 65  LEU A CD1   1 
ATOM   449  C CD2   . LEU A 1 64  ? 11.557  -5.690  3.727   1.00 29.34  ? 65  LEU A CD2   1 
ATOM   450  N N     . GLU A 1 65  ? 10.529  -8.304  7.773   1.00 15.17  ? 66  GLU A N     1 
ATOM   451  C CA    . GLU A 1 65  ? 9.572   -9.384  7.700   1.00 10.13  ? 66  GLU A CA    1 
ATOM   452  C C     . GLU A 1 65  ? 8.252   -8.641  7.530   1.00 18.32  ? 66  GLU A C     1 
ATOM   453  O O     . GLU A 1 65  ? 7.921   -7.776  8.336   1.00 16.58  ? 66  GLU A O     1 
ATOM   454  C CB    . GLU A 1 65  ? 9.650   -10.163 9.006   1.00 23.89  ? 66  GLU A CB    1 
ATOM   455  C CG    . GLU A 1 65  ? 8.794   -11.421 9.114   1.00 79.63  ? 66  GLU A CG    1 
ATOM   456  C CD    . GLU A 1 65  ? 8.776   -12.055 10.506  1.00 64.81  ? 66  GLU A CD    1 
ATOM   457  O OE1   . GLU A 1 65  ? 7.685   -12.207 11.065  1.00 38.32  ? 66  GLU A OE1   1 
ATOM   458  O OE2   . GLU A 1 65  ? 9.844   -12.397 11.028  1.00 53.76  ? 66  GLU A OE2   1 
ATOM   459  N N     . LEU A 1 66  ? 7.504   -8.903  6.479   1.00 17.73  ? 67  LEU A N     1 
ATOM   460  C CA    . LEU A 1 66  ? 6.231   -8.261  6.215   1.00 13.21  ? 67  LEU A CA    1 
ATOM   461  C C     . LEU A 1 66  ? 5.089   -8.911  6.972   1.00 9.57   ? 67  LEU A C     1 
ATOM   462  O O     . LEU A 1 66  ? 5.170   -10.073 7.406   1.00 11.40  ? 67  LEU A O     1 
ATOM   463  C CB    . LEU A 1 66  ? 6.017   -8.316  4.703   1.00 11.13  ? 67  LEU A CB    1 
ATOM   464  C CG    . LEU A 1 66  ? 6.447   -7.094  3.878   1.00 23.09  ? 67  LEU A CG    1 
ATOM   465  C CD1   . LEU A 1 66  ? 7.686   -6.418  4.398   1.00 18.61  ? 67  LEU A CD1   1 
ATOM   466  C CD2   . LEU A 1 66  ? 6.710   -7.566  2.501   1.00 28.35  ? 67  LEU A CD2   1 
ATOM   467  N N     . GLN A 1 67  ? 4.028   -8.137  7.185   1.00 12.22  ? 68  GLN A N     1 
ATOM   468  C CA    . GLN A 1 67  ? 2.786   -8.626  7.775   1.00 14.73  ? 68  GLN A CA    1 
ATOM   469  C C     . GLN A 1 67  ? 2.354   -9.981  7.179   1.00 18.39  ? 68  GLN A C     1 
ATOM   470  O O     . GLN A 1 67  ? 2.305   -10.136 5.958   1.00 16.75  ? 68  GLN A O     1 
ATOM   471  C CB    . GLN A 1 67  ? 1.731   -7.536  7.544   1.00 11.10  ? 68  GLN A CB    1 
ATOM   472  C CG    . GLN A 1 67  ? 0.556   -7.610  8.542   1.00 11.42  ? 68  GLN A CG    1 
ATOM   473  C CD    . GLN A 1 67  ? -0.531  -8.602  8.133   1.00 11.29  ? 68  GLN A CD    1 
ATOM   474  O OE1   . GLN A 1 67  ? -0.677  -8.897  6.954   1.00 14.54  ? 68  GLN A OE1   1 
ATOM   475  N NE2   . GLN A 1 67  ? -1.329  -9.195  9.007   1.00 8.73   ? 68  GLN A NE2   1 
ATOM   476  N N     . ASP A 1 68  ? 1.989   -10.953 8.010   1.00 14.49  ? 69  ASP A N     1 
ATOM   477  C CA    . ASP A 1 68  ? 1.644   -12.326 7.598   1.00 16.01  ? 69  ASP A CA    1 
ATOM   478  C C     . ASP A 1 68  ? 0.700   -12.489 6.425   1.00 11.99  ? 69  ASP A C     1 
ATOM   479  O O     . ASP A 1 68  ? 0.930   -13.330 5.555   1.00 24.72  ? 69  ASP A O     1 
ATOM   480  C CB    . ASP A 1 68  ? 1.006   -13.139 8.739   1.00 20.64  ? 69  ASP A CB    1 
ATOM   481  C CG    . ASP A 1 68  ? 1.899   -13.459 9.940   1.00 62.25  ? 69  ASP A CG    1 
ATOM   482  O OD1   . ASP A 1 68  ? 1.447   -13.246 11.066  1.00 100.00 ? 69  ASP A OD1   1 
ATOM   483  O OD2   . ASP A 1 68  ? 3.026   -13.926 9.760   1.00 73.34  ? 69  ASP A OD2   1 
ATOM   484  N N     . ASP A 1 69  ? -0.356  -11.691 6.358   1.00 13.10  ? 70  ASP A N     1 
ATOM   485  C CA    . ASP A 1 69  ? -1.268  -11.817 5.246   1.00 19.83  ? 70  ASP A CA    1 
ATOM   486  C C     . ASP A 1 69  ? -0.692  -11.241 3.982   1.00 16.43  ? 70  ASP A C     1 
ATOM   487  O O     . ASP A 1 69  ? -1.052  -11.672 2.900   1.00 15.28  ? 70  ASP A O     1 
ATOM   488  C CB    . ASP A 1 69  ? -2.573  -11.115 5.557   1.00 11.04  ? 70  ASP A CB    1 
ATOM   489  C CG    . ASP A 1 69  ? -3.281  -11.725 6.747   1.00 14.73  ? 70  ASP A CG    1 
ATOM   490  O OD1   . ASP A 1 69  ? -3.555  -12.924 6.726   1.00 33.23  ? 70  ASP A OD1   1 
ATOM   491  O OD2   . ASP A 1 69  ? -3.582  -10.987 7.676   1.00 17.54  ? 70  ASP A OD2   1 
ATOM   492  N N     . PHE A 1 70  ? 0.191   -10.250 4.080   1.00 13.91  ? 71  PHE A N     1 
ATOM   493  C CA    . PHE A 1 70  ? 0.700   -9.570  2.907   1.00 13.16  ? 71  PHE A CA    1 
ATOM   494  C C     . PHE A 1 70  ? 1.928   -10.244 2.307   1.00 10.51  ? 71  PHE A C     1 
ATOM   495  O O     . PHE A 1 70  ? 2.109   -10.238 1.088   1.00 19.09  ? 71  PHE A O     1 
ATOM   496  C CB    . PHE A 1 70  ? 1.025   -8.083  3.274   1.00 13.50  ? 71  PHE A CB    1 
ATOM   497  C CG    . PHE A 1 70  ? 1.251   -7.165  2.053   1.00 13.53  ? 71  PHE A CG    1 
ATOM   498  C CD1   . PHE A 1 70  ? 2.519   -7.076  1.434   1.00 9.30   ? 71  PHE A CD1   1 
ATOM   499  C CD2   . PHE A 1 70  ? 0.160   -6.453  1.518   1.00 22.18  ? 71  PHE A CD2   1 
ATOM   500  C CE1   . PHE A 1 70  ? 2.673   -6.287  0.283   1.00 19.49  ? 71  PHE A CE1   1 
ATOM   501  C CE2   . PHE A 1 70  ? 0.329   -5.669  0.373   1.00 17.96  ? 71  PHE A CE2   1 
ATOM   502  C CZ    . PHE A 1 70  ? 1.586   -5.589  -0.246  1.00 17.27  ? 71  PHE A CZ    1 
ATOM   503  N N     . ALA A 1 71  ? 2.782   -10.810 3.152   1.00 12.22  ? 72  ALA A N     1 
ATOM   504  C CA    . ALA A 1 71  ? 4.028   -11.417 2.751   1.00 13.80  ? 72  ALA A CA    1 
ATOM   505  C C     . ALA A 1 71  ? 3.932   -12.439 1.624   1.00 16.17  ? 72  ALA A C     1 
ATOM   506  O O     . ALA A 1 71  ? 4.728   -12.274 0.693   1.00 19.25  ? 72  ALA A O     1 
ATOM   507  C CB    . ALA A 1 71  ? 4.659   -12.068 3.969   1.00 21.25  ? 72  ALA A CB    1 
ATOM   508  N N     . PRO A 1 72  ? 3.025   -13.438 1.518   1.00 22.30  ? 73  PRO A N     1 
ATOM   509  C CA    . PRO A 1 72  ? 2.918   -14.294 0.337   1.00 30.74  ? 73  PRO A CA    1 
ATOM   510  C C     . PRO A 1 72  ? 2.594   -13.522 -0.928  1.00 33.17  ? 73  PRO A C     1 
ATOM   511  O O     . PRO A 1 72  ? 3.126   -13.844 -1.990  1.00 22.80  ? 73  PRO A O     1 
ATOM   512  C CB    . PRO A 1 72  ? 1.862   -15.314 0.690   1.00 16.34  ? 73  PRO A CB    1 
ATOM   513  C CG    . PRO A 1 72  ? 1.069   -14.681 1.815   1.00 24.43  ? 73  PRO A CG    1 
ATOM   514  C CD    . PRO A 1 72  ? 2.141   -13.942 2.561   1.00 12.27  ? 73  PRO A CD    1 
ATOM   515  N N     . LEU A 1 73  ? 1.784   -12.460 -0.824  1.00 18.28  ? 74  LEU A N     1 
ATOM   516  C CA    . LEU A 1 73  ? 1.407   -11.645 -1.975  1.00 17.16  ? 74  LEU A CA    1 
ATOM   517  C C     . LEU A 1 73  ? 2.615   -10.855 -2.465  1.00 24.73  ? 74  LEU A C     1 
ATOM   518  O O     . LEU A 1 73  ? 2.841   -10.746 -3.673  1.00 18.85  ? 74  LEU A O     1 
ATOM   519  C CB    . LEU A 1 73  ? 0.241   -10.723 -1.558  1.00 45.83  ? 74  LEU A CB    1 
ATOM   520  C CG    . LEU A 1 73  ? -1.245  -11.050 -1.844  1.00 27.70  ? 74  LEU A CG    1 
ATOM   521  C CD1   . LEU A 1 73  ? -1.623  -12.494 -1.580  1.00 24.90  ? 74  LEU A CD1   1 
ATOM   522  C CD2   . LEU A 1 73  ? -2.056  -10.176 -0.929  1.00 14.68  ? 74  LEU A CD2   1 
ATOM   523  N N     . PHE A 1 74  ? 3.433   -10.365 -1.525  1.00 20.08  ? 75  PHE A N     1 
ATOM   524  C CA    . PHE A 1 74  ? 4.667   -9.659  -1.834  1.00 23.29  ? 75  PHE A CA    1 
ATOM   525  C C     . PHE A 1 74  ? 5.584   -10.605 -2.586  1.00 32.83  ? 75  PHE A C     1 
ATOM   526  O O     . PHE A 1 74  ? 6.120   -10.261 -3.633  1.00 25.42  ? 75  PHE A O     1 
ATOM   527  C CB    . PHE A 1 74  ? 5.380   -9.188  -0.552  1.00 14.92  ? 75  PHE A CB    1 
ATOM   528  C CG    . PHE A 1 74  ? 6.679   -8.452  -0.856  1.00 14.07  ? 75  PHE A CG    1 
ATOM   529  C CD1   . PHE A 1 74  ? 7.913   -9.074  -0.635  1.00 31.05  ? 75  PHE A CD1   1 
ATOM   530  C CD2   . PHE A 1 74  ? 6.634   -7.159  -1.405  1.00 20.83  ? 75  PHE A CD2   1 
ATOM   531  C CE1   . PHE A 1 74  ? 9.093   -8.396  -0.969  1.00 17.34  ? 75  PHE A CE1   1 
ATOM   532  C CE2   . PHE A 1 74  ? 7.818   -6.495  -1.732  1.00 14.76  ? 75  PHE A CE2   1 
ATOM   533  C CZ    . PHE A 1 74  ? 9.048   -7.111  -1.517  1.00 19.93  ? 75  PHE A CZ    1 
ATOM   534  N N     . ASP A 1 75  ? 5.754   -11.816 -2.074  1.00 27.22  ? 76  ASP A N     1 
ATOM   535  C CA    . ASP A 1 75  ? 6.573   -12.821 -2.728  1.00 29.65  ? 76  ASP A CA    1 
ATOM   536  C C     . ASP A 1 75  ? 6.104   -13.174 -4.127  1.00 33.22  ? 76  ASP A C     1 
ATOM   537  O O     . ASP A 1 75  ? 6.934   -13.490 -4.985  1.00 33.24  ? 76  ASP A O     1 
ATOM   538  C CB    . ASP A 1 75  ? 6.620   -14.100 -1.867  1.00 23.84  ? 76  ASP A CB    1 
ATOM   539  C CG    . ASP A 1 75  ? 7.337   -13.921 -0.521  1.00 32.05  ? 76  ASP A CG    1 
ATOM   540  O OD1   . ASP A 1 75  ? 7.072   -14.700 0.404   1.00 42.49  ? 76  ASP A OD1   1 
ATOM   541  O OD2   . ASP A 1 75  ? 8.162   -13.005 -0.398  1.00 49.64  ? 76  ASP A OD2   1 
ATOM   542  N N     . GLU A 1 76  ? 4.808   -13.077 -4.410  1.00 21.53  ? 77  GLU A N     1 
ATOM   543  C CA    . GLU A 1 76  ? 4.286   -13.394 -5.726  1.00 24.78  ? 77  GLU A CA    1 
ATOM   544  C C     . GLU A 1 76  ? 3.928   -12.156 -6.522  1.00 25.65  ? 77  GLU A C     1 
ATOM   545  O O     . GLU A 1 76  ? 3.092   -12.214 -7.440  1.00 31.32  ? 77  GLU A O     1 
ATOM   546  C CB    . GLU A 1 76  ? 3.048   -14.274 -5.589  1.00 37.34  ? 77  GLU A CB    1 
ATOM   547  C CG    . GLU A 1 76  ? 3.268   -15.701 -5.103  1.00 58.53  ? 77  GLU A CG    1 
ATOM   548  C CD    . GLU A 1 76  ? 1.970   -16.355 -4.657  1.00 84.74  ? 77  GLU A CD    1 
ATOM   549  O OE1   . GLU A 1 76  ? 1.120   -16.625 -5.508  1.00 100.00 ? 77  GLU A OE1   1 
ATOM   550  O OE2   . GLU A 1 76  ? 1.809   -16.580 -3.455  1.00 77.69  ? 77  GLU A OE2   1 
ATOM   551  N N     . MET A 1 77  ? 4.587   -11.029 -6.240  1.00 24.93  ? 78  MET A N     1 
ATOM   552  C CA    . MET A 1 77  ? 4.266   -9.781  -6.896  1.00 27.23  ? 78  MET A CA    1 
ATOM   553  C C     . MET A 1 77  ? 4.424   -9.891  -8.396  1.00 24.66  ? 78  MET A C     1 
ATOM   554  O O     . MET A 1 77  ? 3.682   -9.262  -9.158  1.00 23.01  ? 78  MET A O     1 
ATOM   555  C CB    . MET A 1 77  ? 5.163   -8.687  -6.330  1.00 14.85  ? 78  MET A CB    1 
ATOM   556  C CG    . MET A 1 77  ? 4.530   -7.309  -6.479  1.00 19.77  ? 78  MET A CG    1 
ATOM   557  S SD    . MET A 1 77  ? 5.429   -5.900  -5.773  1.00 33.68  ? 78  MET A SD    1 
ATOM   558  C CE    . MET A 1 77  ? 4.786   -6.170  -4.153  1.00 21.65  ? 78  MET A CE    1 
ATOM   559  N N     . GLU A 1 78  ? 5.342   -10.745 -8.858  1.00 22.50  ? 79  GLU A N     1 
ATOM   560  C CA    . GLU A 1 78  ? 5.580   -10.977 -10.282 1.00 27.96  ? 79  GLU A CA    1 
ATOM   561  C C     . GLU A 1 78  ? 4.331   -11.460 -11.024 1.00 26.00  ? 79  GLU A C     1 
ATOM   562  O O     . GLU A 1 78  ? 4.128   -11.119 -12.193 1.00 37.12  ? 79  GLU A O     1 
ATOM   563  C CB    . GLU A 1 78  ? 6.691   -12.001 -10.442 1.00 39.53  ? 79  GLU A CB    1 
ATOM   564  C CG    . GLU A 1 78  ? 7.297   -11.998 -11.850 1.00 100.00 ? 79  GLU A CG    1 
ATOM   565  C CD    . GLU A 1 78  ? 8.477   -12.943 -12.073 1.00 100.00 ? 79  GLU A CD    1 
ATOM   566  O OE1   . GLU A 1 78  ? 9.604   -12.570 -11.732 1.00 100.00 ? 79  GLU A OE1   1 
ATOM   567  O OE2   . GLU A 1 78  ? 8.269   -14.037 -12.606 1.00 100.00 ? 79  GLU A OE2   1 
ATOM   568  N N     . ASN A 1 79  ? 3.418   -12.133 -10.322 1.00 24.55  ? 80  ASN A N     1 
ATOM   569  C CA    . ASN A 1 79  ? 2.195   -12.684 -10.904 1.00 27.99  ? 80  ASN A CA    1 
ATOM   570  C C     . ASN A 1 79  ? 1.011   -11.737 -10.989 1.00 29.57  ? 80  ASN A C     1 
ATOM   571  O O     . ASN A 1 79  ? 0.002   -12.070 -11.614 1.00 20.15  ? 80  ASN A O     1 
ATOM   572  C CB    . ASN A 1 79  ? 1.704   -13.888 -10.116 1.00 29.29  ? 80  ASN A CB    1 
ATOM   573  C CG    . ASN A 1 79  ? 2.600   -15.118 -10.092 1.00 42.78  ? 80  ASN A CG    1 
ATOM   574  O OD1   . ASN A 1 79  ? 3.701   -15.172 -10.644 1.00 36.28  ? 80  ASN A OD1   1 
ATOM   575  N ND2   . ASN A 1 79  ? 2.129   -16.156 -9.420  1.00 65.87  ? 80  ASN A ND2   1 
ATOM   576  N N     . MET A 1 80  ? 1.074   -10.569 -10.355 1.00 29.52  ? 81  MET A N     1 
ATOM   577  C CA    . MET A 1 80  ? -0.047  -9.641  -10.250 1.00 22.58  ? 81  MET A CA    1 
ATOM   578  C C     . MET A 1 80  ? -0.469  -8.915  -11.501 1.00 18.15  ? 81  MET A C     1 
ATOM   579  O O     . MET A 1 80  ? -1.627  -8.510  -11.631 1.00 23.59  ? 81  MET A O     1 
ATOM   580  C CB    . MET A 1 80  ? 0.251   -8.594  -9.187  1.00 14.82  ? 81  MET A CB    1 
ATOM   581  C CG    . MET A 1 80  ? 0.119   -9.198  -7.825  1.00 19.70  ? 81  MET A CG    1 
ATOM   582  S SD    . MET A 1 80  ? 0.599   -7.960  -6.626  1.00 28.42  ? 81  MET A SD    1 
ATOM   583  C CE    . MET A 1 80  ? 0.418   -8.979  -5.183  1.00 18.75  ? 81  MET A CE    1 
ATOM   584  N N     . GLY A 1 81  ? 0.457   -8.714  -12.425 1.00 46.84  ? 82  GLY A N     1 
ATOM   585  C CA    . GLY A 1 81  ? 0.150   -7.999  -13.655 1.00 33.30  ? 82  GLY A CA    1 
ATOM   586  C C     . GLY A 1 81  ? 0.297   -6.495  -13.447 1.00 34.91  ? 82  GLY A C     1 
ATOM   587  O O     . GLY A 1 81  ? -0.532  -5.707  -13.897 1.00 28.65  ? 82  GLY A O     1 
ATOM   588  N N     . LEU A 1 82  ? 1.402   -6.090  -12.820 1.00 20.67  ? 83  LEU A N     1 
ATOM   589  C CA    . LEU A 1 82  ? 1.619   -4.702  -12.459 1.00 22.82  ? 83  LEU A CA    1 
ATOM   590  C C     . LEU A 1 82  ? 2.303   -3.891  -13.541 1.00 18.97  ? 83  LEU A C     1 
ATOM   591  O O     . LEU A 1 82  ? 2.331   -2.664  -13.435 1.00 14.95  ? 83  LEU A O     1 
ATOM   592  C CB    . LEU A 1 82  ? 2.438   -4.691  -11.183 1.00 22.30  ? 83  LEU A CB    1 
ATOM   593  C CG    . LEU A 1 82  ? 1.856   -4.432  -9.803  1.00 25.66  ? 83  LEU A CG    1 
ATOM   594  C CD1   . LEU A 1 82  ? 0.412   -4.821  -9.669  1.00 36.32  ? 83  LEU A CD1   1 
ATOM   595  C CD2   . LEU A 1 82  ? 2.706   -5.229  -8.840  1.00 23.99  ? 83  LEU A CD2   1 
ATOM   596  N N     . LYS A 1 83  ? 2.873   -4.499  -14.587 1.00 32.92  ? 84  LYS A N     1 
ATOM   597  C CA    . LYS A 1 83  ? 3.620   -3.757  -15.606 1.00 27.99  ? 84  LYS A CA    1 
ATOM   598  C C     . LYS A 1 83  ? 2.694   -2.774  -16.284 1.00 27.56  ? 84  LYS A C     1 
ATOM   599  O O     . LYS A 1 83  ? 1.558   -3.109  -16.647 1.00 23.09  ? 84  LYS A O     1 
ATOM   600  C CB    . LYS A 1 83  ? 4.205   -4.701  -16.645 1.00 33.88  ? 84  LYS A CB    1 
ATOM   601  C CG    . LYS A 1 83  ? 5.194   -4.005  -17.566 1.00 35.28  ? 84  LYS A CG    1 
ATOM   602  C CD    . LYS A 1 83  ? 5.680   -4.961  -18.640 1.00 67.06  ? 84  LYS A CD    1 
ATOM   603  C CE    . LYS A 1 83  ? 6.596   -4.216  -19.595 1.00 78.75  ? 84  LYS A CE    1 
ATOM   604  N NZ    . LYS A 1 83  ? 7.013   -5.094  -20.672 1.00 100.00 ? 84  LYS A NZ    1 
ATOM   605  N N     . GLY A 1 84  ? 3.209   -1.542  -16.291 1.00 22.29  ? 85  GLY A N     1 
ATOM   606  C CA    . GLY A 1 84  ? 2.502   -0.394  -16.818 1.00 26.21  ? 85  GLY A CA    1 
ATOM   607  C C     . GLY A 1 84  ? 1.551   0.252   -15.817 1.00 31.54  ? 85  GLY A C     1 
ATOM   608  O O     . GLY A 1 84  ? 1.229   1.432   -15.995 1.00 61.03  ? 85  GLY A O     1 
ATOM   609  N N     . LYS A 1 85  ? 1.109   -0.438  -14.750 1.00 32.86  ? 86  LYS A N     1 
ATOM   610  C CA    . LYS A 1 85  ? 0.182   0.126   -13.770 1.00 15.41  ? 86  LYS A CA    1 
ATOM   611  C C     . LYS A 1 85  ? 0.880   1.119   -12.869 1.00 9.13   ? 86  LYS A C     1 
ATOM   612  O O     . LYS A 1 85  ? 2.102   1.135   -12.750 1.00 19.25  ? 86  LYS A O     1 
ATOM   613  C CB    . LYS A 1 85  ? -0.427  -0.958  -12.899 1.00 25.48  ? 86  LYS A CB    1 
ATOM   614  C CG    . LYS A 1 85  ? -1.732  -1.505  -13.439 1.00 36.04  ? 86  LYS A CG    1 
ATOM   615  C CD    . LYS A 1 85  ? -1.541  -2.290  -14.706 1.00 31.07  ? 86  LYS A CD    1 
ATOM   616  C CE    . LYS A 1 85  ? -2.883  -2.516  -15.370 1.00 33.68  ? 86  LYS A CE    1 
ATOM   617  N NZ    . LYS A 1 85  ? -3.619  -3.542  -14.681 1.00 32.75  ? 86  LYS A NZ    1 
ATOM   618  N N     . LYS A 1 86  ? 0.093   2.022   -12.314 1.00 19.76  ? 87  LYS A N     1 
ATOM   619  C CA    . LYS A 1 86  ? 0.584   3.009   -11.378 1.00 21.06  ? 87  LYS A CA    1 
ATOM   620  C C     . LYS A 1 86  ? 0.550   2.419   -9.984  1.00 18.24  ? 87  LYS A C     1 
ATOM   621  O O     . LYS A 1 86  ? -0.347  1.632   -9.674  1.00 19.12  ? 87  LYS A O     1 
ATOM   622  C CB    . LYS A 1 86  ? -0.287  4.236   -11.426 1.00 14.58  ? 87  LYS A CB    1 
ATOM   623  C CG    . LYS A 1 86  ? -0.063  4.999   -12.706 1.00 13.99  ? 87  LYS A CG    1 
ATOM   624  C CD    . LYS A 1 86  ? -0.970  6.213   -12.810 1.00 35.40  ? 87  LYS A CD    1 
ATOM   625  C CE    . LYS A 1 86  ? -0.410  7.137   -13.877 1.00 36.13  ? 87  LYS A CE    1 
ATOM   626  N NZ    . LYS A 1 86  ? -1.441  8.060   -14.315 1.00 73.89  ? 87  LYS A NZ    1 
ATOM   627  N N     . LEU A 1 87  ? 1.474   2.773   -9.110  1.00 17.45  ? 88  LEU A N     1 
ATOM   628  C CA    . LEU A 1 87  ? 1.477   2.185   -7.795  1.00 13.72  ? 88  LEU A CA    1 
ATOM   629  C C     . LEU A 1 87  ? 1.955   3.172   -6.768  1.00 19.90  ? 88  LEU A C     1 
ATOM   630  O O     . LEU A 1 87  ? 2.785   4.023   -7.077  1.00 14.88  ? 88  LEU A O     1 
ATOM   631  C CB    . LEU A 1 87  ? 2.385   0.923   -7.786  1.00 18.58  ? 88  LEU A CB    1 
ATOM   632  C CG    . LEU A 1 87  ? 2.584   0.170   -6.449  1.00 18.73  ? 88  LEU A CG    1 
ATOM   633  C CD1   . LEU A 1 87  ? 2.443   -1.311  -6.738  1.00 22.30  ? 88  LEU A CD1   1 
ATOM   634  C CD2   . LEU A 1 87  ? 3.929   0.550   -5.776  1.00 13.58  ? 88  LEU A CD2   1 
ATOM   635  N N     . ALA A 1 88  ? 1.448   3.070   -5.541  1.00 13.10  ? 89  ALA A N     1 
ATOM   636  C CA    . ALA A 1 88  ? 1.986   3.816   -4.430  1.00 16.98  ? 89  ALA A CA    1 
ATOM   637  C C     . ALA A 1 88  ? 1.889   2.880   -3.226  1.00 20.12  ? 89  ALA A C     1 
ATOM   638  O O     . ALA A 1 88  ? 1.056   1.968   -3.188  1.00 13.40  ? 89  ALA A O     1 
ATOM   639  C CB    . ALA A 1 88  ? 1.188   5.087   -4.150  1.00 15.77  ? 89  ALA A CB    1 
ATOM   640  N N     . ALA A 1 89  ? 2.842   3.047   -2.309  1.00 25.91  ? 90  ALA A N     1 
ATOM   641  C CA    . ALA A 1 89  ? 2.946   2.261   -1.102  1.00 26.66  ? 90  ALA A CA    1 
ATOM   642  C C     . ALA A 1 89  ? 2.644   3.094   0.160   1.00 16.01  ? 90  ALA A C     1 
ATOM   643  O O     . ALA A 1 89  ? 2.825   4.323   0.185   1.00 11.88  ? 90  ALA A O     1 
ATOM   644  C CB    . ALA A 1 89  ? 4.362   1.685   -1.071  1.00 10.11  ? 90  ALA A CB    1 
ATOM   645  N N     . PHE A 1 90  ? 2.137   2.477   1.229   1.00 11.88  ? 91  PHE A N     1 
ATOM   646  C CA    . PHE A 1 90  ? 1.861   3.148   2.489   1.00 8.90   ? 91  PHE A CA    1 
ATOM   647  C C     . PHE A 1 90  ? 2.123   2.131   3.589   1.00 9.47   ? 91  PHE A C     1 
ATOM   648  O O     . PHE A 1 90  ? 2.182   0.924   3.319   1.00 11.80  ? 91  PHE A O     1 
ATOM   649  C CB    . PHE A 1 90  ? 0.395   3.654   2.546   1.00 5.95   ? 91  PHE A CB    1 
ATOM   650  C CG    . PHE A 1 90  ? -0.724  2.637   2.286   1.00 11.11  ? 91  PHE A CG    1 
ATOM   651  C CD1   . PHE A 1 90  ? -1.370  2.020   3.377   1.00 10.70  ? 91  PHE A CD1   1 
ATOM   652  C CD2   . PHE A 1 90  ? -1.125  2.321   0.963   1.00 12.42  ? 91  PHE A CD2   1 
ATOM   653  C CE1   . PHE A 1 90  ? -2.398  1.101   3.141   1.00 6.57   ? 91  PHE A CE1   1 
ATOM   654  C CE2   . PHE A 1 90  ? -2.155  1.393   0.752   1.00 9.10   ? 91  PHE A CE2   1 
ATOM   655  C CZ    . PHE A 1 90  ? -2.797  0.779   1.832   1.00 2.75   ? 91  PHE A CZ    1 
ATOM   656  N N     . ALA A 1 91  ? 2.318   2.558   4.831   1.00 22.16  ? 92  ALA A N     1 
ATOM   657  C CA    . ALA A 1 91  ? 2.574   1.660   5.941   1.00 23.69  ? 92  ALA A CA    1 
ATOM   658  C C     . ALA A 1 91  ? 2.388   2.375   7.260   1.00 12.16  ? 92  ALA A C     1 
ATOM   659  O O     . ALA A 1 91  ? 2.576   3.597   7.384   1.00 11.30  ? 92  ALA A O     1 
ATOM   660  C CB    . ALA A 1 91  ? 4.026   1.123   5.935   1.00 14.12  ? 92  ALA A CB    1 
ATOM   661  N N     . SER A 1 92  ? 1.967   1.585   8.246   1.00 15.25  ? 93  SER A N     1 
ATOM   662  C CA    . SER A 1 92  ? 1.962   2.061   9.622   1.00 14.79  ? 93  SER A CA    1 
ATOM   663  C C     . SER A 1 92  ? 3.179   1.358   10.199  1.00 13.80  ? 93  SER A C     1 
ATOM   664  O O     . SER A 1 92  ? 3.481   0.231   9.781   1.00 11.58  ? 93  SER A O     1 
ATOM   665  C CB    . SER A 1 92  ? 0.749   1.612   10.381  1.00 6.35   ? 93  SER A CB    1 
ATOM   666  O OG    . SER A 1 92  ? 0.859   1.941   11.741  1.00 8.38   ? 93  SER A OG    1 
ATOM   667  N N     . GLY A 1 93  ? 3.905   1.992   11.102  1.00 14.79  ? 94  GLY A N     1 
ATOM   668  C CA    . GLY A 1 93  ? 5.041   1.364   11.747  1.00 3.64   ? 94  GLY A CA    1 
ATOM   669  C C     . GLY A 1 93  ? 5.288   2.058   13.072  1.00 5.34   ? 94  GLY A C     1 
ATOM   670  O O     . GLY A 1 93  ? 4.513   2.902   13.505  1.00 12.38  ? 94  GLY A O     1 
ATOM   671  N N     . ASP A 1 94  ? 6.405   1.787   13.719  1.00 9.70   ? 95  ASP A N     1 
ATOM   672  C CA    . ASP A 1 94  ? 6.733   2.367   14.999  1.00 10.61  ? 95  ASP A CA    1 
ATOM   673  C C     . ASP A 1 94  ? 8.224   2.631   14.930  1.00 21.78  ? 95  ASP A C     1 
ATOM   674  O O     . ASP A 1 94  ? 9.006   1.699   14.714  1.00 10.36  ? 95  ASP A O     1 
ATOM   675  C CB    . ASP A 1 94  ? 6.384   1.357   16.064  1.00 8.83   ? 95  ASP A CB    1 
ATOM   676  C CG    . ASP A 1 94  ? 6.723   1.709   17.501  1.00 11.63  ? 95  ASP A CG    1 
ATOM   677  O OD1   . ASP A 1 94  ? 6.135   1.107   18.389  1.00 15.93  ? 95  ASP A OD1   1 
ATOM   678  O OD2   . ASP A 1 94  ? 7.559   2.559   17.759  1.00 12.23  ? 95  ASP A OD2   1 
ATOM   679  N N     . MET A 1 95  ? 8.604   3.892   15.159  1.00 20.40  ? 96  MET A N     1 
ATOM   680  C CA    . MET A 1 95  ? 9.992   4.343   15.062  1.00 9.09   ? 96  MET A CA    1 
ATOM   681  C C     . MET A 1 95  ? 10.934  3.805   16.115  1.00 14.30  ? 96  MET A C     1 
ATOM   682  O O     . MET A 1 95  ? 12.150  3.947   15.998  1.00 12.15  ? 96  MET A O     1 
ATOM   683  C CB    . MET A 1 95  ? 10.053  5.859   15.114  1.00 7.79   ? 96  MET A CB    1 
ATOM   684  C CG    . MET A 1 95  ? 9.617   6.499   13.805  1.00 12.50  ? 96  MET A CG    1 
ATOM   685  S SD    . MET A 1 95  ? 9.515   8.298   13.902  1.00 19.56  ? 96  MET A SD    1 
ATOM   686  C CE    . MET A 1 95  ? 11.162  8.482   13.379  1.00 12.36  ? 96  MET A CE    1 
ATOM   687  N N     . GLU A 1 96  ? 10.398  3.242   17.200  1.00 10.43  ? 97  GLU A N     1 
ATOM   688  C CA    . GLU A 1 96  ? 11.222  2.518   18.161  1.00 13.59  ? 97  GLU A CA    1 
ATOM   689  C C     . GLU A 1 96  ? 11.867  1.275   17.550  1.00 9.68   ? 97  GLU A C     1 
ATOM   690  O O     . GLU A 1 96  ? 12.812  0.717   18.104  1.00 9.64   ? 97  GLU A O     1 
ATOM   691  C CB    . GLU A 1 96  ? 10.405  2.046   19.360  1.00 7.83   ? 97  GLU A CB    1 
ATOM   692  C CG    . GLU A 1 96  ? 9.840   3.164   20.216  1.00 8.95   ? 97  GLU A CG    1 
ATOM   693  C CD    . GLU A 1 96  ? 10.925  3.980   20.922  1.00 17.90  ? 97  GLU A CD    1 
ATOM   694  O OE1   . GLU A 1 96  ? 10.742  5.179   21.080  1.00 35.12  ? 97  GLU A OE1   1 
ATOM   695  O OE2   . GLU A 1 96  ? 11.936  3.429   21.332  1.00 19.07  ? 97  GLU A OE2   1 
ATOM   696  N N     . TYR A 1 97  ? 11.366  0.757   16.432  1.00 11.83  ? 98  TYR A N     1 
ATOM   697  C CA    . TYR A 1 97  ? 11.902  -0.451  15.831  1.00 4.82   ? 98  TYR A CA    1 
ATOM   698  C C     . TYR A 1 97  ? 12.749  -0.114  14.632  1.00 22.58  ? 98  TYR A C     1 
ATOM   699  O O     . TYR A 1 97  ? 12.620  0.932   13.973  1.00 14.90  ? 98  TYR A O     1 
ATOM   700  C CB    . TYR A 1 97  ? 10.797  -1.401  15.327  1.00 3.48   ? 98  TYR A CB    1 
ATOM   701  C CG    . TYR A 1 97  ? 9.958   -2.008  16.434  1.00 12.18  ? 98  TYR A CG    1 
ATOM   702  C CD1   . TYR A 1 97  ? 10.149  -3.324  16.833  1.00 7.44   ? 98  TYR A CD1   1 
ATOM   703  C CD2   . TYR A 1 97  ? 8.988   -1.227  17.061  1.00 10.71  ? 98  TYR A CD2   1 
ATOM   704  C CE1   . TYR A 1 97  ? 9.357   -3.857  17.860  1.00 11.61  ? 98  TYR A CE1   1 
ATOM   705  C CE2   . TYR A 1 97  ? 8.202   -1.748  18.079  1.00 14.58  ? 98  TYR A CE2   1 
ATOM   706  C CZ    . TYR A 1 97  ? 8.384   -3.063  18.471  1.00 13.76  ? 98  TYR A CZ    1 
ATOM   707  O OH    . TYR A 1 97  ? 7.550   -3.568  19.445  1.00 9.40   ? 98  TYR A OH    1 
ATOM   708  N N     . GLU A 1 98  ? 13.629  -1.085  14.386  1.00 8.66   ? 99  GLU A N     1 
ATOM   709  C CA    . GLU A 1 98  ? 14.470  -1.131  13.190  1.00 10.63  ? 99  GLU A CA    1 
ATOM   710  C C     . GLU A 1 98  ? 13.535  -1.369  12.021  1.00 13.32  ? 99  GLU A C     1 
ATOM   711  O O     . GLU A 1 98  ? 12.395  -1.826  12.184  1.00 14.70  ? 99  GLU A O     1 
ATOM   712  C CB    . GLU A 1 98  ? 15.473  -2.283  13.265  1.00 10.24  ? 99  GLU A CB    1 
ATOM   713  C CG    . GLU A 1 98  ? 16.485  -1.934  14.346  1.00 13.61  ? 99  GLU A CG    1 
ATOM   714  C CD    . GLU A 1 98  ? 17.371  -3.069  14.827  1.00 27.98  ? 99  GLU A CD    1 
ATOM   715  O OE1   . GLU A 1 98  ? 16.865  -4.171  15.036  1.00 31.91  ? 99  GLU A OE1   1 
ATOM   716  O OE2   . GLU A 1 98  ? 18.562  -2.835  15.032  1.00 28.30  ? 99  GLU A OE2   1 
ATOM   717  N N     . HIS A 1 99  ? 13.999  -1.052  10.821  1.00 10.28  ? 100 HIS A N     1 
ATOM   718  C CA    . HIS A 1 99  ? 13.169  -1.146  9.624   1.00 11.29  ? 100 HIS A CA    1 
ATOM   719  C C     . HIS A 1 99  ? 11.824  -0.404  9.762   1.00 10.63  ? 100 HIS A C     1 
ATOM   720  O O     . HIS A 1 99  ? 10.742  -0.915  9.454   1.00 12.17  ? 100 HIS A O     1 
ATOM   721  C CB    . HIS A 1 99  ? 12.912  -2.635  9.244   1.00 13.44  ? 100 HIS A CB    1 
ATOM   722  C CG    . HIS A 1 99  ? 14.173  -3.359  8.783   1.00 14.83  ? 100 HIS A CG    1 
ATOM   723  N ND1   . HIS A 1 99  ? 15.030  -4.079  9.495   1.00 20.18  ? 100 HIS A ND1   1 
ATOM   724  C CD2   . HIS A 1 99  ? 14.624  -3.389  7.481   1.00 17.55  ? 100 HIS A CD2   1 
ATOM   725  C CE1   . HIS A 1 99  ? 15.962  -4.537  8.699   1.00 16.44  ? 100 HIS A CE1   1 
ATOM   726  N NE2   . HIS A 1 99  ? 15.706  -4.116  7.491   1.00 22.97  ? 100 HIS A NE2   1 
ATOM   727  N N     . TYR A 1 100 ? 11.885  0.861   10.214  1.00 19.07  ? 101 TYR A N     1 
ATOM   728  C CA    . TYR A 1 100 ? 10.704  1.708   10.326  1.00 12.13  ? 101 TYR A CA    1 
ATOM   729  C C     . TYR A 1 100 ? 9.977   1.794   8.977   1.00 12.04  ? 101 TYR A C     1 
ATOM   730  O O     . TYR A 1 100 ? 10.545  2.310   8.016   1.00 12.60  ? 101 TYR A O     1 
ATOM   731  C CB    . TYR A 1 100 ? 11.136  3.119   10.811  1.00 7.13   ? 101 TYR A CB    1 
ATOM   732  C CG    . TYR A 1 100 ? 9.950   4.056   10.888  1.00 16.32  ? 101 TYR A CG    1 
ATOM   733  C CD1   . TYR A 1 100 ? 8.799   3.684   11.621  1.00 10.06  ? 101 TYR A CD1   1 
ATOM   734  C CD2   . TYR A 1 100 ? 9.986   5.241   10.151  1.00 8.59   ? 101 TYR A CD2   1 
ATOM   735  C CE1   . TYR A 1 100 ? 7.664   4.500   11.606  1.00 7.79   ? 101 TYR A CE1   1 
ATOM   736  C CE2   . TYR A 1 100 ? 8.854   6.048   10.136  1.00 10.14  ? 101 TYR A CE2   1 
ATOM   737  C CZ    . TYR A 1 100 ? 7.716   5.675   10.861  1.00 16.31  ? 101 TYR A CZ    1 
ATOM   738  O OH    . TYR A 1 100 ? 6.633   6.519   10.879  1.00 12.75  ? 101 TYR A OH    1 
ATOM   739  N N     . CYS A 1 101 ? 8.725   1.288   8.925   1.00 14.00  ? 102 CYS A N     1 
ATOM   740  C CA    . CYS A 1 101 ? 7.900   1.242   7.732   1.00 17.44  ? 102 CYS A CA    1 
ATOM   741  C C     . CYS A 1 101 ? 8.674   0.619   6.573   1.00 15.13  ? 102 CYS A C     1 
ATOM   742  O O     . CYS A 1 101 ? 8.511   0.996   5.414   1.00 15.67  ? 102 CYS A O     1 
ATOM   743  C CB    . CYS A 1 101 ? 7.422   2.669   7.387   1.00 2.00   ? 102 CYS A CB    1 
ATOM   744  S SG    . CYS A 1 101 ? 6.152   3.285   8.521   1.00 13.10  ? 102 CYS A SG    1 
ATOM   745  N N     . GLY A 1 102 ? 9.531   -0.375  6.857   1.00 11.57  ? 103 GLY A N     1 
ATOM   746  C CA    . GLY A 1 102 ? 10.364  -1.045  5.865   1.00 11.24  ? 103 GLY A CA    1 
ATOM   747  C C     . GLY A 1 102 ? 9.595   -1.628  4.674   1.00 18.95  ? 103 GLY A C     1 
ATOM   748  O O     . GLY A 1 102 ? 10.174  -1.799  3.603   1.00 15.56  ? 103 GLY A O     1 
ATOM   749  N N     . ALA A 1 103 ? 8.294   -1.948  4.768   1.00 14.97  ? 104 ALA A N     1 
ATOM   750  C CA    . ALA A 1 103 ? 7.570   -2.476  3.625   1.00 6.33   ? 104 ALA A CA    1 
ATOM   751  C C     . ALA A 1 103 ? 7.518   -1.434  2.514   1.00 15.75  ? 104 ALA A C     1 
ATOM   752  O O     . ALA A 1 103 ? 7.586   -1.825  1.350   1.00 11.98  ? 104 ALA A O     1 
ATOM   753  C CB    . ALA A 1 103 ? 6.134   -2.853  4.000   1.00 7.88   ? 104 ALA A CB    1 
ATOM   754  N N     . VAL A 1 104 ? 7.515   -0.111  2.796   1.00 21.10  ? 105 VAL A N     1 
ATOM   755  C CA    . VAL A 1 104 ? 7.412   0.916   1.757   1.00 14.47  ? 105 VAL A CA    1 
ATOM   756  C C     . VAL A 1 104 ? 8.591   0.898   0.786   1.00 21.49  ? 105 VAL A C     1 
ATOM   757  O O     . VAL A 1 104 ? 8.320   0.624   -0.389  1.00 15.34  ? 105 VAL A O     1 
ATOM   758  C CB    . VAL A 1 104 ? 7.245   2.346   2.419   1.00 33.41  ? 105 VAL A CB    1 
ATOM   759  C CG1   . VAL A 1 104 ? 7.371   3.464   1.382   1.00 12.03  ? 105 VAL A CG1   1 
ATOM   760  C CG2   . VAL A 1 104 ? 5.868   2.447   3.062   1.00 15.08  ? 105 VAL A CG2   1 
ATOM   761  N N     . PRO A 1 105 ? 9.877   1.095   1.116   1.00 18.08  ? 106 PRO A N     1 
ATOM   762  C CA    . PRO A 1 105 ? 10.945  0.944   0.143   1.00 17.22  ? 106 PRO A CA    1 
ATOM   763  C C     . PRO A 1 105 ? 10.968  -0.427  -0.517  1.00 11.30  ? 106 PRO A C     1 
ATOM   764  O O     . PRO A 1 105 ? 11.318  -0.516  -1.697  1.00 16.18  ? 106 PRO A O     1 
ATOM   765  C CB    . PRO A 1 105 ? 12.210  1.275   0.932   1.00 20.15  ? 106 PRO A CB    1 
ATOM   766  C CG    . PRO A 1 105 ? 11.847  1.085   2.388   1.00 29.16  ? 106 PRO A CG    1 
ATOM   767  C CD    . PRO A 1 105 ? 10.418  1.591   2.393   1.00 16.50  ? 106 PRO A CD    1 
ATOM   768  N N     . ALA A 1 106 ? 10.585  -1.499  0.202   1.00 12.58  ? 107 ALA A N     1 
ATOM   769  C CA    . ALA A 1 106 ? 10.681  -2.840  -0.351  1.00 10.56  ? 107 ALA A CA    1 
ATOM   770  C C     . ALA A 1 106 ? 9.662   -3.061  -1.466  1.00 21.09  ? 107 ALA A C     1 
ATOM   771  O O     . ALA A 1 106 ? 9.985   -3.652  -2.497  1.00 15.30  ? 107 ALA A O     1 
ATOM   772  C CB    . ALA A 1 106 ? 10.443  -3.856  0.750   1.00 10.28  ? 107 ALA A CB    1 
ATOM   773  N N     . ILE A 1 107 ? 8.433   -2.559  -1.299  1.00 17.96  ? 108 ILE A N     1 
ATOM   774  C CA    . ILE A 1 107 ? 7.382   -2.637  -2.308  1.00 21.83  ? 108 ILE A CA    1 
ATOM   775  C C     . ILE A 1 107 ? 7.779   -1.722  -3.462  1.00 14.11  ? 108 ILE A C     1 
ATOM   776  O O     . ILE A 1 107 ? 7.681   -2.115  -4.617  1.00 15.92  ? 108 ILE A O     1 
ATOM   777  C CB    . ILE A 1 107 ? 6.008   -2.195  -1.678  1.00 20.34  ? 108 ILE A CB    1 
ATOM   778  C CG1   . ILE A 1 107 ? 5.483   -3.246  -0.704  1.00 16.85  ? 108 ILE A CG1   1 
ATOM   779  C CG2   . ILE A 1 107 ? 4.980   -1.969  -2.770  1.00 13.34  ? 108 ILE A CG2   1 
ATOM   780  C CD1   . ILE A 1 107 ? 4.298   -2.724  0.189   1.00 7.54   ? 108 ILE A CD1   1 
ATOM   781  N N     . GLU A 1 108 ? 8.227   -0.492  -3.227  1.00 15.24  ? 109 GLU A N     1 
ATOM   782  C CA    . GLU A 1 108 ? 8.602   0.399   -4.314  1.00 27.74  ? 109 GLU A CA    1 
ATOM   783  C C     . GLU A 1 108 ? 9.703   -0.158  -5.206  1.00 17.05  ? 109 GLU A C     1 
ATOM   784  O O     . GLU A 1 108 ? 9.548   -0.121  -6.428  1.00 20.09  ? 109 GLU A O     1 
ATOM   785  C CB    . GLU A 1 108 ? 9.055   1.718   -3.755  1.00 21.40  ? 109 GLU A CB    1 
ATOM   786  C CG    . GLU A 1 108 ? 7.900   2.561   -3.247  1.00 14.03  ? 109 GLU A CG    1 
ATOM   787  C CD    . GLU A 1 108 ? 8.353   3.802   -2.487  1.00 12.07  ? 109 GLU A CD    1 
ATOM   788  O OE1   . GLU A 1 108 ? 9.545   4.001   -2.262  1.00 29.56  ? 109 GLU A OE1   1 
ATOM   789  O OE2   . GLU A 1 108 ? 7.491   4.577   -2.091  1.00 20.57  ? 109 GLU A OE2   1 
ATOM   790  N N     . GLU A 1 109 ? 10.778  -0.696  -4.612  1.00 22.19  ? 110 GLU A N     1 
ATOM   791  C CA    . GLU A 1 109 ? 11.871  -1.357  -5.325  1.00 20.81  ? 110 GLU A CA    1 
ATOM   792  C C     . GLU A 1 109 ? 11.344  -2.558  -6.100  1.00 21.39  ? 110 GLU A C     1 
ATOM   793  O O     . GLU A 1 109 ? 11.556  -2.652  -7.311  1.00 21.08  ? 110 GLU A O     1 
ATOM   794  C CB    . GLU A 1 109 ? 12.938  -1.778  -4.301  1.00 16.25  ? 110 GLU A CB    1 
ATOM   795  C CG    . GLU A 1 109 ? 13.776  -3.056  -4.491  1.00 87.88  ? 110 GLU A CG    1 
ATOM   796  C CD    . GLU A 1 109 ? 13.681  -4.058  -3.329  1.00 100.00 ? 110 GLU A CD    1 
ATOM   797  O OE1   . GLU A 1 109 ? 12.713  -4.826  -3.262  1.00 100.00 ? 110 GLU A OE1   1 
ATOM   798  O OE2   . GLU A 1 109 ? 14.579  -4.071  -2.485  1.00 98.77  ? 110 GLU A OE2   1 
ATOM   799  N N     . LYS A 1 110 ? 10.615  -3.473  -5.483  1.00 20.08  ? 111 LYS A N     1 
ATOM   800  C CA    . LYS A 1 110 ? 10.108  -4.606  -6.217  1.00 12.35  ? 111 LYS A CA    1 
ATOM   801  C C     . LYS A 1 110 ? 9.168   -4.181  -7.354  1.00 32.46  ? 111 LYS A C     1 
ATOM   802  O O     . LYS A 1 110 ? 9.306   -4.654  -8.488  1.00 25.23  ? 111 LYS A O     1 
ATOM   803  C CB    . LYS A 1 110 ? 9.446   -5.492  -5.196  1.00 25.58  ? 111 LYS A CB    1 
ATOM   804  C CG    . LYS A 1 110 ? 8.764   -6.759  -5.673  1.00 25.19  ? 111 LYS A CG    1 
ATOM   805  C CD    . LYS A 1 110 ? 9.537   -7.994  -5.294  1.00 16.41  ? 111 LYS A CD    1 
ATOM   806  C CE    . LYS A 1 110 ? 8.554   -9.087  -4.953  1.00 38.56  ? 111 LYS A CE    1 
ATOM   807  N NZ    . LYS A 1 110 ? 9.060   -10.407 -5.260  1.00 35.36  ? 111 LYS A NZ    1 
ATOM   808  N N     . ALA A 1 111 ? 8.290   -3.212  -7.137  1.00 20.58  ? 112 ALA A N     1 
ATOM   809  C CA    . ALA A 1 111 ? 7.337   -2.770  -8.150  1.00 23.09  ? 112 ALA A CA    1 
ATOM   810  C C     . ALA A 1 111 ? 8.029   -2.127  -9.332  1.00 12.33  ? 112 ALA A C     1 
ATOM   811  O O     . ALA A 1 111 ? 7.641   -2.366  -10.479 1.00 20.51  ? 112 ALA A O     1 
ATOM   812  C CB    . ALA A 1 111 ? 6.368   -1.732  -7.624  1.00 22.11  ? 112 ALA A CB    1 
ATOM   813  N N     . ARG A 1 112 ? 9.026   -1.288  -9.092  1.00 23.03  ? 113 ARG A N     1 
ATOM   814  C CA    . ARG A 1 112 ? 9.763   -0.690  -10.187 1.00 33.30  ? 113 ARG A CA    1 
ATOM   815  C C     . ARG A 1 112 ? 10.351  -1.753  -11.077 1.00 22.64  ? 113 ARG A C     1 
ATOM   816  O O     . ARG A 1 112 ? 10.191  -1.725  -12.295 1.00 27.60  ? 113 ARG A O     1 
ATOM   817  C CB    . ARG A 1 112 ? 10.875  0.152   -9.670  1.00 24.16  ? 113 ARG A CB    1 
ATOM   818  C CG    . ARG A 1 112 ? 10.340  1.514   -9.457  1.00 27.56  ? 113 ARG A CG    1 
ATOM   819  C CD    . ARG A 1 112 ? 11.491  2.285   -8.911  1.00 26.68  ? 113 ARG A CD    1 
ATOM   820  N NE    . ARG A 1 112 ? 10.968  3.549   -8.435  1.00 38.29  ? 113 ARG A NE    1 
ATOM   821  C CZ    . ARG A 1 112 ? 11.097  3.901   -7.153  1.00 41.83  ? 113 ARG A CZ    1 
ATOM   822  N NH1   . ARG A 1 112 ? 11.712  3.112   -6.255  1.00 42.76  ? 113 ARG A NH1   1 
ATOM   823  N NH2   . ARG A 1 112 ? 10.605  5.080   -6.773  1.00 50.36  ? 113 ARG A NH2   1 
ATOM   824  N N     . GLY A 1 113 ? 10.949  -2.743  -10.415 1.00 27.18  ? 114 GLY A N     1 
ATOM   825  C CA    . GLY A 1 113 ? 11.587  -3.858  -11.069 1.00 24.98  ? 114 GLY A CA    1 
ATOM   826  C C     . GLY A 1 113 ? 10.626  -4.611  -11.958 1.00 22.75  ? 114 GLY A C     1 
ATOM   827  O O     . GLY A 1 113 ? 11.072  -5.160  -12.952 1.00 37.92  ? 114 GLY A O     1 
ATOM   828  N N     . LEU A 1 114 ? 9.330   -4.645  -11.665 1.00 31.93  ? 115 LEU A N     1 
ATOM   829  C CA    . LEU A 1 114 ? 8.369   -5.378  -12.470 1.00 20.67  ? 115 LEU A CA    1 
ATOM   830  C C     . LEU A 1 114 ? 7.641   -4.502  -13.507 1.00 17.58  ? 115 LEU A C     1 
ATOM   831  O O     . LEU A 1 114 ? 6.675   -4.922  -14.149 1.00 23.50  ? 115 LEU A O     1 
ATOM   832  C CB    . LEU A 1 114 ? 7.393   -6.038  -11.500 1.00 26.71  ? 115 LEU A CB    1 
ATOM   833  C CG    . LEU A 1 114 ? 7.974   -6.986  -10.449 1.00 27.06  ? 115 LEU A CG    1 
ATOM   834  C CD1   . LEU A 1 114 ? 6.894   -7.253  -9.451  1.00 30.75  ? 115 LEU A CD1   1 
ATOM   835  C CD2   . LEU A 1 114 ? 8.420   -8.314  -11.022 1.00 35.41  ? 115 LEU A CD2   1 
ATOM   836  N N     . GLY A 1 115 ? 8.074   -3.261  -13.711 1.00 16.66  ? 116 GLY A N     1 
ATOM   837  C CA    . GLY A 1 115 ? 7.467   -2.409  -14.717 1.00 29.00  ? 116 GLY A CA    1 
ATOM   838  C C     . GLY A 1 115 ? 6.317   -1.540  -14.234 1.00 30.76  ? 116 GLY A C     1 
ATOM   839  O O     . GLY A 1 115 ? 5.628   -0.938  -15.059 1.00 24.06  ? 116 GLY A O     1 
ATOM   840  N N     . ALA A 1 116 ? 6.053   -1.466  -12.935 1.00 27.71  ? 117 ALA A N     1 
ATOM   841  C CA    . ALA A 1 116 ? 5.013   -0.600  -12.416 1.00 14.37  ? 117 ALA A CA    1 
ATOM   842  C C     . ALA A 1 116 ? 5.596   0.798   -12.350 1.00 23.88  ? 117 ALA A C     1 
ATOM   843  O O     . ALA A 1 116 ? 6.817   0.990   -12.262 1.00 22.04  ? 117 ALA A O     1 
ATOM   844  C CB    . ALA A 1 116 ? 4.624   -1.017  -11.019 1.00 26.75  ? 117 ALA A CB    1 
ATOM   845  N N     . GLU A 1 117 ? 4.750   1.806   -12.387 1.00 21.15  ? 118 GLU A N     1 
ATOM   846  C CA    . GLU A 1 117 ? 5.171   3.181   -12.323 1.00 20.13  ? 118 GLU A CA    1 
ATOM   847  C C     . GLU A 1 117 ? 4.887   3.627   -10.886 1.00 24.08  ? 118 GLU A C     1 
ATOM   848  O O     . GLU A 1 117 ? 3.706   3.732   -10.548 1.00 14.04  ? 118 GLU A O     1 
ATOM   849  C CB    . GLU A 1 117 ? 4.342   3.900   -13.357 1.00 22.14  ? 118 GLU A CB    1 
ATOM   850  C CG    . GLU A 1 117 ? 4.513   5.409   -13.437 1.00 32.11  ? 118 GLU A CG    1 
ATOM   851  C CD    . GLU A 1 117 ? 3.421   6.124   -14.239 1.00 81.43  ? 118 GLU A CD    1 
ATOM   852  O OE1   . GLU A 1 117 ? 3.350   7.349   -14.149 1.00 100.00 ? 118 GLU A OE1   1 
ATOM   853  O OE2   . GLU A 1 117 ? 2.636   5.483   -14.944 1.00 100.00 ? 118 GLU A OE2   1 
ATOM   854  N N     . VAL A 1 118 ? 5.845   3.871   -9.977  1.00 19.48  ? 119 VAL A N     1 
ATOM   855  C CA    . VAL A 1 118 ? 5.445   4.271   -8.635  1.00 31.51  ? 119 VAL A CA    1 
ATOM   856  C C     . VAL A 1 118 ? 5.364   5.782   -8.697  1.00 26.54  ? 119 VAL A C     1 
ATOM   857  O O     . VAL A 1 118 ? 6.254   6.533   -9.103  1.00 27.14  ? 119 VAL A O     1 
ATOM   858  C CB    . VAL A 1 118 ? 6.423   3.720   -7.439  1.00 26.23  ? 119 VAL A CB    1 
ATOM   859  C CG1   . VAL A 1 118 ? 7.207   2.576   -8.014  1.00 15.52  ? 119 VAL A CG1   1 
ATOM   860  C CG2   . VAL A 1 118 ? 7.233   4.782   -6.739  1.00 16.25  ? 119 VAL A CG2   1 
ATOM   861  N N     . ILE A 1 119 ? 4.115   6.111   -8.437  1.00 19.15  ? 120 ILE A N     1 
ATOM   862  C CA    . ILE A 1 119 ? 3.537   7.423   -8.573  1.00 19.67  ? 120 ILE A CA    1 
ATOM   863  C C     . ILE A 1 119 ? 4.053   8.445   -7.604  1.00 31.28  ? 120 ILE A C     1 
ATOM   864  O O     . ILE A 1 119 ? 4.195   9.594   -8.011  1.00 23.65  ? 120 ILE A O     1 
ATOM   865  C CB    . ILE A 1 119 ? 1.994   7.083   -8.552  1.00 20.47  ? 120 ILE A CB    1 
ATOM   866  C CG1   . ILE A 1 119 ? 1.592   7.472   -9.922  1.00 25.79  ? 120 ILE A CG1   1 
ATOM   867  C CG2   . ILE A 1 119 ? 1.067   7.777   -7.582  1.00 20.64  ? 120 ILE A CG2   1 
ATOM   868  C CD1   . ILE A 1 119 ? 2.382   6.788   -11.028 1.00 37.11  ? 120 ILE A CD1   1 
ATOM   869  N N     . CYS A 1 120 ? 4.382   8.105   -6.368  1.00 57.15  ? 121 CYS A N     1 
ATOM   870  C CA    . CYS A 1 120 ? 5.044   9.053   -5.489  1.00 23.23  ? 121 CYS A CA    1 
ATOM   871  C C     . CYS A 1 120 ? 5.669   8.257   -4.359  1.00 15.22  ? 121 CYS A C     1 
ATOM   872  O O     . CYS A 1 120 ? 5.577   7.018   -4.342  1.00 22.60  ? 121 CYS A O     1 
ATOM   873  C CB    . CYS A 1 120 ? 4.041   10.105  -4.947  1.00 35.89  ? 121 CYS A CB    1 
ATOM   874  S SG    . CYS A 1 120 ? 2.544   9.430   -4.210  1.00 33.56  ? 121 CYS A SG    1 
ATOM   875  N N     . GLU A 1 121 ? 6.327   8.951   -3.438  1.00 17.55  ? 122 GLU A N     1 
ATOM   876  C CA    . GLU A 1 121 ? 7.015   8.348   -2.317  1.00 29.03  ? 122 GLU A CA    1 
ATOM   877  C C     . GLU A 1 121 ? 5.943   7.867   -1.345  1.00 10.84  ? 122 GLU A C     1 
ATOM   878  O O     . GLU A 1 121 ? 4.973   8.576   -1.077  1.00 14.87  ? 122 GLU A O     1 
ATOM   879  C CB    . GLU A 1 121 ? 7.939   9.406   -1.671  1.00 24.42  ? 122 GLU A CB    1 
ATOM   880  N N     . GLY A 1 122 ? 6.154   6.683   -0.787  1.00 15.02  ? 123 GLY A N     1 
ATOM   881  C CA    . GLY A 1 122 ? 5.165   6.023   0.030   1.00 11.15  ? 123 GLY A CA    1 
ATOM   882  C C     . GLY A 1 122 ? 4.905   6.733   1.328   1.00 22.04  ? 123 GLY A C     1 
ATOM   883  O O     . GLY A 1 122 ? 5.759   7.445   1.861   1.00 20.43  ? 123 GLY A O     1 
ATOM   884  N N     . LEU A 1 123 ? 3.708   6.546   1.850   1.00 9.73   ? 124 LEU A N     1 
ATOM   885  C CA    . LEU A 1 123 ? 3.356   7.160   3.117   1.00 12.46  ? 124 LEU A CA    1 
ATOM   886  C C     . LEU A 1 123 ? 3.933   6.313   4.246   1.00 18.39  ? 124 LEU A C     1 
ATOM   887  O O     . LEU A 1 123 ? 3.836   5.070   4.231   1.00 10.45  ? 124 LEU A O     1 
ATOM   888  C CB    . LEU A 1 123 ? 1.836   7.220   3.215   1.00 12.31  ? 124 LEU A CB    1 
ATOM   889  C CG    . LEU A 1 123 ? 1.160   7.622   4.502   1.00 14.65  ? 124 LEU A CG    1 
ATOM   890  C CD1   . LEU A 1 123 ? 1.474   9.061   4.814   1.00 9.12   ? 124 LEU A CD1   1 
ATOM   891  C CD2   . LEU A 1 123 ? -0.327  7.387   4.357   1.00 17.90  ? 124 LEU A CD2   1 
ATOM   892  N N     . LYS A 1 124 ? 4.521   6.991   5.233   1.00 9.19   ? 125 LYS A N     1 
ATOM   893  C CA    . LYS A 1 124 ? 5.075   6.349   6.412   1.00 7.20   ? 125 LYS A CA    1 
ATOM   894  C C     . LYS A 1 124 ? 4.453   7.084   7.572   1.00 9.05   ? 125 LYS A C     1 
ATOM   895  O O     . LYS A 1 124 ? 4.647   8.297   7.715   1.00 18.83  ? 125 LYS A O     1 
ATOM   896  C CB    . LYS A 1 124 ? 6.591   6.502   6.517   1.00 5.12   ? 125 LYS A CB    1 
ATOM   897  C CG    . LYS A 1 124 ? 7.313   5.743   5.438   1.00 9.65   ? 125 LYS A CG    1 
ATOM   898  C CD    . LYS A 1 124 ? 8.773   5.912   5.653   1.00 8.50   ? 125 LYS A CD    1 
ATOM   899  C CE    . LYS A 1 124 ? 9.490   5.264   4.486   1.00 16.60  ? 125 LYS A CE    1 
ATOM   900  N NZ    . LYS A 1 124 ? 10.896  5.606   4.571   1.00 11.57  ? 125 LYS A NZ    1 
ATOM   901  N N     . ILE A 1 125 ? 3.679   6.348   8.372   1.00 10.77  ? 126 ILE A N     1 
ATOM   902  C CA    . ILE A 1 125 ? 3.002   6.869   9.550   1.00 12.40  ? 126 ILE A CA    1 
ATOM   903  C C     . ILE A 1 125 ? 3.233   5.963   10.764  1.00 10.27  ? 126 ILE A C     1 
ATOM   904  O O     . ILE A 1 125 ? 3.468   4.764   10.647  1.00 10.81  ? 126 ILE A O     1 
ATOM   905  C CB    . ILE A 1 125 ? 1.507   7.029   9.125   1.00 21.75  ? 126 ILE A CB    1 
ATOM   906  C CG1   . ILE A 1 125 ? 1.439   8.526   8.881   1.00 27.65  ? 126 ILE A CG1   1 
ATOM   907  C CG2   . ILE A 1 125 ? 0.417   6.566   10.089  1.00 12.45  ? 126 ILE A CG2   1 
ATOM   908  C CD1   . ILE A 1 125 ? 0.114   9.033   8.316   1.00 59.91  ? 126 ILE A CD1   1 
ATOM   909  N N     . GLU A 1 126 ? 3.318   6.558   11.950  1.00 12.69  ? 127 GLU A N     1 
ATOM   910  C CA    . GLU A 1 126 ? 3.326   5.812   13.209  1.00 22.25  ? 127 GLU A CA    1 
ATOM   911  C C     . GLU A 1 126 ? 1.909   5.669   13.725  1.00 19.86  ? 127 GLU A C     1 
ATOM   912  O O     . GLU A 1 126 ? 1.211   6.681   13.855  1.00 23.69  ? 127 GLU A O     1 
ATOM   913  C CB    . GLU A 1 126 ? 4.034   6.495   14.341  1.00 17.35  ? 127 GLU A CB    1 
ATOM   914  C CG    . GLU A 1 126 ? 5.500   6.289   14.353  1.00 22.96  ? 127 GLU A CG    1 
ATOM   915  C CD    . GLU A 1 126 ? 6.084   6.821   15.644  1.00 21.55  ? 127 GLU A CD    1 
ATOM   916  O OE1   . GLU A 1 126 ? 5.714   7.903   16.074  1.00 27.61  ? 127 GLU A OE1   1 
ATOM   917  O OE2   . GLU A 1 126 ? 6.920   6.151   16.230  1.00 20.68  ? 127 GLU A OE2   1 
ATOM   918  N N     . GLY A 1 127 ? 1.464   4.480   14.101  1.00 15.77  ? 128 GLY A N     1 
ATOM   919  C CA    . GLY A 1 127 ? 0.136   4.358   14.657  1.00 11.71  ? 128 GLY A CA    1 
ATOM   920  C C     . GLY A 1 127 ? -0.934  4.350   13.568  1.00 15.19  ? 128 GLY A C     1 
ATOM   921  O O     . GLY A 1 127 ? -0.697  3.878   12.450  1.00 20.69  ? 128 GLY A O     1 
ATOM   922  N N     . ASP A 1 128 ? -2.114  4.868   13.841  1.00 20.49  ? 129 ASP A N     1 
ATOM   923  C CA    . ASP A 1 128 ? -3.178  4.691   12.882  1.00 14.43  ? 129 ASP A CA    1 
ATOM   924  C C     . ASP A 1 128 ? -3.440  6.005   12.162  1.00 20.20  ? 129 ASP A C     1 
ATOM   925  O O     . ASP A 1 128 ? -2.820  7.012   12.496  1.00 15.74  ? 129 ASP A O     1 
ATOM   926  C CB    . ASP A 1 128 ? -4.389  4.151   13.654  1.00 15.77  ? 129 ASP A CB    1 
ATOM   927  C CG    . ASP A 1 128 ? -5.183  5.148   14.482  1.00 34.38  ? 129 ASP A CG    1 
ATOM   928  O OD1   . ASP A 1 128 ? -4.590  6.004   15.147  1.00 40.43  ? 129 ASP A OD1   1 
ATOM   929  O OD2   . ASP A 1 128 ? -6.409  5.055   14.429  1.00 54.11  ? 129 ASP A OD2   1 
ATOM   930  N N     . ALA A 1 129 ? -4.355  6.018   11.191  1.00 18.24  ? 130 ALA A N     1 
ATOM   931  C CA    . ALA A 1 129 ? -4.656  7.191   10.392  1.00 22.08  ? 130 ALA A CA    1 
ATOM   932  C C     . ALA A 1 129 ? -5.053  8.406   11.224  1.00 31.64  ? 130 ALA A C     1 
ATOM   933  O O     . ALA A 1 129 ? -4.661  9.509   10.840  1.00 22.20  ? 130 ALA A O     1 
ATOM   934  C CB    . ALA A 1 129 ? -5.797  6.876   9.407   1.00 13.70  ? 130 ALA A CB    1 
ATOM   935  N N     . SER A 1 130 ? -5.768  8.293   12.366  1.00 20.53  ? 131 SER A N     1 
ATOM   936  C CA    . SER A 1 130 ? -6.098  9.472   13.167  1.00 33.83  ? 131 SER A CA    1 
ATOM   937  C C     . SER A 1 130 ? -4.928  9.973   13.987  1.00 25.74  ? 131 SER A C     1 
ATOM   938  O O     . SER A 1 130 ? -5.049  11.018  14.624  1.00 28.63  ? 131 SER A O     1 
ATOM   939  C CB    . SER A 1 130 ? -7.245  9.206   14.122  1.00 15.10  ? 131 SER A CB    1 
ATOM   940  O OG    . SER A 1 130 ? -7.027  8.043   14.897  1.00 58.31  ? 131 SER A OG    1 
ATOM   941  N N     . SER A 1 131 ? -3.772  9.304   14.027  1.00 19.35  ? 132 SER A N     1 
ATOM   942  C CA    . SER A 1 131 ? -2.652  9.867   14.750  1.00 26.70  ? 132 SER A CA    1 
ATOM   943  C C     . SER A 1 131 ? -1.974  10.885  13.833  1.00 28.59  ? 132 SER A C     1 
ATOM   944  O O     . SER A 1 131 ? -1.291  11.783  14.333  1.00 45.41  ? 132 SER A O     1 
ATOM   945  C CB    . SER A 1 131 ? -1.651  8.786   15.133  1.00 29.57  ? 132 SER A CB    1 
ATOM   946  O OG    . SER A 1 131 ? -1.029  8.234   13.980  1.00 57.48  ? 132 SER A OG    1 
ATOM   947  N N     . ASP A 1 132 ? -2.106  10.798  12.499  1.00 22.86  ? 133 ASP A N     1 
ATOM   948  C CA    . ASP A 1 132 ? -1.479  11.776  11.625  1.00 16.60  ? 133 ASP A CA    1 
ATOM   949  C C     . ASP A 1 132 ? -2.306  12.042  10.382  1.00 24.11  ? 133 ASP A C     1 
ATOM   950  O O     . ASP A 1 132 ? -1.874  11.777  9.243   1.00 20.30  ? 133 ASP A O     1 
ATOM   951  C CB    . ASP A 1 132 ? -0.082  11.309  11.208  1.00 18.23  ? 133 ASP A CB    1 
ATOM   952  C CG    . ASP A 1 132 ? 0.821   12.412  10.654  1.00 23.95  ? 133 ASP A CG    1 
ATOM   953  O OD1   . ASP A 1 132 ? 2.001   12.118  10.430  1.00 46.25  ? 133 ASP A OD1   1 
ATOM   954  O OD2   . ASP A 1 132 ? 0.374   13.551  10.440  1.00 56.64  ? 133 ASP A OD2   1 
ATOM   955  N N     . PRO A 1 133 ? -3.458  12.704  10.563  1.00 29.27  ? 134 PRO A N     1 
ATOM   956  C CA    . PRO A 1 133 ? -4.454  12.885  9.516   1.00 44.12  ? 134 PRO A CA    1 
ATOM   957  C C     . PRO A 1 133 ? -3.971  13.730  8.345   1.00 17.50  ? 134 PRO A C     1 
ATOM   958  O O     . PRO A 1 133 ? -4.360  13.534  7.199   1.00 26.27  ? 134 PRO A O     1 
ATOM   959  C CB    . PRO A 1 133 ? -5.638  13.477  10.267  1.00 21.79  ? 134 PRO A CB    1 
ATOM   960  C CG    . PRO A 1 133 ? -5.025  14.233  11.415  1.00 31.30  ? 134 PRO A CG    1 
ATOM   961  C CD    . PRO A 1 133 ? -3.912  13.296  11.821  1.00 12.96  ? 134 PRO A CD    1 
ATOM   962  N N     . ASP A 1 134 ? -3.057  14.665  8.582   1.00 23.64  ? 135 ASP A N     1 
ATOM   963  C CA    . ASP A 1 134 ? -2.593  15.569  7.551   1.00 22.12  ? 135 ASP A CA    1 
ATOM   964  C C     . ASP A 1 134 ? -1.631  14.898  6.605   1.00 25.01  ? 135 ASP A C     1 
ATOM   965  O O     . ASP A 1 134 ? -1.552  15.284  5.444   1.00 19.16  ? 135 ASP A O     1 
ATOM   966  C CB    . ASP A 1 134 ? -1.890  16.771  8.176   1.00 56.56  ? 135 ASP A CB    1 
ATOM   967  C CG    . ASP A 1 134 ? -2.711  17.522  9.220   1.00 83.99  ? 135 ASP A CG    1 
ATOM   968  O OD1   . ASP A 1 134 ? -2.192  17.779  10.309  1.00 64.01  ? 135 ASP A OD1   1 
ATOM   969  O OD2   . ASP A 1 134 ? -3.866  17.850  8.951   1.00 43.59  ? 135 ASP A OD2   1 
ATOM   970  N N     . ALA A 1 135 ? -0.844  13.933  7.085   1.00 28.70  ? 136 ALA A N     1 
ATOM   971  C CA    . ALA A 1 135 ? 0.117   13.250  6.241   1.00 16.22  ? 136 ALA A CA    1 
ATOM   972  C C     . ALA A 1 135 ? -0.680  12.325  5.325   1.00 12.48  ? 136 ALA A C     1 
ATOM   973  O O     . ALA A 1 135 ? -0.377  12.200  4.130   1.00 19.41  ? 136 ALA A O     1 
ATOM   974  C CB    . ALA A 1 135 ? 1.072   12.408  7.081   1.00 14.73  ? 136 ALA A CB    1 
ATOM   975  N N     . VAL A 1 136 ? -1.753  11.709  5.879   1.00 17.39  ? 137 VAL A N     1 
ATOM   976  C CA    . VAL A 1 136 ? -2.635  10.852  5.092   1.00 20.18  ? 137 VAL A CA    1 
ATOM   977  C C     . VAL A 1 136 ? -3.274  11.713  3.999   1.00 20.48  ? 137 VAL A C     1 
ATOM   978  O O     . VAL A 1 136 ? -3.229  11.357  2.825   1.00 19.65  ? 137 VAL A O     1 
ATOM   979  C CB    . VAL A 1 136 ? -3.770  10.206  5.981   1.00 18.20  ? 137 VAL A CB    1 
ATOM   980  C CG1   . VAL A 1 136 ? -4.608  9.230   5.150   1.00 16.89  ? 137 VAL A CG1   1 
ATOM   981  C CG2   . VAL A 1 136 ? -3.177  9.394   7.125   1.00 18.33  ? 137 VAL A CG2   1 
ATOM   982  N N     . SER A 1 137 ? -3.832  12.871  4.364   1.00 16.07  ? 138 SER A N     1 
ATOM   983  C CA    . SER A 1 137 ? -4.495  13.767  3.436   1.00 14.12  ? 138 SER A CA    1 
ATOM   984  C C     . SER A 1 137 ? -3.574  14.265  2.338   1.00 11.23  ? 138 SER A C     1 
ATOM   985  O O     . SER A 1 137 ? -3.957  14.241  1.164   1.00 26.53  ? 138 SER A O     1 
ATOM   986  C CB    . SER A 1 137 ? -5.080  14.951  4.216   1.00 17.04  ? 138 SER A CB    1 
ATOM   987  O OG    . SER A 1 137 ? -6.026  14.530  5.188   1.00 48.60  ? 138 SER A OG    1 
ATOM   988  N N     . ALA A 1 138 ? -2.338  14.637  2.655   1.00 20.46  ? 139 ALA A N     1 
ATOM   989  C CA    . ALA A 1 138 ? -1.371  15.109  1.668   1.00 16.99  ? 139 ALA A CA    1 
ATOM   990  C C     . ALA A 1 138 ? -0.923  14.027  0.696   1.00 23.03  ? 139 ALA A C     1 
ATOM   991  O O     . ALA A 1 138 ? -0.749  14.286  -0.501  1.00 20.17  ? 139 ALA A O     1 
ATOM   992  C CB    . ALA A 1 138 ? -0.162  15.651  2.396   1.00 27.03  ? 139 ALA A CB    1 
ATOM   993  N N     . PHE A 1 139 ? -0.763  12.789  1.186   1.00 31.48  ? 140 PHE A N     1 
ATOM   994  C CA    . PHE A 1 139 ? -0.433  11.652  0.342   1.00 20.11  ? 140 PHE A CA    1 
ATOM   995  C C     . PHE A 1 139 ? -1.578  11.364  -0.624  1.00 16.92  ? 140 PHE A C     1 
ATOM   996  O O     . PHE A 1 139 ? -1.331  11.122  -1.807  1.00 21.18  ? 140 PHE A O     1 
ATOM   997  C CB    . PHE A 1 139 ? -0.166  10.420  1.219   1.00 15.17  ? 140 PHE A CB    1 
ATOM   998  C CG    . PHE A 1 139 ? 0.130   9.130   0.463   1.00 13.51  ? 140 PHE A CG    1 
ATOM   999  C CD1   . PHE A 1 139 ? -0.827  8.109   0.448   1.00 14.72  ? 140 PHE A CD1   1 
ATOM   1000 C CD2   . PHE A 1 139 ? 1.331   8.967   -0.217  1.00 10.46  ? 140 PHE A CD2   1 
ATOM   1001 C CE1   . PHE A 1 139 ? -0.575  6.931   -0.248  1.00 16.19  ? 140 PHE A CE1   1 
ATOM   1002 C CE2   . PHE A 1 139 ? 1.572   7.783   -0.909  1.00 12.44  ? 140 PHE A CE2   1 
ATOM   1003 C CZ    . PHE A 1 139 ? 0.623   6.772   -0.923  1.00 10.00  ? 140 PHE A CZ    1 
ATOM   1004 N N     . ALA A 1 140 ? -2.835  11.389  -0.165  1.00 16.15  ? 141 ALA A N     1 
ATOM   1005 C CA    . ALA A 1 140 ? -3.991  11.147  -1.027  1.00 9.03   ? 141 ALA A CA    1 
ATOM   1006 C C     . ALA A 1 140 ? -4.064  12.195  -2.151  1.00 15.48  ? 141 ALA A C     1 
ATOM   1007 O O     . ALA A 1 140 ? -4.276  11.891  -3.331  1.00 17.12  ? 141 ALA A O     1 
ATOM   1008 C CB    . ALA A 1 140 ? -5.271  11.213  -0.188  1.00 14.07  ? 141 ALA A CB    1 
ATOM   1009 N N     . GLU A 1 141 ? -3.792  13.439  -1.757  1.00 21.23  ? 142 GLU A N     1 
ATOM   1010 C CA    . GLU A 1 141 ? -3.694  14.571  -2.644  1.00 15.77  ? 142 GLU A CA    1 
ATOM   1011 C C     . GLU A 1 141 ? -2.614  14.321  -3.683  1.00 22.91  ? 142 GLU A C     1 
ATOM   1012 O O     . GLU A 1 141 ? -2.858  14.544  -4.872  1.00 31.67  ? 142 GLU A O     1 
ATOM   1013 C CB    . GLU A 1 141 ? -3.368  15.796  -1.824  1.00 19.78  ? 142 GLU A CB    1 
ATOM   1014 C CG    . GLU A 1 141 ? -4.600  16.421  -1.182  1.00 51.53  ? 142 GLU A CG    1 
ATOM   1015 C CD    . GLU A 1 141 ? -4.310  17.410  -0.054  1.00 84.39  ? 142 GLU A CD    1 
ATOM   1016 O OE1   . GLU A 1 141 ? -4.893  17.255  1.022   1.00 89.81  ? 142 GLU A OE1   1 
ATOM   1017 O OE2   . GLU A 1 141 ? -3.508  18.329  -0.240  1.00 100.00 ? 142 GLU A OE2   1 
ATOM   1018 N N     . ASP A 1 142 ? -1.440  13.821  -3.282  1.00 20.90  ? 143 ASP A N     1 
ATOM   1019 C CA    . ASP A 1 142 ? -0.384  13.456  -4.220  1.00 12.41  ? 143 ASP A CA    1 
ATOM   1020 C C     . ASP A 1 142 ? -0.806  12.357  -5.170  1.00 22.43  ? 143 ASP A C     1 
ATOM   1021 O O     . ASP A 1 142 ? -0.453  12.456  -6.347  1.00 23.56  ? 143 ASP A O     1 
ATOM   1022 C CB    . ASP A 1 142 ? 0.876   12.925  -3.542  1.00 23.09  ? 143 ASP A CB    1 
ATOM   1023 C CG    . ASP A 1 142 ? 1.532   13.890  -2.580  1.00 53.11  ? 143 ASP A CG    1 
ATOM   1024 O OD1   . ASP A 1 142 ? 1.502   15.092  -2.842  1.00 54.66  ? 143 ASP A OD1   1 
ATOM   1025 O OD2   . ASP A 1 142 ? 2.062   13.434  -1.567  1.00 89.14  ? 143 ASP A OD2   1 
ATOM   1026 N N     . VAL A 1 143 ? -1.562  11.334  -4.715  1.00 26.50  ? 144 VAL A N     1 
ATOM   1027 C CA    . VAL A 1 143 ? -1.922  10.245  -5.610  1.00 42.14  ? 144 VAL A CA    1 
ATOM   1028 C C     . VAL A 1 143 ? -2.973  10.761  -6.573  1.00 19.04  ? 144 VAL A C     1 
ATOM   1029 O O     . VAL A 1 143 ? -2.888  10.480  -7.766  1.00 21.98  ? 144 VAL A O     1 
ATOM   1030 C CB    . VAL A 1 143 ? -2.491  8.911   -4.892  1.00 20.45  ? 144 VAL A CB    1 
ATOM   1031 C CG1   . VAL A 1 143 ? -1.657  8.674   -3.654  1.00 15.77  ? 144 VAL A CG1   1 
ATOM   1032 C CG2   . VAL A 1 143 ? -3.953  8.961   -4.518  1.00 53.84  ? 144 VAL A CG2   1 
ATOM   1033 N N     . LEU A 1 144 ? -3.946  11.554  -6.118  1.00 27.00  ? 145 LEU A N     1 
ATOM   1034 C CA    . LEU A 1 144 ? -5.027  12.065  -6.951  1.00 25.80  ? 145 LEU A CA    1 
ATOM   1035 C C     . LEU A 1 144 ? -4.505  12.914  -8.133  1.00 18.24  ? 145 LEU A C     1 
ATOM   1036 O O     . LEU A 1 144 ? -5.007  12.822  -9.248  1.00 17.45  ? 145 LEU A O     1 
ATOM   1037 C CB    . LEU A 1 144 ? -5.923  12.802  -5.950  1.00 22.02  ? 145 LEU A CB    1 
ATOM   1038 C CG    . LEU A 1 144 ? -7.426  12.527  -5.736  1.00 51.39  ? 145 LEU A CG    1 
ATOM   1039 C CD1   . LEU A 1 144 ? -7.788  11.101  -5.997  1.00 13.48  ? 145 LEU A CD1   1 
ATOM   1040 C CD2   . LEU A 1 144 ? -7.770  12.862  -4.296  1.00 21.13  ? 145 LEU A CD2   1 
ATOM   1041 N N     . LYS A 1 145 ? -3.441  13.694  -7.959  1.00 22.25  ? 146 LYS A N     1 
ATOM   1042 C CA    . LYS A 1 145 ? -2.845  14.478  -9.028  1.00 21.30  ? 146 LYS A CA    1 
ATOM   1043 C C     . LYS A 1 145 ? -2.156  13.597  -10.020 1.00 25.89  ? 146 LYS A C     1 
ATOM   1044 O O     . LYS A 1 145 ? -1.971  14.008  -11.158 1.00 25.14  ? 146 LYS A O     1 
ATOM   1045 C CB    . LYS A 1 145 ? -1.777  15.451  -8.539  1.00 19.68  ? 146 LYS A CB    1 
ATOM   1046 C CG    . LYS A 1 145 ? -2.309  16.780  -8.038  1.00 35.49  ? 146 LYS A CG    1 
ATOM   1047 C CD    . LYS A 1 145 ? -1.251  17.547  -7.234  1.00 38.86  ? 146 LYS A CD    1 
ATOM   1048 C CE    . LYS A 1 145 ? -0.028  18.043  -8.026  1.00 100.00 ? 146 LYS A CE    1 
ATOM   1049 N NZ    . LYS A 1 145 ? -0.296  19.258  -8.779  1.00 88.13  ? 146 LYS A NZ    1 
ATOM   1050 N N     . LYS A 1 146 ? -1.726  12.419  -9.594  1.00 24.33  ? 147 LYS A N     1 
ATOM   1051 C CA    . LYS A 1 146 ? -1.013  11.508  -10.460 1.00 18.65  ? 147 LYS A CA    1 
ATOM   1052 C C     . LYS A 1 146 ? -1.848  10.461  -11.164 1.00 26.31  ? 147 LYS A C     1 
ATOM   1053 O O     . LYS A 1 146 ? -1.337  9.779   -12.059 1.00 21.39  ? 147 LYS A O     1 
ATOM   1054 C CB    . LYS A 1 146 ? 0.080   10.811  -9.655  1.00 20.36  ? 147 LYS A CB    1 
ATOM   1055 C CG    . LYS A 1 146 ? 1.190   11.731  -9.215  1.00 34.69  ? 147 LYS A CG    1 
ATOM   1056 C CD    . LYS A 1 146 ? 1.932   12.311  -10.416 1.00 43.47  ? 147 LYS A CD    1 
ATOM   1057 C CE    . LYS A 1 146 ? 3.171   13.074  -9.953  1.00 50.47  ? 147 LYS A CE    1 
ATOM   1058 N NZ    . LYS A 1 146 ? 4.403   12.349  -10.209 1.00 57.92  ? 147 LYS A NZ    1 
ATOM   1059 N N     . LEU A 1 147 ? -3.101  10.317  -10.749 1.00 21.95  ? 148 LEU A N     1 
ATOM   1060 C CA    . LEU A 1 147 ? -3.987  9.323   -11.330 1.00 38.55  ? 148 LEU A CA    1 
ATOM   1061 C C     . LEU A 1 147 ? -4.596  9.686   -12.667 1.00 50.47  ? 148 LEU A C     1 
ATOM   1062 O O     . LEU A 1 147 ? -4.871  8.761   -13.432 1.00 50.81  ? 148 LEU A O     1 
ATOM   1063 C CB    . LEU A 1 147 ? -5.155  8.986   -10.383 1.00 25.28  ? 148 LEU A CB    1 
ATOM   1064 C CG    . LEU A 1 147 ? -4.880  8.268   -9.050  1.00 38.77  ? 148 LEU A CG    1 
ATOM   1065 C CD1   . LEU A 1 147 ? -6.185  7.905   -8.389  1.00 26.78  ? 148 LEU A CD1   1 
ATOM   1066 C CD2   . LEU A 1 147 ? -4.071  7.010   -9.294  1.00 28.54  ? 148 LEU A CD2   1 
ATOM   1067 O OXT   . LEU A 1 147 ? -4.839  10.870  -12.910 1.00 89.13  ? 148 LEU A OXT   1 
HETATM 1068 N N1    . FMN B 2 .   ? 7.496   -1.593  13.046  1.00 7.76   ? 150 FMN A N1    1 
HETATM 1069 C C2    . FMN B 2 .   ? 8.216   -1.081  12.089  1.00 10.70  ? 150 FMN A C2    1 
HETATM 1070 O O2    . FMN B 2 .   ? 8.115   -0.056  11.531  1.00 14.89  ? 150 FMN A O2    1 
HETATM 1071 N N3    . FMN B 2 .   ? 9.258   -1.873  11.669  1.00 6.93   ? 150 FMN A N3    1 
HETATM 1072 C C4    . FMN B 2 .   ? 9.504   -3.116  12.246  1.00 8.06   ? 150 FMN A C4    1 
HETATM 1073 O O4    . FMN B 2 .   ? 10.457  -3.825  11.844  1.00 10.94  ? 150 FMN A O4    1 
HETATM 1074 C C4A   . FMN B 2 .   ? 8.666   -3.571  13.287  1.00 9.16   ? 150 FMN A C4A   1 
HETATM 1075 N N5    . FMN B 2 .   ? 8.863   -4.789  13.906  1.00 9.61   ? 150 FMN A N5    1 
HETATM 1076 C C5A   . FMN B 2 .   ? 8.026   -5.226  14.929  1.00 7.62   ? 150 FMN A C5A   1 
HETATM 1077 C C6    . FMN B 2 .   ? 8.268   -6.461  15.529  1.00 8.75   ? 150 FMN A C6    1 
HETATM 1078 C C7    . FMN B 2 .   ? 7.424   -6.922  16.570  1.00 10.75  ? 150 FMN A C7    1 
HETATM 1079 C C7M   . FMN B 2 .   ? 7.746   -8.272  17.191  1.00 11.16  ? 150 FMN A C7M   1 
HETATM 1080 C C8    . FMN B 2 .   ? 6.297   -6.155  17.036  1.00 13.80  ? 150 FMN A C8    1 
HETATM 1081 C C8M   . FMN B 2 .   ? 5.551   -6.709  18.039  1.00 7.54   ? 150 FMN A C8M   1 
HETATM 1082 C C9    . FMN B 2 .   ? 6.221   -4.971  16.323  1.00 9.71   ? 150 FMN A C9    1 
HETATM 1083 C C9A   . FMN B 2 .   ? 6.929   -4.409  15.343  1.00 8.66   ? 150 FMN A C9A   1 
HETATM 1084 N N10   . FMN B 2 .   ? 6.850   -3.238  14.658  1.00 10.12  ? 150 FMN A N10   1 
HETATM 1085 C C10   . FMN B 2 .   ? 7.598   -2.736  13.691  1.00 11.36  ? 150 FMN A C10   1 
HETATM 1086 C "C1'" . FMN B 2 .   ? 5.756   -2.238  14.955  1.00 17.40  ? 150 FMN A "C1'" 1 
HETATM 1087 C "C2'" . FMN B 2 .   ? 4.433   -2.481  14.175  1.00 13.59  ? 150 FMN A "C2'" 1 
HETATM 1088 O "O2'" . FMN B 2 .   ? 4.622   -2.549  12.744  1.00 10.81  ? 150 FMN A "O2'" 1 
HETATM 1089 C "C3'" . FMN B 2 .   ? 3.412   -1.380  14.520  1.00 4.42   ? 150 FMN A "C3'" 1 
HETATM 1090 O "O3'" . FMN B 2 .   ? 2.756   -1.713  15.699  1.00 11.99  ? 150 FMN A "O3'" 1 
HETATM 1091 C "C4'" . FMN B 2 .   ? 2.406   -1.205  13.381  1.00 4.45   ? 150 FMN A "C4'" 1 
HETATM 1092 O "O4'" . FMN B 2 .   ? 1.738   0.030   13.559  1.00 15.47  ? 150 FMN A "O4'" 1 
HETATM 1093 C "C5'" . FMN B 2 .   ? 1.328   -2.301  13.300  1.00 19.92  ? 150 FMN A "C5'" 1 
HETATM 1094 O "O5'" . FMN B 2 .   ? 0.503   -2.010  12.184  1.00 10.71  ? 150 FMN A "O5'" 1 
HETATM 1095 P P     . FMN B 2 .   ? -0.742  -2.966  11.766  1.00 10.71  ? 150 FMN A P     1 
HETATM 1096 O O1P   . FMN B 2 .   ? -1.353  -2.385  10.559  1.00 16.90  ? 150 FMN A O1P   1 
HETATM 1097 O O2P   . FMN B 2 .   ? -1.790  -2.996  12.803  1.00 6.75   ? 150 FMN A O2P   1 
HETATM 1098 O O3P   . FMN B 2 .   ? -0.253  -4.373  11.535  1.00 10.65  ? 150 FMN A O3P   1 
HETATM 1099 O O     . HOH C 3 .   ? -4.327  -8.148  6.823   1.00 12.09  ? 300 HOH A O     1 
HETATM 1100 O O     . HOH C 3 .   ? -6.809  -7.154  9.056   1.00 41.07  ? 301 HOH A O     1 
HETATM 1101 O O     . HOH C 3 .   ? -0.768  -1.795  17.453  1.00 26.61  ? 302 HOH A O     1 
HETATM 1102 O O     . HOH C 3 .   ? -11.576 -2.411  6.263   1.00 32.26  ? 303 HOH A O     1 
HETATM 1103 O O     . HOH C 3 .   ? -13.336 0.628   7.999   1.00 46.44  ? 304 HOH A O     1 
HETATM 1104 O O     . HOH C 3 .   ? -11.364 11.951  -11.410 1.00 49.53  ? 305 HOH A O     1 
HETATM 1105 O O     . HOH C 3 .   ? 10.954  -5.789  9.825   1.00 16.81  ? 306 HOH A O     1 
HETATM 1106 O O     . HOH C 3 .   ? 8.402   -10.960 4.627   1.00 27.92  ? 307 HOH A O     1 
HETATM 1107 O O     . HOH C 3 .   ? -1.894  -14.955 8.321   1.00 64.34  ? 308 HOH A O     1 
HETATM 1108 O O     . HOH C 3 .   ? 4.953   4.726   -3.208  1.00 11.16  ? 309 HOH A O     1 
HETATM 1109 O O     . HOH C 3 .   ? 5.841   -1.140  9.754   1.00 14.19  ? 310 HOH A O     1 
HETATM 1110 O O     . HOH C 3 .   ? 11.714  4.699   7.154   1.00 10.39  ? 311 HOH A O     1 
HETATM 1111 O O     . HOH C 3 .   ? 2.698   2.300   15.752  1.00 22.67  ? 312 HOH A O     1 
HETATM 1112 O O     . HOH C 3 .   ? 1.636   -9.510  13.458  1.00 48.54  ? 313 HOH A O     1 
HETATM 1113 O O     . HOH C 3 .   ? 6.145   -1.454  6.843   1.00 8.74   ? 314 HOH A O     1 
HETATM 1114 O O     . HOH C 3 .   ? -6.350  16.802  7.230   1.00 52.22  ? 315 HOH A O     1 
HETATM 1115 O O     . HOH C 3 .   ? -2.870  2.576   17.240  1.00 44.22  ? 316 HOH A O     1 
HETATM 1116 O O     . HOH C 3 .   ? -0.237  0.851   17.906  1.00 38.64  ? 317 HOH A O     1 
HETATM 1117 O O     . HOH C 3 .   ? 4.071   -0.601  18.406  1.00 14.46  ? 318 HOH A O     1 
HETATM 1118 O O     . HOH C 3 .   ? -9.654  5.238   8.795   1.00 22.71  ? 319 HOH A O     1 
HETATM 1119 O O     . HOH C 3 .   ? -7.642  12.188  -9.944  1.00 27.06  ? 320 HOH A O     1 
HETATM 1120 O O     . HOH C 3 .   ? -17.299 -2.699  -11.061 1.00 44.61  ? 321 HOH A O     1 
HETATM 1121 O O     . HOH C 3 .   ? -7.842  -11.562 -5.064  1.00 33.24  ? 322 HOH A O     1 
HETATM 1122 O O     . HOH C 3 .   ? -11.089 -5.348  -11.826 1.00 60.76  ? 323 HOH A O     1 
HETATM 1123 O O     . HOH C 3 .   ? -0.494  4.576   -16.156 1.00 53.76  ? 324 HOH A O     1 
HETATM 1124 O O     . HOH C 3 .   ? 5.450   9.950   -11.822 1.00 55.30  ? 325 HOH A O     1 
HETATM 1125 O O     . HOH C 3 .   ? 1.148   -18.431 -0.879  1.00 50.76  ? 326 HOH A O     1 
HETATM 1126 O O     . HOH C 3 .   ? 3.309   -8.175  -11.986 1.00 30.20  ? 327 HOH A O     1 
HETATM 1127 O O     . HOH C 3 .   ? 2.400   -18.690 -8.330  1.00 72.83  ? 328 HOH A O     1 
HETATM 1128 O O     . HOH C 3 .   ? 5.674   -13.725 -15.237 1.00 71.45  ? 329 HOH A O     1 
HETATM 1129 O O     . HOH C 3 .   ? 14.136  2.273   12.026  1.00 12.27  ? 330 HOH A O     1 
HETATM 1130 O O     . HOH C 3 .   ? 6.953   8.970   9.599   1.00 15.52  ? 331 HOH A O     1 
HETATM 1131 O O     . HOH C 3 .   ? 12.330  3.747   -2.393  1.00 49.07  ? 332 HOH A O     1 
HETATM 1132 O O     . HOH C 3 .   ? 4.126   11.242  -1.438  1.00 42.50  ? 333 HOH A O     1 
HETATM 1133 O O     . HOH C 3 .   ? 3.334   9.689   12.115  1.00 24.03  ? 334 HOH A O     1 
HETATM 1134 O O     . HOH C 3 .   ? 0.104   17.853  -2.914  1.00 53.68  ? 335 HOH A O     1 
HETATM 1135 O O     . HOH C 3 .   ? -12.047 -0.290  -8.624  1.00 28.63  ? 336 HOH A O     1 
HETATM 1136 O O     . HOH C 3 .   ? -13.155 -2.408  -10.146 1.00 39.93  ? 337 HOH A O     1 
HETATM 1137 O O     . HOH C 3 .   ? -14.744 3.558   -13.290 1.00 45.13  ? 338 HOH A O     1 
HETATM 1138 O O     . HOH C 3 .   ? -10.781 -6.451  6.222   1.00 31.73  ? 339 HOH A O     1 
HETATM 1139 O O     . HOH C 3 .   ? -12.891 6.530   6.017   1.00 27.10  ? 340 HOH A O     1 
HETATM 1140 O O     . HOH C 3 .   ? -9.341  14.450  5.051   1.00 70.13  ? 341 HOH A O     1 
HETATM 1141 O O     . HOH C 3 .   ? -10.848 2.977   9.872   1.00 58.87  ? 342 HOH A O     1 
HETATM 1142 O O     . HOH C 3 .   ? -6.939  10.242  8.895   1.00 36.03  ? 343 HOH A O     1 
HETATM 1143 O O     . HOH C 3 .   ? -6.658  12.181  6.981   1.00 36.83  ? 344 HOH A O     1 
HETATM 1144 O O     . HOH C 3 .   ? -10.429 13.724  -1.719  1.00 25.24  ? 345 HOH A O     1 
HETATM 1145 O O     . HOH C 3 .   ? -7.704  14.726  -0.615  1.00 56.89  ? 346 HOH A O     1 
HETATM 1146 O O     . HOH C 3 .   ? -9.633  13.999  -8.480  1.00 59.50  ? 347 HOH A O     1 
HETATM 1147 O O     . HOH C 3 .   ? -11.298 -7.348  1.964   1.00 18.77  ? 348 HOH A O     1 
HETATM 1148 O O     . HOH C 3 .   ? -2.942  -13.856 1.989   1.00 37.93  ? 349 HOH A O     1 
HETATM 1149 O O     . HOH C 3 .   ? -4.873  -11.039 -18.290 1.00 60.88  ? 350 HOH A O     1 
HETATM 1150 O O     . HOH C 3 .   ? -6.071  -4.257  -16.674 1.00 49.73  ? 351 HOH A O     1 
HETATM 1151 O O     . HOH C 3 .   ? -9.286  5.169   -16.053 1.00 99.27  ? 352 HOH A O     1 
HETATM 1152 O O     . HOH C 3 .   ? 14.088  -11.003 12.465  1.00 50.06  ? 353 HOH A O     1 
HETATM 1153 O O     . HOH C 3 .   ? 5.602   -12.806 8.176   1.00 49.54  ? 354 HOH A O     1 
HETATM 1154 O O     . HOH C 3 .   ? 4.443   -11.270 12.467  1.00 37.63  ? 355 HOH A O     1 
HETATM 1155 O O     . HOH C 3 .   ? 10.462  -10.628 14.487  1.00 86.55  ? 356 HOH A O     1 
HETATM 1156 O O     . HOH C 3 .   ? 2.183   -10.155 10.801  1.00 32.37  ? 357 HOH A O     1 
HETATM 1157 O O     . HOH C 3 .   ? -6.076  -10.306 8.572   1.00 80.17  ? 358 HOH A O     1 
HETATM 1158 O O     . HOH C 3 .   ? 4.831   -17.420 0.654   1.00 49.50  ? 359 HOH A O     1 
HETATM 1159 O O     . HOH C 3 .   ? 7.498   -11.861 -7.487  1.00 34.88  ? 360 HOH A O     1 
HETATM 1160 O O     . HOH C 3 .   ? -0.923  -1.250  -17.915 1.00 58.73  ? 361 HOH A O     1 
HETATM 1161 O O     . HOH C 3 .   ? 1.823   10.287  -14.000 1.00 40.53  ? 362 HOH A O     1 
HETATM 1162 O O     . HOH C 3 .   ? 14.151  1.351   20.778  1.00 34.23  ? 363 HOH A O     1 
HETATM 1163 O O     . HOH C 3 .   ? 15.223  -0.792  18.440  1.00 33.44  ? 364 HOH A O     1 
HETATM 1164 O O     . HOH C 3 .   ? 6.483   4.902   18.567  1.00 25.83  ? 365 HOH A O     1 
HETATM 1165 O O     . HOH C 3 .   ? 2.095   1.648   20.523  1.00 33.37  ? 366 HOH A O     1 
HETATM 1166 O O     . HOH C 3 .   ? 3.598   3.672   18.424  1.00 38.81  ? 367 HOH A O     1 
HETATM 1167 O O     . HOH C 3 .   ? 1.430   5.324   17.888  1.00 42.83  ? 368 HOH A O     1 
HETATM 1168 O O     . HOH C 3 .   ? 8.800   6.478   18.951  1.00 66.91  ? 369 HOH A O     1 
HETATM 1169 O O     . HOH C 3 .   ? 13.431  -1.697  4.739   1.00 51.19  ? 370 HOH A O     1 
HETATM 1170 O O     . HOH C 3 .   ? 14.890  -0.535  -1.272  1.00 51.22  ? 371 HOH A O     1 
HETATM 1171 O O     . HOH C 3 .   ? 13.751  -5.003  0.360   1.00 67.98  ? 372 HOH A O     1 
HETATM 1172 O O     . HOH C 3 .   ? 9.320   2.440   -12.861 1.00 56.14  ? 373 HOH A O     1 
HETATM 1173 O O     . HOH C 3 .   ? 9.846   7.067   -9.174  1.00 90.70  ? 374 HOH A O     1 
HETATM 1174 O O     . HOH C 3 .   ? 8.650   7.288   1.318   1.00 40.37  ? 375 HOH A O     1 
HETATM 1175 O O     . HOH C 3 .   ? 12.121  4.794   2.211   1.00 26.89  ? 376 HOH A O     1 
HETATM 1176 O O     . HOH C 3 .   ? 4.200   11.268  7.715   1.00 38.69  ? 377 HOH A O     1 
HETATM 1177 O O     . HOH C 3 .   ? 4.670   10.027  18.495  1.00 100.00 ? 378 HOH A O     1 
HETATM 1178 O O     . HOH C 3 .   ? 6.049   10.422  11.887  1.00 38.79  ? 379 HOH A O     1 
HETATM 1179 O O     . HOH C 3 .   ? 7.139   8.661   18.505  1.00 49.40  ? 380 HOH A O     1 
HETATM 1180 O O     . HOH C 3 .   ? 6.072   13.523  10.766  1.00 91.60  ? 381 HOH A O     1 
HETATM 1181 O O     . HOH C 3 .   ? -8.619  0.012   11.938  1.00 36.96  ? 382 HOH A O     1 
HETATM 1182 O O     . HOH C 3 .   ? -4.142  13.833  15.100  1.00 39.45  ? 383 HOH A O     1 
HETATM 1183 O O     . HOH C 3 .   ? -7.957  12.633  13.363  1.00 61.23  ? 384 HOH A O     1 
HETATM 1184 O O     . HOH C 3 .   ? 13.155  6.573   -4.137  1.00 79.48  ? 385 HOH A O     1 
HETATM 1185 O O     . HOH C 3 .   ? -2.593  17.804  4.463   1.00 36.88  ? 386 HOH A O     1 
HETATM 1186 O O     . HOH C 3 .   ? -6.858  17.892  4.748   1.00 91.15  ? 387 HOH A O     1 
HETATM 1187 O O     . HOH C 3 .   ? 6.682   -10.735 14.536  1.00 44.95  ? 388 HOH A O     1 
HETATM 1188 O O     . HOH C 3 .   ? 14.004  -3.458  16.203  1.00 29.34  ? 389 HOH A O     1 
HETATM 1189 O O     . HOH C 3 .   ? 16.167  -8.234  6.153   1.00 37.72  ? 390 HOH A O     1 
HETATM 1190 O O     . HOH C 3 .   ? 16.733  -0.198  10.923  1.00 18.42  ? 391 HOH A O     1 
# 
loop_
_pdbx_poly_seq_scheme.asym_id 
_pdbx_poly_seq_scheme.entity_id 
_pdbx_poly_seq_scheme.seq_id 
_pdbx_poly_seq_scheme.mon_id 
_pdbx_poly_seq_scheme.ndb_seq_num 
_pdbx_poly_seq_scheme.pdb_seq_num 
_pdbx_poly_seq_scheme.auth_seq_num 
_pdbx_poly_seq_scheme.pdb_mon_id 
_pdbx_poly_seq_scheme.auth_mon_id 
_pdbx_poly_seq_scheme.pdb_strand_id 
_pdbx_poly_seq_scheme.pdb_ins_code 
_pdbx_poly_seq_scheme.hetero 
A 1 1   SER 1   2   2   SER SER A . n 
A 1 2   LYS 2   3   3   LYS LYS A . n 
A 1 3   VAL 3   4   4   VAL VAL A . n 
A 1 4   LEU 4   5   5   LEU LEU A . n 
A 1 5   ILE 5   6   6   ILE ILE A . n 
A 1 6   LEU 6   7   7   LEU LEU A . n 
A 1 7   PHE 7   8   8   PHE PHE A . n 
A 1 8   GLY 8   9   9   GLY GLY A . n 
A 1 9   SER 9   10  10  SER SER A . n 
A 1 10  SER 10  11  11  SER SER A . n 
A 1 11  THR 11  12  12  THR THR A . n 
A 1 12  GLY 12  13  13  GLY GLY A . n 
A 1 13  ASN 13  14  14  ASN ASN A . n 
A 1 14  THR 14  15  15  THR THR A . n 
A 1 15  GLU 15  16  16  GLU GLU A . n 
A 1 16  SER 16  17  17  SER SER A . n 
A 1 17  ILE 17  18  18  ILE ILE A . n 
A 1 18  ALA 18  19  19  ALA ALA A . n 
A 1 19  GLN 19  20  20  GLN GLN A . n 
A 1 20  LYS 20  21  21  LYS LYS A . n 
A 1 21  LEU 21  22  22  LEU LEU A . n 
A 1 22  GLU 22  23  23  GLU GLU A . n 
A 1 23  GLU 23  24  24  GLU GLU A . n 
A 1 24  LEU 24  25  25  LEU LEU A . n 
A 1 25  VAL 25  26  26  VAL VAL A . n 
A 1 26  ALA 26  27  27  ALA ALA A . n 
A 1 27  ALA 27  28  28  ALA ALA A . n 
A 1 28  GLY 28  29  29  GLY GLY A . n 
A 1 29  GLY 29  30  30  GLY GLY A . n 
A 1 30  HIS 30  31  31  HIS HIS A . n 
A 1 31  GLU 31  32  32  GLU GLU A . n 
A 1 32  VAL 32  33  33  VAL VAL A . n 
A 1 33  THR 33  34  34  THR THR A . n 
A 1 34  LEU 34  35  35  LEU LEU A . n 
A 1 35  LEU 35  36  36  LEU LEU A . n 
A 1 36  ASN 36  37  37  ASN ASN A . n 
A 1 37  ALA 37  38  38  ALA ALA A . n 
A 1 38  ALA 38  39  39  ALA ALA A . n 
A 1 39  GLU 39  40  40  GLU GLU A . n 
A 1 40  ALA 40  41  41  ALA ALA A . n 
A 1 41  SER 41  42  42  SER SER A . n 
A 1 42  ALA 42  43  43  ALA ALA A . n 
A 1 43  ASP 43  44  44  ASP ASP A . n 
A 1 44  ASN 44  45  45  ASN ASN A . n 
A 1 45  LEU 45  46  46  LEU LEU A . n 
A 1 46  ALA 46  47  47  ALA ALA A . n 
A 1 47  ASP 47  48  48  ASP ASP A . n 
A 1 48  GLY 48  49  49  GLY GLY A . n 
A 1 49  TYR 49  50  50  TYR TYR A . n 
A 1 50  ASP 50  51  51  ASP ASP A . n 
A 1 51  ALA 51  52  52  ALA ALA A . n 
A 1 52  VAL 52  53  53  VAL VAL A . n 
A 1 53  LEU 53  54  54  LEU LEU A . n 
A 1 54  MET 54  55  55  MET MET A . n 
A 1 55  GLY 55  56  56  GLY GLY A . n 
A 1 56  CYS 56  57  57  CYS CYS A . n 
A 1 57  SER 57  58  58  SER SER A . n 
A 1 58  ALA 58  59  59  ALA ALA A . n 
A 1 59  TRP 59  60  60  TRP TRP A . n 
A 1 60  GLY 60  61  61  GLY GLY A . n 
A 1 61  MET 61  62  62  MET MET A . n 
A 1 62  GLU 62  63  63  GLU GLU A . n 
A 1 63  ASP 63  64  64  ASP ASP A . n 
A 1 64  LEU 64  65  65  LEU LEU A . n 
A 1 65  GLU 65  66  66  GLU GLU A . n 
A 1 66  LEU 66  67  67  LEU LEU A . n 
A 1 67  GLN 67  68  68  GLN GLN A . n 
A 1 68  ASP 68  69  69  ASP ASP A . n 
A 1 69  ASP 69  70  70  ASP ASP A . n 
A 1 70  PHE 70  71  71  PHE PHE A . n 
A 1 71  ALA 71  72  72  ALA ALA A . n 
A 1 72  PRO 72  73  73  PRO PRO A . n 
A 1 73  LEU 73  74  74  LEU LEU A . n 
A 1 74  PHE 74  75  75  PHE PHE A . n 
A 1 75  ASP 75  76  76  ASP ASP A . n 
A 1 76  GLU 76  77  77  GLU GLU A . n 
A 1 77  MET 77  78  78  MET MET A . n 
A 1 78  GLU 78  79  79  GLU GLU A . n 
A 1 79  ASN 79  80  80  ASN ASN A . n 
A 1 80  MET 80  81  81  MET MET A . n 
A 1 81  GLY 81  82  82  GLY GLY A . n 
A 1 82  LEU 82  83  83  LEU LEU A . n 
A 1 83  LYS 83  84  84  LYS LYS A . n 
A 1 84  GLY 84  85  85  GLY GLY A . n 
A 1 85  LYS 85  86  86  LYS LYS A . n 
A 1 86  LYS 86  87  87  LYS LYS A . n 
A 1 87  LEU 87  88  88  LEU LEU A . n 
A 1 88  ALA 88  89  89  ALA ALA A . n 
A 1 89  ALA 89  90  90  ALA ALA A . n 
A 1 90  PHE 90  91  91  PHE PHE A . n 
A 1 91  ALA 91  92  92  ALA ALA A . n 
A 1 92  SER 92  93  93  SER SER A . n 
A 1 93  GLY 93  94  94  GLY GLY A . n 
A 1 94  ASP 94  95  95  ASP ASP A . n 
A 1 95  MET 95  96  96  MET MET A . n 
A 1 96  GLU 96  97  97  GLU GLU A . n 
A 1 97  TYR 97  98  98  TYR TYR A . n 
A 1 98  GLU 98  99  99  GLU GLU A . n 
A 1 99  HIS 99  100 100 HIS HIS A . n 
A 1 100 TYR 100 101 101 TYR TYR A . n 
A 1 101 CYS 101 102 102 CYS CYS A . n 
A 1 102 GLY 102 103 103 GLY GLY A . n 
A 1 103 ALA 103 104 104 ALA ALA A . n 
A 1 104 VAL 104 105 105 VAL VAL A . n 
A 1 105 PRO 105 106 106 PRO PRO A . n 
A 1 106 ALA 106 107 107 ALA ALA A . n 
A 1 107 ILE 107 108 108 ILE ILE A . n 
A 1 108 GLU 108 109 109 GLU GLU A . n 
A 1 109 GLU 109 110 110 GLU GLU A . n 
A 1 110 LYS 110 111 111 LYS LYS A . n 
A 1 111 ALA 111 112 112 ALA ALA A . n 
A 1 112 ARG 112 113 113 ARG ARG A . n 
A 1 113 GLY 113 114 114 GLY GLY A . n 
A 1 114 LEU 114 115 115 LEU LEU A . n 
A 1 115 GLY 115 116 116 GLY GLY A . n 
A 1 116 ALA 116 117 117 ALA ALA A . n 
A 1 117 GLU 117 118 118 GLU GLU A . n 
A 1 118 VAL 118 119 119 VAL VAL A . n 
A 1 119 ILE 119 120 120 ILE ILE A . n 
A 1 120 CYS 120 121 121 CYS CYS A . n 
A 1 121 GLU 121 122 122 GLU GLU A . n 
A 1 122 GLY 122 123 123 GLY GLY A . n 
A 1 123 LEU 123 124 124 LEU LEU A . n 
A 1 124 LYS 124 125 125 LYS LYS A . n 
A 1 125 ILE 125 126 126 ILE ILE A . n 
A 1 126 GLU 126 127 127 GLU GLU A . n 
A 1 127 GLY 127 128 128 GLY GLY A . n 
A 1 128 ASP 128 129 129 ASP ASP A . n 
A 1 129 ALA 129 130 130 ALA ALA A . n 
A 1 130 SER 130 131 131 SER SER A . n 
A 1 131 SER 131 132 132 SER SER A . n 
A 1 132 ASP 132 133 133 ASP ASP A . n 
A 1 133 PRO 133 134 134 PRO PRO A . n 
A 1 134 ASP 134 135 135 ASP ASP A . n 
A 1 135 ALA 135 136 136 ALA ALA A . n 
A 1 136 VAL 136 137 137 VAL VAL A . n 
A 1 137 SER 137 138 138 SER SER A . n 
A 1 138 ALA 138 139 139 ALA ALA A . n 
A 1 139 PHE 139 140 140 PHE PHE A . n 
A 1 140 ALA 140 141 141 ALA ALA A . n 
A 1 141 GLU 141 142 142 GLU GLU A . n 
A 1 142 ASP 142 143 143 ASP ASP A . n 
A 1 143 VAL 143 144 144 VAL VAL A . n 
A 1 144 LEU 144 145 145 LEU LEU A . n 
A 1 145 LYS 145 146 146 LYS LYS A . n 
A 1 146 LYS 146 147 147 LYS LYS A . n 
A 1 147 LEU 147 148 148 LEU LEU A . n 
# 
loop_
_pdbx_nonpoly_scheme.asym_id 
_pdbx_nonpoly_scheme.entity_id 
_pdbx_nonpoly_scheme.mon_id 
_pdbx_nonpoly_scheme.ndb_seq_num 
_pdbx_nonpoly_scheme.pdb_seq_num 
_pdbx_nonpoly_scheme.auth_seq_num 
_pdbx_nonpoly_scheme.pdb_mon_id 
_pdbx_nonpoly_scheme.auth_mon_id 
_pdbx_nonpoly_scheme.pdb_strand_id 
_pdbx_nonpoly_scheme.pdb_ins_code 
B 2 FMN 1  150 150 FMN FMN A . 
C 3 HOH 1  300 300 HOH HOH A . 
C 3 HOH 2  301 301 HOH HOH A . 
C 3 HOH 3  302 302 HOH HOH A . 
C 3 HOH 4  303 303 HOH HOH A . 
C 3 HOH 5  304 304 HOH HOH A . 
C 3 HOH 6  305 305 HOH HOH A . 
C 3 HOH 7  306 306 HOH HOH A . 
C 3 HOH 8  307 307 HOH HOH A . 
C 3 HOH 9  308 308 HOH HOH A . 
C 3 HOH 10 309 309 HOH HOH A . 
C 3 HOH 11 310 310 HOH HOH A . 
C 3 HOH 12 311 311 HOH HOH A . 
C 3 HOH 13 312 312 HOH HOH A . 
C 3 HOH 14 313 313 HOH HOH A . 
C 3 HOH 15 314 314 HOH HOH A . 
C 3 HOH 16 315 315 HOH HOH A . 
C 3 HOH 17 316 316 HOH HOH A . 
C 3 HOH 18 317 317 HOH HOH A . 
C 3 HOH 19 318 318 HOH HOH A . 
C 3 HOH 20 319 319 HOH HOH A . 
C 3 HOH 21 320 320 HOH HOH A . 
C 3 HOH 22 321 321 HOH HOH A . 
C 3 HOH 23 322 322 HOH HOH A . 
C 3 HOH 24 323 323 HOH HOH A . 
C 3 HOH 25 324 324 HOH HOH A . 
C 3 HOH 26 325 325 HOH HOH A . 
C 3 HOH 27 326 326 HOH HOH A . 
C 3 HOH 28 327 327 HOH HOH A . 
C 3 HOH 29 328 328 HOH HOH A . 
C 3 HOH 30 329 329 HOH HOH A . 
C 3 HOH 31 330 330 HOH HOH A . 
C 3 HOH 32 331 331 HOH HOH A . 
C 3 HOH 33 332 332 HOH HOH A . 
C 3 HOH 34 333 333 HOH HOH A . 
C 3 HOH 35 334 334 HOH HOH A . 
C 3 HOH 36 335 335 HOH HOH A . 
C 3 HOH 37 336 336 HOH HOH A . 
C 3 HOH 38 337 337 HOH HOH A . 
C 3 HOH 39 338 338 HOH HOH A . 
C 3 HOH 40 339 339 HOH HOH A . 
C 3 HOH 41 340 340 HOH HOH A . 
C 3 HOH 42 341 341 HOH HOH A . 
C 3 HOH 43 342 342 HOH HOH A . 
C 3 HOH 44 343 343 HOH HOH A . 
C 3 HOH 45 344 344 HOH HOH A . 
C 3 HOH 46 345 345 HOH HOH A . 
C 3 HOH 47 346 346 HOH HOH A . 
C 3 HOH 48 347 347 HOH HOH A . 
C 3 HOH 49 348 348 HOH HOH A . 
C 3 HOH 50 349 349 HOH HOH A . 
C 3 HOH 51 350 350 HOH HOH A . 
C 3 HOH 52 351 351 HOH HOH A . 
C 3 HOH 53 352 352 HOH HOH A . 
C 3 HOH 54 353 353 HOH HOH A . 
C 3 HOH 55 354 354 HOH HOH A . 
C 3 HOH 56 355 355 HOH HOH A . 
C 3 HOH 57 356 356 HOH HOH A . 
C 3 HOH 58 357 357 HOH HOH A . 
C 3 HOH 59 358 358 HOH HOH A . 
C 3 HOH 60 359 359 HOH HOH A . 
C 3 HOH 61 360 360 HOH HOH A . 
C 3 HOH 62 361 361 HOH HOH A . 
C 3 HOH 63 362 362 HOH HOH A . 
C 3 HOH 64 363 363 HOH HOH A . 
C 3 HOH 65 364 364 HOH HOH A . 
C 3 HOH 66 365 365 HOH HOH A . 
C 3 HOH 67 366 366 HOH HOH A . 
C 3 HOH 68 367 367 HOH HOH A . 
C 3 HOH 69 368 368 HOH HOH A . 
C 3 HOH 70 369 369 HOH HOH A . 
C 3 HOH 71 370 370 HOH HOH A . 
C 3 HOH 72 371 371 HOH HOH A . 
C 3 HOH 73 372 372 HOH HOH A . 
C 3 HOH 74 373 373 HOH HOH A . 
C 3 HOH 75 374 374 HOH HOH A . 
C 3 HOH 76 375 375 HOH HOH A . 
C 3 HOH 77 376 376 HOH HOH A . 
C 3 HOH 78 377 377 HOH HOH A . 
C 3 HOH 79 378 378 HOH HOH A . 
C 3 HOH 80 379 379 HOH HOH A . 
C 3 HOH 81 380 380 HOH HOH A . 
C 3 HOH 82 381 381 HOH HOH A . 
C 3 HOH 83 382 382 HOH HOH A . 
C 3 HOH 84 383 383 HOH HOH A . 
C 3 HOH 85 384 384 HOH HOH A . 
C 3 HOH 86 385 385 HOH HOH A . 
C 3 HOH 87 386 386 HOH HOH A . 
C 3 HOH 88 387 387 HOH HOH A . 
C 3 HOH 89 388 388 HOH HOH A . 
C 3 HOH 90 389 389 HOH HOH A . 
C 3 HOH 91 390 390 HOH HOH A . 
C 3 HOH 92 391 391 HOH HOH A . 
# 
_pdbx_struct_assembly.id                   1 
_pdbx_struct_assembly.details              author_and_software_defined_assembly 
_pdbx_struct_assembly.method_details       PISA 
_pdbx_struct_assembly.oligomeric_details   monomeric 
_pdbx_struct_assembly.oligomeric_count     1 
# 
_pdbx_struct_assembly_gen.assembly_id       1 
_pdbx_struct_assembly_gen.oper_expression   1 
_pdbx_struct_assembly_gen.asym_id_list      A,B,C 
# 
_pdbx_struct_oper_list.id                   1 
_pdbx_struct_oper_list.type                 'identity operation' 
_pdbx_struct_oper_list.name                 1_555 
_pdbx_struct_oper_list.symmetry_operation   x,y,z 
_pdbx_struct_oper_list.matrix[1][1]         1.0000000000 
_pdbx_struct_oper_list.matrix[1][2]         0.0000000000 
_pdbx_struct_oper_list.matrix[1][3]         0.0000000000 
_pdbx_struct_oper_list.vector[1]            0.0000000000 
_pdbx_struct_oper_list.matrix[2][1]         0.0000000000 
_pdbx_struct_oper_list.matrix[2][2]         1.0000000000 
_pdbx_struct_oper_list.matrix[2][3]         0.0000000000 
_pdbx_struct_oper_list.vector[2]            0.0000000000 
_pdbx_struct_oper_list.matrix[3][1]         0.0000000000 
_pdbx_struct_oper_list.matrix[3][2]         0.0000000000 
_pdbx_struct_oper_list.matrix[3][3]         1.0000000000 
_pdbx_struct_oper_list.vector[3]            0.0000000000 
# 
loop_
_pdbx_audit_revision_history.ordinal 
_pdbx_audit_revision_history.data_content_type 
_pdbx_audit_revision_history.major_revision 
_pdbx_audit_revision_history.minor_revision 
_pdbx_audit_revision_history.revision_date 
1 'Structure model' 1 0 2009-11-24 
2 'Structure model' 1 1 2011-07-13 
3 'Structure model' 1 2 2017-11-01 
4 'Structure model' 1 3 2019-10-16 
5 'Structure model' 1 4 2023-11-01 
# 
_pdbx_audit_revision_details.ordinal             1 
_pdbx_audit_revision_details.revision_ordinal    1 
_pdbx_audit_revision_details.data_content_type   'Structure model' 
_pdbx_audit_revision_details.provider            repository 
_pdbx_audit_revision_details.type                'Initial release' 
_pdbx_audit_revision_details.description         ? 
_pdbx_audit_revision_details.details             ? 
# 
loop_
_pdbx_audit_revision_group.ordinal 
_pdbx_audit_revision_group.revision_ordinal 
_pdbx_audit_revision_group.data_content_type 
_pdbx_audit_revision_group.group 
1 2 'Structure model' 'Version format compliance' 
2 3 'Structure model' 'Refinement description'    
3 4 'Structure model' 'Data collection'           
4 4 'Structure model' 'Database references'       
5 5 'Structure model' 'Data collection'           
6 5 'Structure model' 'Database references'       
7 5 'Structure model' 'Derived calculations'      
8 5 'Structure model' 'Refinement description'    
# 
loop_
_pdbx_audit_revision_category.ordinal 
_pdbx_audit_revision_category.revision_ordinal 
_pdbx_audit_revision_category.data_content_type 
_pdbx_audit_revision_category.category 
1 3 'Structure model' software                      
2 4 'Structure model' citation                      
3 4 'Structure model' citation_author               
4 5 'Structure model' chem_comp_atom                
5 5 'Structure model' chem_comp_bond                
6 5 'Structure model' database_2                    
7 5 'Structure model' pdbx_initial_refinement_model 
8 5 'Structure model' struct_site                   
# 
loop_
_pdbx_audit_revision_item.ordinal 
_pdbx_audit_revision_item.revision_ordinal 
_pdbx_audit_revision_item.data_content_type 
_pdbx_audit_revision_item.item 
1 3 'Structure model' '_software.name'                      
2 4 'Structure model' '_citation.pdbx_database_id_DOI'      
3 4 'Structure model' '_citation.title'                     
4 4 'Structure model' '_citation_author.name'               
5 5 'Structure model' '_database_2.pdbx_DOI'                
6 5 'Structure model' '_database_2.pdbx_database_accession' 
7 5 'Structure model' '_struct_site.pdbx_auth_asym_id'      
8 5 'Structure model' '_struct_site.pdbx_auth_comp_id'      
9 5 'Structure model' '_struct_site.pdbx_auth_seq_id'       
# 
loop_
_software.name 
_software.classification 
_software.version 
_software.citation_id 
_software.pdbx_ordinal 
MAR345 'data collection' .   ? 1 
X-PLOR 'model building'  .   ? 2 
X-PLOR refinement        3.1 ? 3 
MOSFLM 'data reduction'  .   ? 4 
SCALA  'data scaling'    .   ? 5 
X-PLOR phasing           .   ? 6 
# 
_pdbx_validate_rmsd_bond.id                        1 
_pdbx_validate_rmsd_bond.PDB_model_num             1 
_pdbx_validate_rmsd_bond.auth_atom_id_1            NE2 
_pdbx_validate_rmsd_bond.auth_asym_id_1            A 
_pdbx_validate_rmsd_bond.auth_comp_id_1            HIS 
_pdbx_validate_rmsd_bond.auth_seq_id_1             100 
_pdbx_validate_rmsd_bond.PDB_ins_code_1            ? 
_pdbx_validate_rmsd_bond.label_alt_id_1            ? 
_pdbx_validate_rmsd_bond.auth_atom_id_2            CD2 
_pdbx_validate_rmsd_bond.auth_asym_id_2            A 
_pdbx_validate_rmsd_bond.auth_comp_id_2            HIS 
_pdbx_validate_rmsd_bond.auth_seq_id_2             100 
_pdbx_validate_rmsd_bond.PDB_ins_code_2            ? 
_pdbx_validate_rmsd_bond.label_alt_id_2            ? 
_pdbx_validate_rmsd_bond.bond_value                1.303 
_pdbx_validate_rmsd_bond.bond_target_value         1.373 
_pdbx_validate_rmsd_bond.bond_deviation            -0.070 
_pdbx_validate_rmsd_bond.bond_standard_deviation   0.011 
_pdbx_validate_rmsd_bond.linker_flag               N 
# 
loop_
_pdbx_validate_rmsd_angle.id 
_pdbx_validate_rmsd_angle.PDB_model_num 
_pdbx_validate_rmsd_angle.auth_atom_id_1 
_pdbx_validate_rmsd_angle.auth_asym_id_1 
_pdbx_validate_rmsd_angle.auth_comp_id_1 
_pdbx_validate_rmsd_angle.auth_seq_id_1 
_pdbx_validate_rmsd_angle.PDB_ins_code_1 
_pdbx_validate_rmsd_angle.label_alt_id_1 
_pdbx_validate_rmsd_angle.auth_atom_id_2 
_pdbx_validate_rmsd_angle.auth_asym_id_2 
_pdbx_validate_rmsd_angle.auth_comp_id_2 
_pdbx_validate_rmsd_angle.auth_seq_id_2 
_pdbx_validate_rmsd_angle.PDB_ins_code_2 
_pdbx_validate_rmsd_angle.label_alt_id_2 
_pdbx_validate_rmsd_angle.auth_atom_id_3 
_pdbx_validate_rmsd_angle.auth_asym_id_3 
_pdbx_validate_rmsd_angle.auth_comp_id_3 
_pdbx_validate_rmsd_angle.auth_seq_id_3 
_pdbx_validate_rmsd_angle.PDB_ins_code_3 
_pdbx_validate_rmsd_angle.label_alt_id_3 
_pdbx_validate_rmsd_angle.angle_value 
_pdbx_validate_rmsd_angle.angle_target_value 
_pdbx_validate_rmsd_angle.angle_deviation 
_pdbx_validate_rmsd_angle.angle_standard_deviation 
_pdbx_validate_rmsd_angle.linker_flag 
1 1 CD1 A TRP 60 ? ? CG  A TRP 60 ? ? CD2 A TRP 60 ? ? 112.53 106.30 6.23  0.80 N 
2 1 CE2 A TRP 60 ? ? CD2 A TRP 60 ? ? CG  A TRP 60 ? ? 101.12 107.30 -6.18 0.80 N 
3 1 CG  A TRP 60 ? ? CD2 A TRP 60 ? ? CE3 A TRP 60 ? ? 139.41 133.90 5.51  0.90 N 
# 
_pdbx_validate_torsion.id              1 
_pdbx_validate_torsion.PDB_model_num   1 
_pdbx_validate_torsion.auth_comp_id    MET 
_pdbx_validate_torsion.auth_asym_id    A 
_pdbx_validate_torsion.auth_seq_id     62 
_pdbx_validate_torsion.PDB_ins_code    ? 
_pdbx_validate_torsion.label_alt_id    ? 
_pdbx_validate_torsion.phi             50.88 
_pdbx_validate_torsion.psi             -101.73 
# 
loop_
_pdbx_unobs_or_zero_occ_atoms.id 
_pdbx_unobs_or_zero_occ_atoms.PDB_model_num 
_pdbx_unobs_or_zero_occ_atoms.polymer_flag 
_pdbx_unobs_or_zero_occ_atoms.occupancy_flag 
_pdbx_unobs_or_zero_occ_atoms.auth_asym_id 
_pdbx_unobs_or_zero_occ_atoms.auth_comp_id 
_pdbx_unobs_or_zero_occ_atoms.auth_seq_id 
_pdbx_unobs_or_zero_occ_atoms.PDB_ins_code 
_pdbx_unobs_or_zero_occ_atoms.auth_atom_id 
_pdbx_unobs_or_zero_occ_atoms.label_alt_id 
_pdbx_unobs_or_zero_occ_atoms.label_asym_id 
_pdbx_unobs_or_zero_occ_atoms.label_comp_id 
_pdbx_unobs_or_zero_occ_atoms.label_seq_id 
_pdbx_unobs_or_zero_occ_atoms.label_atom_id 
1  1 Y 1 A SER 2   ? OG  ? A SER 1   OG  
2  1 Y 1 A ASP 44  ? CG  ? A ASP 43  CG  
3  1 Y 1 A ASP 44  ? OD1 ? A ASP 43  OD1 
4  1 Y 1 A ASP 44  ? OD2 ? A ASP 43  OD2 
5  1 Y 1 A GLU 63  ? CG  ? A GLU 62  CG  
6  1 Y 1 A GLU 63  ? CD  ? A GLU 62  CD  
7  1 Y 1 A GLU 63  ? OE1 ? A GLU 62  OE1 
8  1 Y 1 A GLU 63  ? OE2 ? A GLU 62  OE2 
9  1 Y 1 A GLU 122 ? CG  ? A GLU 121 CG  
10 1 Y 1 A GLU 122 ? CD  ? A GLU 121 CD  
11 1 Y 1 A GLU 122 ? OE1 ? A GLU 121 OE1 
12 1 Y 1 A GLU 122 ? OE2 ? A GLU 121 OE2 
# 
loop_
_chem_comp_atom.comp_id 
_chem_comp_atom.atom_id 
_chem_comp_atom.type_symbol 
_chem_comp_atom.pdbx_aromatic_flag 
_chem_comp_atom.pdbx_stereo_config 
_chem_comp_atom.pdbx_ordinal 
ALA N      N N N 1   
ALA CA     C N S 2   
ALA C      C N N 3   
ALA O      O N N 4   
ALA CB     C N N 5   
ALA OXT    O N N 6   
ALA H      H N N 7   
ALA H2     H N N 8   
ALA HA     H N N 9   
ALA HB1    H N N 10  
ALA HB2    H N N 11  
ALA HB3    H N N 12  
ALA HXT    H N N 13  
ARG N      N N N 14  
ARG CA     C N S 15  
ARG C      C N N 16  
ARG O      O N N 17  
ARG CB     C N N 18  
ARG CG     C N N 19  
ARG CD     C N N 20  
ARG NE     N N N 21  
ARG CZ     C N N 22  
ARG NH1    N N N 23  
ARG NH2    N N N 24  
ARG OXT    O N N 25  
ARG H      H N N 26  
ARG H2     H N N 27  
ARG HA     H N N 28  
ARG HB2    H N N 29  
ARG HB3    H N N 30  
ARG HG2    H N N 31  
ARG HG3    H N N 32  
ARG HD2    H N N 33  
ARG HD3    H N N 34  
ARG HE     H N N 35  
ARG HH11   H N N 36  
ARG HH12   H N N 37  
ARG HH21   H N N 38  
ARG HH22   H N N 39  
ARG HXT    H N N 40  
ASN N      N N N 41  
ASN CA     C N S 42  
ASN C      C N N 43  
ASN O      O N N 44  
ASN CB     C N N 45  
ASN CG     C N N 46  
ASN OD1    O N N 47  
ASN ND2    N N N 48  
ASN OXT    O N N 49  
ASN H      H N N 50  
ASN H2     H N N 51  
ASN HA     H N N 52  
ASN HB2    H N N 53  
ASN HB3    H N N 54  
ASN HD21   H N N 55  
ASN HD22   H N N 56  
ASN HXT    H N N 57  
ASP N      N N N 58  
ASP CA     C N S 59  
ASP C      C N N 60  
ASP O      O N N 61  
ASP CB     C N N 62  
ASP CG     C N N 63  
ASP OD1    O N N 64  
ASP OD2    O N N 65  
ASP OXT    O N N 66  
ASP H      H N N 67  
ASP H2     H N N 68  
ASP HA     H N N 69  
ASP HB2    H N N 70  
ASP HB3    H N N 71  
ASP HD2    H N N 72  
ASP HXT    H N N 73  
CYS N      N N N 74  
CYS CA     C N R 75  
CYS C      C N N 76  
CYS O      O N N 77  
CYS CB     C N N 78  
CYS SG     S N N 79  
CYS OXT    O N N 80  
CYS H      H N N 81  
CYS H2     H N N 82  
CYS HA     H N N 83  
CYS HB2    H N N 84  
CYS HB3    H N N 85  
CYS HG     H N N 86  
CYS HXT    H N N 87  
FMN N1     N N N 88  
FMN C2     C N N 89  
FMN O2     O N N 90  
FMN N3     N N N 91  
FMN C4     C N N 92  
FMN O4     O N N 93  
FMN C4A    C N N 94  
FMN N5     N N N 95  
FMN C5A    C Y N 96  
FMN C6     C Y N 97  
FMN C7     C Y N 98  
FMN C7M    C N N 99  
FMN C8     C Y N 100 
FMN C8M    C N N 101 
FMN C9     C Y N 102 
FMN C9A    C Y N 103 
FMN N10    N N N 104 
FMN C10    C N N 105 
FMN "C1'"  C N N 106 
FMN "C2'"  C N S 107 
FMN "O2'"  O N N 108 
FMN "C3'"  C N S 109 
FMN "O3'"  O N N 110 
FMN "C4'"  C N R 111 
FMN "O4'"  O N N 112 
FMN "C5'"  C N N 113 
FMN "O5'"  O N N 114 
FMN P      P N N 115 
FMN O1P    O N N 116 
FMN O2P    O N N 117 
FMN O3P    O N N 118 
FMN HN3    H N N 119 
FMN H6     H N N 120 
FMN HM71   H N N 121 
FMN HM72   H N N 122 
FMN HM73   H N N 123 
FMN HM81   H N N 124 
FMN HM82   H N N 125 
FMN HM83   H N N 126 
FMN H9     H N N 127 
FMN "H1'1" H N N 128 
FMN "H1'2" H N N 129 
FMN "H2'"  H N N 130 
FMN "HO2'" H N N 131 
FMN "H3'"  H N N 132 
FMN "HO3'" H N N 133 
FMN "H4'"  H N N 134 
FMN "HO4'" H N N 135 
FMN "H5'1" H N N 136 
FMN "H5'2" H N N 137 
FMN HOP2   H N N 138 
FMN HOP3   H N N 139 
GLN N      N N N 140 
GLN CA     C N S 141 
GLN C      C N N 142 
GLN O      O N N 143 
GLN CB     C N N 144 
GLN CG     C N N 145 
GLN CD     C N N 146 
GLN OE1    O N N 147 
GLN NE2    N N N 148 
GLN OXT    O N N 149 
GLN H      H N N 150 
GLN H2     H N N 151 
GLN HA     H N N 152 
GLN HB2    H N N 153 
GLN HB3    H N N 154 
GLN HG2    H N N 155 
GLN HG3    H N N 156 
GLN HE21   H N N 157 
GLN HE22   H N N 158 
GLN HXT    H N N 159 
GLU N      N N N 160 
GLU CA     C N S 161 
GLU C      C N N 162 
GLU O      O N N 163 
GLU CB     C N N 164 
GLU CG     C N N 165 
GLU CD     C N N 166 
GLU OE1    O N N 167 
GLU OE2    O N N 168 
GLU OXT    O N N 169 
GLU H      H N N 170 
GLU H2     H N N 171 
GLU HA     H N N 172 
GLU HB2    H N N 173 
GLU HB3    H N N 174 
GLU HG2    H N N 175 
GLU HG3    H N N 176 
GLU HE2    H N N 177 
GLU HXT    H N N 178 
GLY N      N N N 179 
GLY CA     C N N 180 
GLY C      C N N 181 
GLY O      O N N 182 
GLY OXT    O N N 183 
GLY H      H N N 184 
GLY H2     H N N 185 
GLY HA2    H N N 186 
GLY HA3    H N N 187 
GLY HXT    H N N 188 
HIS N      N N N 189 
HIS CA     C N S 190 
HIS C      C N N 191 
HIS O      O N N 192 
HIS CB     C N N 193 
HIS CG     C Y N 194 
HIS ND1    N Y N 195 
HIS CD2    C Y N 196 
HIS CE1    C Y N 197 
HIS NE2    N Y N 198 
HIS OXT    O N N 199 
HIS H      H N N 200 
HIS H2     H N N 201 
HIS HA     H N N 202 
HIS HB2    H N N 203 
HIS HB3    H N N 204 
HIS HD1    H N N 205 
HIS HD2    H N N 206 
HIS HE1    H N N 207 
HIS HE2    H N N 208 
HIS HXT    H N N 209 
HOH O      O N N 210 
HOH H1     H N N 211 
HOH H2     H N N 212 
ILE N      N N N 213 
ILE CA     C N S 214 
ILE C      C N N 215 
ILE O      O N N 216 
ILE CB     C N S 217 
ILE CG1    C N N 218 
ILE CG2    C N N 219 
ILE CD1    C N N 220 
ILE OXT    O N N 221 
ILE H      H N N 222 
ILE H2     H N N 223 
ILE HA     H N N 224 
ILE HB     H N N 225 
ILE HG12   H N N 226 
ILE HG13   H N N 227 
ILE HG21   H N N 228 
ILE HG22   H N N 229 
ILE HG23   H N N 230 
ILE HD11   H N N 231 
ILE HD12   H N N 232 
ILE HD13   H N N 233 
ILE HXT    H N N 234 
LEU N      N N N 235 
LEU CA     C N S 236 
LEU C      C N N 237 
LEU O      O N N 238 
LEU CB     C N N 239 
LEU CG     C N N 240 
LEU CD1    C N N 241 
LEU CD2    C N N 242 
LEU OXT    O N N 243 
LEU H      H N N 244 
LEU H2     H N N 245 
LEU HA     H N N 246 
LEU HB2    H N N 247 
LEU HB3    H N N 248 
LEU HG     H N N 249 
LEU HD11   H N N 250 
LEU HD12   H N N 251 
LEU HD13   H N N 252 
LEU HD21   H N N 253 
LEU HD22   H N N 254 
LEU HD23   H N N 255 
LEU HXT    H N N 256 
LYS N      N N N 257 
LYS CA     C N S 258 
LYS C      C N N 259 
LYS O      O N N 260 
LYS CB     C N N 261 
LYS CG     C N N 262 
LYS CD     C N N 263 
LYS CE     C N N 264 
LYS NZ     N N N 265 
LYS OXT    O N N 266 
LYS H      H N N 267 
LYS H2     H N N 268 
LYS HA     H N N 269 
LYS HB2    H N N 270 
LYS HB3    H N N 271 
LYS HG2    H N N 272 
LYS HG3    H N N 273 
LYS HD2    H N N 274 
LYS HD3    H N N 275 
LYS HE2    H N N 276 
LYS HE3    H N N 277 
LYS HZ1    H N N 278 
LYS HZ2    H N N 279 
LYS HZ3    H N N 280 
LYS HXT    H N N 281 
MET N      N N N 282 
MET CA     C N S 283 
MET C      C N N 284 
MET O      O N N 285 
MET CB     C N N 286 
MET CG     C N N 287 
MET SD     S N N 288 
MET CE     C N N 289 
MET OXT    O N N 290 
MET H      H N N 291 
MET H2     H N N 292 
MET HA     H N N 293 
MET HB2    H N N 294 
MET HB3    H N N 295 
MET HG2    H N N 296 
MET HG3    H N N 297 
MET HE1    H N N 298 
MET HE2    H N N 299 
MET HE3    H N N 300 
MET HXT    H N N 301 
PHE N      N N N 302 
PHE CA     C N S 303 
PHE C      C N N 304 
PHE O      O N N 305 
PHE CB     C N N 306 
PHE CG     C Y N 307 
PHE CD1    C Y N 308 
PHE CD2    C Y N 309 
PHE CE1    C Y N 310 
PHE CE2    C Y N 311 
PHE CZ     C Y N 312 
PHE OXT    O N N 313 
PHE H      H N N 314 
PHE H2     H N N 315 
PHE HA     H N N 316 
PHE HB2    H N N 317 
PHE HB3    H N N 318 
PHE HD1    H N N 319 
PHE HD2    H N N 320 
PHE HE1    H N N 321 
PHE HE2    H N N 322 
PHE HZ     H N N 323 
PHE HXT    H N N 324 
PRO N      N N N 325 
PRO CA     C N S 326 
PRO C      C N N 327 
PRO O      O N N 328 
PRO CB     C N N 329 
PRO CG     C N N 330 
PRO CD     C N N 331 
PRO OXT    O N N 332 
PRO H      H N N 333 
PRO HA     H N N 334 
PRO HB2    H N N 335 
PRO HB3    H N N 336 
PRO HG2    H N N 337 
PRO HG3    H N N 338 
PRO HD2    H N N 339 
PRO HD3    H N N 340 
PRO HXT    H N N 341 
SER N      N N N 342 
SER CA     C N S 343 
SER C      C N N 344 
SER O      O N N 345 
SER CB     C N N 346 
SER OG     O N N 347 
SER OXT    O N N 348 
SER H      H N N 349 
SER H2     H N N 350 
SER HA     H N N 351 
SER HB2    H N N 352 
SER HB3    H N N 353 
SER HG     H N N 354 
SER HXT    H N N 355 
THR N      N N N 356 
THR CA     C N S 357 
THR C      C N N 358 
THR O      O N N 359 
THR CB     C N R 360 
THR OG1    O N N 361 
THR CG2    C N N 362 
THR OXT    O N N 363 
THR H      H N N 364 
THR H2     H N N 365 
THR HA     H N N 366 
THR HB     H N N 367 
THR HG1    H N N 368 
THR HG21   H N N 369 
THR HG22   H N N 370 
THR HG23   H N N 371 
THR HXT    H N N 372 
TRP N      N N N 373 
TRP CA     C N S 374 
TRP C      C N N 375 
TRP O      O N N 376 
TRP CB     C N N 377 
TRP CG     C Y N 378 
TRP CD1    C Y N 379 
TRP CD2    C Y N 380 
TRP NE1    N Y N 381 
TRP CE2    C Y N 382 
TRP CE3    C Y N 383 
TRP CZ2    C Y N 384 
TRP CZ3    C Y N 385 
TRP CH2    C Y N 386 
TRP OXT    O N N 387 
TRP H      H N N 388 
TRP H2     H N N 389 
TRP HA     H N N 390 
TRP HB2    H N N 391 
TRP HB3    H N N 392 
TRP HD1    H N N 393 
TRP HE1    H N N 394 
TRP HE3    H N N 395 
TRP HZ2    H N N 396 
TRP HZ3    H N N 397 
TRP HH2    H N N 398 
TRP HXT    H N N 399 
TYR N      N N N 400 
TYR CA     C N S 401 
TYR C      C N N 402 
TYR O      O N N 403 
TYR CB     C N N 404 
TYR CG     C Y N 405 
TYR CD1    C Y N 406 
TYR CD2    C Y N 407 
TYR CE1    C Y N 408 
TYR CE2    C Y N 409 
TYR CZ     C Y N 410 
TYR OH     O N N 411 
TYR OXT    O N N 412 
TYR H      H N N 413 
TYR H2     H N N 414 
TYR HA     H N N 415 
TYR HB2    H N N 416 
TYR HB3    H N N 417 
TYR HD1    H N N 418 
TYR HD2    H N N 419 
TYR HE1    H N N 420 
TYR HE2    H N N 421 
TYR HH     H N N 422 
TYR HXT    H N N 423 
VAL N      N N N 424 
VAL CA     C N S 425 
VAL C      C N N 426 
VAL O      O N N 427 
VAL CB     C N N 428 
VAL CG1    C N N 429 
VAL CG2    C N N 430 
VAL OXT    O N N 431 
VAL H      H N N 432 
VAL H2     H N N 433 
VAL HA     H N N 434 
VAL HB     H N N 435 
VAL HG11   H N N 436 
VAL HG12   H N N 437 
VAL HG13   H N N 438 
VAL HG21   H N N 439 
VAL HG22   H N N 440 
VAL HG23   H N N 441 
VAL HXT    H N N 442 
# 
loop_
_chem_comp_bond.comp_id 
_chem_comp_bond.atom_id_1 
_chem_comp_bond.atom_id_2 
_chem_comp_bond.value_order 
_chem_comp_bond.pdbx_aromatic_flag 
_chem_comp_bond.pdbx_stereo_config 
_chem_comp_bond.pdbx_ordinal 
ALA N     CA     sing N N 1   
ALA N     H      sing N N 2   
ALA N     H2     sing N N 3   
ALA CA    C      sing N N 4   
ALA CA    CB     sing N N 5   
ALA CA    HA     sing N N 6   
ALA C     O      doub N N 7   
ALA C     OXT    sing N N 8   
ALA CB    HB1    sing N N 9   
ALA CB    HB2    sing N N 10  
ALA CB    HB3    sing N N 11  
ALA OXT   HXT    sing N N 12  
ARG N     CA     sing N N 13  
ARG N     H      sing N N 14  
ARG N     H2     sing N N 15  
ARG CA    C      sing N N 16  
ARG CA    CB     sing N N 17  
ARG CA    HA     sing N N 18  
ARG C     O      doub N N 19  
ARG C     OXT    sing N N 20  
ARG CB    CG     sing N N 21  
ARG CB    HB2    sing N N 22  
ARG CB    HB3    sing N N 23  
ARG CG    CD     sing N N 24  
ARG CG    HG2    sing N N 25  
ARG CG    HG3    sing N N 26  
ARG CD    NE     sing N N 27  
ARG CD    HD2    sing N N 28  
ARG CD    HD3    sing N N 29  
ARG NE    CZ     sing N N 30  
ARG NE    HE     sing N N 31  
ARG CZ    NH1    sing N N 32  
ARG CZ    NH2    doub N N 33  
ARG NH1   HH11   sing N N 34  
ARG NH1   HH12   sing N N 35  
ARG NH2   HH21   sing N N 36  
ARG NH2   HH22   sing N N 37  
ARG OXT   HXT    sing N N 38  
ASN N     CA     sing N N 39  
ASN N     H      sing N N 40  
ASN N     H2     sing N N 41  
ASN CA    C      sing N N 42  
ASN CA    CB     sing N N 43  
ASN CA    HA     sing N N 44  
ASN C     O      doub N N 45  
ASN C     OXT    sing N N 46  
ASN CB    CG     sing N N 47  
ASN CB    HB2    sing N N 48  
ASN CB    HB3    sing N N 49  
ASN CG    OD1    doub N N 50  
ASN CG    ND2    sing N N 51  
ASN ND2   HD21   sing N N 52  
ASN ND2   HD22   sing N N 53  
ASN OXT   HXT    sing N N 54  
ASP N     CA     sing N N 55  
ASP N     H      sing N N 56  
ASP N     H2     sing N N 57  
ASP CA    C      sing N N 58  
ASP CA    CB     sing N N 59  
ASP CA    HA     sing N N 60  
ASP C     O      doub N N 61  
ASP C     OXT    sing N N 62  
ASP CB    CG     sing N N 63  
ASP CB    HB2    sing N N 64  
ASP CB    HB3    sing N N 65  
ASP CG    OD1    doub N N 66  
ASP CG    OD2    sing N N 67  
ASP OD2   HD2    sing N N 68  
ASP OXT   HXT    sing N N 69  
CYS N     CA     sing N N 70  
CYS N     H      sing N N 71  
CYS N     H2     sing N N 72  
CYS CA    C      sing N N 73  
CYS CA    CB     sing N N 74  
CYS CA    HA     sing N N 75  
CYS C     O      doub N N 76  
CYS C     OXT    sing N N 77  
CYS CB    SG     sing N N 78  
CYS CB    HB2    sing N N 79  
CYS CB    HB3    sing N N 80  
CYS SG    HG     sing N N 81  
CYS OXT   HXT    sing N N 82  
FMN N1    C2     sing N N 83  
FMN N1    C10    doub N N 84  
FMN C2    O2     doub N N 85  
FMN C2    N3     sing N N 86  
FMN N3    C4     sing N N 87  
FMN N3    HN3    sing N N 88  
FMN C4    O4     doub N N 89  
FMN C4    C4A    sing N N 90  
FMN C4A   N5     doub N N 91  
FMN C4A   C10    sing N N 92  
FMN N5    C5A    sing N N 93  
FMN C5A   C6     doub Y N 94  
FMN C5A   C9A    sing Y N 95  
FMN C6    C7     sing Y N 96  
FMN C6    H6     sing N N 97  
FMN C7    C7M    sing N N 98  
FMN C7    C8     doub Y N 99  
FMN C7M   HM71   sing N N 100 
FMN C7M   HM72   sing N N 101 
FMN C7M   HM73   sing N N 102 
FMN C8    C8M    sing N N 103 
FMN C8    C9     sing Y N 104 
FMN C8M   HM81   sing N N 105 
FMN C8M   HM82   sing N N 106 
FMN C8M   HM83   sing N N 107 
FMN C9    C9A    doub Y N 108 
FMN C9    H9     sing N N 109 
FMN C9A   N10    sing N N 110 
FMN N10   C10    sing N N 111 
FMN N10   "C1'"  sing N N 112 
FMN "C1'" "C2'"  sing N N 113 
FMN "C1'" "H1'1" sing N N 114 
FMN "C1'" "H1'2" sing N N 115 
FMN "C2'" "O2'"  sing N N 116 
FMN "C2'" "C3'"  sing N N 117 
FMN "C2'" "H2'"  sing N N 118 
FMN "O2'" "HO2'" sing N N 119 
FMN "C3'" "O3'"  sing N N 120 
FMN "C3'" "C4'"  sing N N 121 
FMN "C3'" "H3'"  sing N N 122 
FMN "O3'" "HO3'" sing N N 123 
FMN "C4'" "O4'"  sing N N 124 
FMN "C4'" "C5'"  sing N N 125 
FMN "C4'" "H4'"  sing N N 126 
FMN "O4'" "HO4'" sing N N 127 
FMN "C5'" "O5'"  sing N N 128 
FMN "C5'" "H5'1" sing N N 129 
FMN "C5'" "H5'2" sing N N 130 
FMN "O5'" P      sing N N 131 
FMN P     O1P    doub N N 132 
FMN P     O2P    sing N N 133 
FMN P     O3P    sing N N 134 
FMN O2P   HOP2   sing N N 135 
FMN O3P   HOP3   sing N N 136 
GLN N     CA     sing N N 137 
GLN N     H      sing N N 138 
GLN N     H2     sing N N 139 
GLN CA    C      sing N N 140 
GLN CA    CB     sing N N 141 
GLN CA    HA     sing N N 142 
GLN C     O      doub N N 143 
GLN C     OXT    sing N N 144 
GLN CB    CG     sing N N 145 
GLN CB    HB2    sing N N 146 
GLN CB    HB3    sing N N 147 
GLN CG    CD     sing N N 148 
GLN CG    HG2    sing N N 149 
GLN CG    HG3    sing N N 150 
GLN CD    OE1    doub N N 151 
GLN CD    NE2    sing N N 152 
GLN NE2   HE21   sing N N 153 
GLN NE2   HE22   sing N N 154 
GLN OXT   HXT    sing N N 155 
GLU N     CA     sing N N 156 
GLU N     H      sing N N 157 
GLU N     H2     sing N N 158 
GLU CA    C      sing N N 159 
GLU CA    CB     sing N N 160 
GLU CA    HA     sing N N 161 
GLU C     O      doub N N 162 
GLU C     OXT    sing N N 163 
GLU CB    CG     sing N N 164 
GLU CB    HB2    sing N N 165 
GLU CB    HB3    sing N N 166 
GLU CG    CD     sing N N 167 
GLU CG    HG2    sing N N 168 
GLU CG    HG3    sing N N 169 
GLU CD    OE1    doub N N 170 
GLU CD    OE2    sing N N 171 
GLU OE2   HE2    sing N N 172 
GLU OXT   HXT    sing N N 173 
GLY N     CA     sing N N 174 
GLY N     H      sing N N 175 
GLY N     H2     sing N N 176 
GLY CA    C      sing N N 177 
GLY CA    HA2    sing N N 178 
GLY CA    HA3    sing N N 179 
GLY C     O      doub N N 180 
GLY C     OXT    sing N N 181 
GLY OXT   HXT    sing N N 182 
HIS N     CA     sing N N 183 
HIS N     H      sing N N 184 
HIS N     H2     sing N N 185 
HIS CA    C      sing N N 186 
HIS CA    CB     sing N N 187 
HIS CA    HA     sing N N 188 
HIS C     O      doub N N 189 
HIS C     OXT    sing N N 190 
HIS CB    CG     sing N N 191 
HIS CB    HB2    sing N N 192 
HIS CB    HB3    sing N N 193 
HIS CG    ND1    sing Y N 194 
HIS CG    CD2    doub Y N 195 
HIS ND1   CE1    doub Y N 196 
HIS ND1   HD1    sing N N 197 
HIS CD2   NE2    sing Y N 198 
HIS CD2   HD2    sing N N 199 
HIS CE1   NE2    sing Y N 200 
HIS CE1   HE1    sing N N 201 
HIS NE2   HE2    sing N N 202 
HIS OXT   HXT    sing N N 203 
HOH O     H1     sing N N 204 
HOH O     H2     sing N N 205 
ILE N     CA     sing N N 206 
ILE N     H      sing N N 207 
ILE N     H2     sing N N 208 
ILE CA    C      sing N N 209 
ILE CA    CB     sing N N 210 
ILE CA    HA     sing N N 211 
ILE C     O      doub N N 212 
ILE C     OXT    sing N N 213 
ILE CB    CG1    sing N N 214 
ILE CB    CG2    sing N N 215 
ILE CB    HB     sing N N 216 
ILE CG1   CD1    sing N N 217 
ILE CG1   HG12   sing N N 218 
ILE CG1   HG13   sing N N 219 
ILE CG2   HG21   sing N N 220 
ILE CG2   HG22   sing N N 221 
ILE CG2   HG23   sing N N 222 
ILE CD1   HD11   sing N N 223 
ILE CD1   HD12   sing N N 224 
ILE CD1   HD13   sing N N 225 
ILE OXT   HXT    sing N N 226 
LEU N     CA     sing N N 227 
LEU N     H      sing N N 228 
LEU N     H2     sing N N 229 
LEU CA    C      sing N N 230 
LEU CA    CB     sing N N 231 
LEU CA    HA     sing N N 232 
LEU C     O      doub N N 233 
LEU C     OXT    sing N N 234 
LEU CB    CG     sing N N 235 
LEU CB    HB2    sing N N 236 
LEU CB    HB3    sing N N 237 
LEU CG    CD1    sing N N 238 
LEU CG    CD2    sing N N 239 
LEU CG    HG     sing N N 240 
LEU CD1   HD11   sing N N 241 
LEU CD1   HD12   sing N N 242 
LEU CD1   HD13   sing N N 243 
LEU CD2   HD21   sing N N 244 
LEU CD2   HD22   sing N N 245 
LEU CD2   HD23   sing N N 246 
LEU OXT   HXT    sing N N 247 
LYS N     CA     sing N N 248 
LYS N     H      sing N N 249 
LYS N     H2     sing N N 250 
LYS CA    C      sing N N 251 
LYS CA    CB     sing N N 252 
LYS CA    HA     sing N N 253 
LYS C     O      doub N N 254 
LYS C     OXT    sing N N 255 
LYS CB    CG     sing N N 256 
LYS CB    HB2    sing N N 257 
LYS CB    HB3    sing N N 258 
LYS CG    CD     sing N N 259 
LYS CG    HG2    sing N N 260 
LYS CG    HG3    sing N N 261 
LYS CD    CE     sing N N 262 
LYS CD    HD2    sing N N 263 
LYS CD    HD3    sing N N 264 
LYS CE    NZ     sing N N 265 
LYS CE    HE2    sing N N 266 
LYS CE    HE3    sing N N 267 
LYS NZ    HZ1    sing N N 268 
LYS NZ    HZ2    sing N N 269 
LYS NZ    HZ3    sing N N 270 
LYS OXT   HXT    sing N N 271 
MET N     CA     sing N N 272 
MET N     H      sing N N 273 
MET N     H2     sing N N 274 
MET CA    C      sing N N 275 
MET CA    CB     sing N N 276 
MET CA    HA     sing N N 277 
MET C     O      doub N N 278 
MET C     OXT    sing N N 279 
MET CB    CG     sing N N 280 
MET CB    HB2    sing N N 281 
MET CB    HB3    sing N N 282 
MET CG    SD     sing N N 283 
MET CG    HG2    sing N N 284 
MET CG    HG3    sing N N 285 
MET SD    CE     sing N N 286 
MET CE    HE1    sing N N 287 
MET CE    HE2    sing N N 288 
MET CE    HE3    sing N N 289 
MET OXT   HXT    sing N N 290 
PHE N     CA     sing N N 291 
PHE N     H      sing N N 292 
PHE N     H2     sing N N 293 
PHE CA    C      sing N N 294 
PHE CA    CB     sing N N 295 
PHE CA    HA     sing N N 296 
PHE C     O      doub N N 297 
PHE C     OXT    sing N N 298 
PHE CB    CG     sing N N 299 
PHE CB    HB2    sing N N 300 
PHE CB    HB3    sing N N 301 
PHE CG    CD1    doub Y N 302 
PHE CG    CD2    sing Y N 303 
PHE CD1   CE1    sing Y N 304 
PHE CD1   HD1    sing N N 305 
PHE CD2   CE2    doub Y N 306 
PHE CD2   HD2    sing N N 307 
PHE CE1   CZ     doub Y N 308 
PHE CE1   HE1    sing N N 309 
PHE CE2   CZ     sing Y N 310 
PHE CE2   HE2    sing N N 311 
PHE CZ    HZ     sing N N 312 
PHE OXT   HXT    sing N N 313 
PRO N     CA     sing N N 314 
PRO N     CD     sing N N 315 
PRO N     H      sing N N 316 
PRO CA    C      sing N N 317 
PRO CA    CB     sing N N 318 
PRO CA    HA     sing N N 319 
PRO C     O      doub N N 320 
PRO C     OXT    sing N N 321 
PRO CB    CG     sing N N 322 
PRO CB    HB2    sing N N 323 
PRO CB    HB3    sing N N 324 
PRO CG    CD     sing N N 325 
PRO CG    HG2    sing N N 326 
PRO CG    HG3    sing N N 327 
PRO CD    HD2    sing N N 328 
PRO CD    HD3    sing N N 329 
PRO OXT   HXT    sing N N 330 
SER N     CA     sing N N 331 
SER N     H      sing N N 332 
SER N     H2     sing N N 333 
SER CA    C      sing N N 334 
SER CA    CB     sing N N 335 
SER CA    HA     sing N N 336 
SER C     O      doub N N 337 
SER C     OXT    sing N N 338 
SER CB    OG     sing N N 339 
SER CB    HB2    sing N N 340 
SER CB    HB3    sing N N 341 
SER OG    HG     sing N N 342 
SER OXT   HXT    sing N N 343 
THR N     CA     sing N N 344 
THR N     H      sing N N 345 
THR N     H2     sing N N 346 
THR CA    C      sing N N 347 
THR CA    CB     sing N N 348 
THR CA    HA     sing N N 349 
THR C     O      doub N N 350 
THR C     OXT    sing N N 351 
THR CB    OG1    sing N N 352 
THR CB    CG2    sing N N 353 
THR CB    HB     sing N N 354 
THR OG1   HG1    sing N N 355 
THR CG2   HG21   sing N N 356 
THR CG2   HG22   sing N N 357 
THR CG2   HG23   sing N N 358 
THR OXT   HXT    sing N N 359 
TRP N     CA     sing N N 360 
TRP N     H      sing N N 361 
TRP N     H2     sing N N 362 
TRP CA    C      sing N N 363 
TRP CA    CB     sing N N 364 
TRP CA    HA     sing N N 365 
TRP C     O      doub N N 366 
TRP C     OXT    sing N N 367 
TRP CB    CG     sing N N 368 
TRP CB    HB2    sing N N 369 
TRP CB    HB3    sing N N 370 
TRP CG    CD1    doub Y N 371 
TRP CG    CD2    sing Y N 372 
TRP CD1   NE1    sing Y N 373 
TRP CD1   HD1    sing N N 374 
TRP CD2   CE2    doub Y N 375 
TRP CD2   CE3    sing Y N 376 
TRP NE1   CE2    sing Y N 377 
TRP NE1   HE1    sing N N 378 
TRP CE2   CZ2    sing Y N 379 
TRP CE3   CZ3    doub Y N 380 
TRP CE3   HE3    sing N N 381 
TRP CZ2   CH2    doub Y N 382 
TRP CZ2   HZ2    sing N N 383 
TRP CZ3   CH2    sing Y N 384 
TRP CZ3   HZ3    sing N N 385 
TRP CH2   HH2    sing N N 386 
TRP OXT   HXT    sing N N 387 
TYR N     CA     sing N N 388 
TYR N     H      sing N N 389 
TYR N     H2     sing N N 390 
TYR CA    C      sing N N 391 
TYR CA    CB     sing N N 392 
TYR CA    HA     sing N N 393 
TYR C     O      doub N N 394 
TYR C     OXT    sing N N 395 
TYR CB    CG     sing N N 396 
TYR CB    HB2    sing N N 397 
TYR CB    HB3    sing N N 398 
TYR CG    CD1    doub Y N 399 
TYR CG    CD2    sing Y N 400 
TYR CD1   CE1    sing Y N 401 
TYR CD1   HD1    sing N N 402 
TYR CD2   CE2    doub Y N 403 
TYR CD2   HD2    sing N N 404 
TYR CE1   CZ     doub Y N 405 
TYR CE1   HE1    sing N N 406 
TYR CE2   CZ     sing Y N 407 
TYR CE2   HE2    sing N N 408 
TYR CZ    OH     sing N N 409 
TYR OH    HH     sing N N 410 
TYR OXT   HXT    sing N N 411 
VAL N     CA     sing N N 412 
VAL N     H      sing N N 413 
VAL N     H2     sing N N 414 
VAL CA    C      sing N N 415 
VAL CA    CB     sing N N 416 
VAL CA    HA     sing N N 417 
VAL C     O      doub N N 418 
VAL C     OXT    sing N N 419 
VAL CB    CG1    sing N N 420 
VAL CB    CG2    sing N N 421 
VAL CB    HB     sing N N 422 
VAL CG1   HG11   sing N N 423 
VAL CG1   HG12   sing N N 424 
VAL CG1   HG13   sing N N 425 
VAL CG2   HG21   sing N N 426 
VAL CG2   HG22   sing N N 427 
VAL CG2   HG23   sing N N 428 
VAL OXT   HXT    sing N N 429 
# 
loop_
_pdbx_entity_nonpoly.entity_id 
_pdbx_entity_nonpoly.name 
_pdbx_entity_nonpoly.comp_id 
2 'FLAVIN MONONUCLEOTIDE' FMN 
3 water                   HOH 
# 
_pdbx_initial_refinement_model.id               1 
_pdbx_initial_refinement_model.entity_id_list   ? 
_pdbx_initial_refinement_model.type             'experimental model' 
_pdbx_initial_refinement_model.source_name      PDB 
_pdbx_initial_refinement_model.accession_code   1FX1 
_pdbx_initial_refinement_model.details          'PDB ENTRY 1FX1' 
# 
